data_1WEQ
#
_entry.id   1WEQ
#
loop_
_entity.id
_entity.type
_entity.pdbx_description
1 polymer 'PHD finger protein 7'
2 non-polymer 'ZINC ION'
#
_entity_poly.entity_id   1
_entity_poly.type   'polypeptide(L)'
_entity_poly.pdbx_seq_one_letter_code
;GSSGSSGELEPGAFSELYQRYRHCDAPICLYEQGRDSFEDEGRWRLILCATCGSHGTHRDCSSLRPNSKKWECNECLPAS
GPSSG
;
_entity_poly.pdbx_strand_id   A
#
# COMPACT_ATOMS: atom_id res chain seq x y z
N GLY A 1 -28.36 -25.12 -20.66
CA GLY A 1 -28.01 -23.72 -20.54
C GLY A 1 -28.61 -23.08 -19.30
N SER A 2 -27.93 -22.05 -18.78
CA SER A 2 -28.39 -21.36 -17.59
C SER A 2 -27.80 -19.96 -17.52
N SER A 3 -28.39 -19.12 -16.67
CA SER A 3 -27.93 -17.75 -16.50
C SER A 3 -28.21 -17.24 -15.10
N GLY A 4 -27.37 -16.32 -14.63
CA GLY A 4 -27.55 -15.78 -13.29
C GLY A 4 -26.23 -15.60 -12.56
N SER A 5 -25.82 -14.35 -12.35
CA SER A 5 -24.58 -14.06 -11.66
C SER A 5 -24.82 -13.22 -10.42
N SER A 6 -23.91 -13.30 -9.46
CA SER A 6 -24.04 -12.54 -8.22
C SER A 6 -22.74 -11.83 -7.87
N GLY A 7 -22.70 -10.53 -8.09
CA GLY A 7 -21.51 -9.75 -7.80
C GLY A 7 -21.75 -8.26 -7.89
N GLU A 8 -21.69 -7.58 -6.75
CA GLU A 8 -21.90 -6.14 -6.71
C GLU A 8 -20.74 -5.43 -6.03
N LEU A 9 -20.69 -4.11 -6.16
CA LEU A 9 -19.62 -3.32 -5.56
C LEU A 9 -20.17 -2.01 -5.01
N GLU A 10 -19.37 -1.35 -4.17
CA GLU A 10 -19.78 -0.08 -3.57
C GLU A 10 -19.08 1.09 -4.27
N PRO A 11 -19.80 1.71 -5.21
CA PRO A 11 -19.27 2.85 -5.98
C PRO A 11 -19.14 4.10 -5.12
N GLY A 12 -18.13 4.93 -5.43
CA GLY A 12 -17.92 6.14 -4.67
C GLY A 12 -17.81 5.90 -3.18
N ALA A 13 -16.97 4.93 -2.81
CA ALA A 13 -16.77 4.59 -1.40
C ALA A 13 -15.34 4.85 -0.97
N PHE A 14 -15.02 6.12 -0.70
CA PHE A 14 -13.69 6.50 -0.27
C PHE A 14 -13.70 7.04 1.16
N SER A 15 -13.64 6.14 2.13
CA SER A 15 -13.64 6.53 3.54
C SER A 15 -12.56 7.57 3.82
N GLU A 16 -12.98 8.78 4.13
CA GLU A 16 -12.05 9.86 4.44
C GLU A 16 -11.05 9.45 5.50
N LEU A 17 -9.85 10.01 5.45
CA LEU A 17 -8.80 9.71 6.41
C LEU A 17 -8.03 10.95 6.80
N TYR A 18 -8.20 11.39 8.05
CA TYR A 18 -7.51 12.58 8.55
C TYR A 18 -6.00 12.40 8.47
N GLN A 19 -5.51 11.32 9.07
CA GLN A 19 -4.08 11.04 9.07
C GLN A 19 -3.64 10.45 7.74
N ARG A 20 -2.42 10.79 7.32
CA ARG A 20 -1.88 10.29 6.06
C ARG A 20 -1.46 8.83 6.18
N TYR A 21 -1.89 8.00 5.24
CA TYR A 21 -1.55 6.59 5.25
C TYR A 21 -0.11 6.36 4.80
N ARG A 22 0.75 6.00 5.74
CA ARG A 22 2.15 5.76 5.45
C ARG A 22 2.60 4.39 5.96
N HIS A 23 1.85 3.35 5.58
CA HIS A 23 2.16 2.00 6.01
C HIS A 23 2.71 1.17 4.85
N CYS A 24 4.01 0.87 4.91
CA CYS A 24 4.66 0.09 3.86
C CYS A 24 3.81 -1.13 3.48
N ASP A 25 3.34 -1.15 2.24
CA ASP A 25 2.53 -2.25 1.75
C ASP A 25 3.12 -2.84 0.46
N ALA A 26 4.38 -2.53 0.21
CA ALA A 26 5.05 -3.03 -0.98
C ALA A 26 5.26 -4.53 -0.92
N PRO A 27 5.65 -5.13 -2.05
CA PRO A 27 5.88 -6.57 -2.15
C PRO A 27 7.11 -7.02 -1.37
N ILE A 28 8.19 -6.27 -1.52
CA ILE A 28 9.44 -6.59 -0.83
C ILE A 28 10.10 -5.33 -0.28
N CYS A 29 10.64 -5.42 0.93
CA CYS A 29 11.31 -4.30 1.57
C CYS A 29 12.79 -4.58 1.77
N LEU A 30 13.61 -3.54 1.62
CA LEU A 30 15.06 -3.68 1.79
C LEU A 30 15.54 -2.89 3.00
N TYR A 31 14.85 -1.79 3.30
CA TYR A 31 15.21 -0.95 4.43
C TYR A 31 15.24 -1.75 5.73
N GLU A 32 16.42 -1.86 6.32
CA GLU A 32 16.59 -2.60 7.57
C GLU A 32 15.40 -2.39 8.50
N GLN A 33 14.96 -1.14 8.60
CA GLN A 33 13.82 -0.81 9.45
C GLN A 33 12.53 -1.43 8.91
N GLY A 34 12.37 -1.38 7.60
CA GLY A 34 11.18 -1.94 6.98
C GLY A 34 9.90 -1.49 7.66
N ARG A 35 9.93 -0.28 8.23
CA ARG A 35 8.77 0.26 8.91
C ARG A 35 8.20 1.46 8.17
N ASP A 36 7.21 2.11 8.77
CA ASP A 36 6.59 3.28 8.16
C ASP A 36 7.47 4.51 8.32
N SER A 37 8.76 4.35 8.03
CA SER A 37 9.71 5.45 8.13
C SER A 37 10.24 5.84 6.75
N PHE A 38 10.27 7.14 6.48
CA PHE A 38 10.75 7.65 5.21
C PHE A 38 11.40 9.03 5.37
N GLU A 39 12.18 9.43 4.38
CA GLU A 39 12.84 10.73 4.42
C GLU A 39 12.18 11.71 3.46
N ASP A 40 12.66 12.95 3.46
CA ASP A 40 12.12 13.98 2.58
C ASP A 40 12.63 13.80 1.16
N GLU A 41 13.86 13.32 1.03
CA GLU A 41 14.45 13.10 -0.29
C GLU A 41 15.36 11.87 -0.28
N GLY A 42 15.04 10.90 -1.13
CA GLY A 42 15.83 9.68 -1.21
C GLY A 42 14.99 8.47 -1.57
N ARG A 43 15.66 7.35 -1.83
CA ARG A 43 14.96 6.12 -2.19
C ARG A 43 13.96 5.73 -1.12
N TRP A 44 14.28 6.05 0.13
CA TRP A 44 13.40 5.73 1.25
C TRP A 44 12.38 6.84 1.48
N ARG A 45 11.87 7.39 0.38
CA ARG A 45 10.87 8.46 0.45
C ARG A 45 9.46 7.90 0.33
N LEU A 46 8.61 8.27 1.29
CA LEU A 46 7.22 7.81 1.28
C LEU A 46 6.52 8.19 -0.02
N ILE A 47 6.16 7.18 -0.80
CA ILE A 47 5.48 7.41 -2.06
C ILE A 47 4.02 6.98 -1.99
N LEU A 48 3.12 7.89 -2.36
CA LEU A 48 1.68 7.60 -2.33
C LEU A 48 1.16 7.32 -3.74
N CYS A 49 0.25 6.36 -3.85
CA CYS A 49 -0.33 5.99 -5.13
C CYS A 49 -0.71 7.24 -5.92
N ALA A 50 -0.78 7.10 -7.25
CA ALA A 50 -1.13 8.21 -8.12
C ALA A 50 -2.61 8.15 -8.52
N THR A 51 -3.10 6.94 -8.79
CA THR A 51 -4.48 6.74 -9.19
C THR A 51 -5.43 7.21 -8.09
N CYS A 52 -5.52 6.44 -7.01
CA CYS A 52 -6.40 6.77 -5.90
C CYS A 52 -5.65 7.58 -4.84
N GLY A 53 -4.36 7.27 -4.68
CA GLY A 53 -3.55 7.98 -3.69
C GLY A 53 -3.91 7.61 -2.27
N SER A 54 -3.94 6.31 -1.99
CA SER A 54 -4.28 5.82 -0.65
C SER A 54 -3.11 5.05 -0.04
N HIS A 55 -2.52 4.16 -0.84
CA HIS A 55 -1.40 3.36 -0.38
C HIS A 55 -0.14 4.22 -0.22
N GLY A 56 0.79 3.76 0.61
CA GLY A 56 2.02 4.50 0.85
C GLY A 56 3.18 3.60 1.22
N THR A 57 4.23 3.61 0.41
CA THR A 57 5.40 2.79 0.66
C THR A 57 6.66 3.44 0.10
N HIS A 58 7.82 2.88 0.45
CA HIS A 58 9.10 3.41 -0.02
C HIS A 58 9.15 3.40 -1.55
N ARG A 59 10.29 3.81 -2.09
CA ARG A 59 10.48 3.84 -3.53
C ARG A 59 11.03 2.51 -4.05
N ASP A 60 12.24 2.17 -3.61
CA ASP A 60 12.87 0.92 -4.02
C ASP A 60 12.09 -0.29 -3.50
N CYS A 61 11.34 -0.07 -2.42
CA CYS A 61 10.55 -1.15 -1.82
C CYS A 61 9.44 -1.59 -2.76
N SER A 62 8.85 -0.64 -3.48
CA SER A 62 7.77 -0.94 -4.40
C SER A 62 8.32 -1.48 -5.72
N SER A 63 9.59 -1.88 -5.71
CA SER A 63 10.24 -2.40 -6.90
C SER A 63 10.03 -1.46 -8.10
N LEU A 64 10.39 -0.20 -7.91
CA LEU A 64 10.25 0.80 -8.96
C LEU A 64 11.59 1.14 -9.59
N ARG A 65 11.60 2.10 -10.50
CA ARG A 65 12.83 2.51 -11.17
C ARG A 65 13.36 3.82 -10.57
N PRO A 66 14.67 4.05 -10.74
CA PRO A 66 15.32 5.25 -10.23
C PRO A 66 14.91 6.51 -10.98
N ASN A 67 14.10 6.33 -12.02
CA ASN A 67 13.63 7.45 -12.83
C ASN A 67 12.12 7.37 -13.04
N SER A 68 11.40 6.93 -12.01
CA SER A 68 9.95 6.80 -12.08
C SER A 68 9.27 8.08 -11.62
N LYS A 69 8.31 8.55 -12.41
CA LYS A 69 7.57 9.76 -12.09
C LYS A 69 6.63 9.53 -10.92
N LYS A 70 5.63 8.67 -11.13
CA LYS A 70 4.66 8.35 -10.09
C LYS A 70 4.44 6.85 -10.00
N TRP A 71 3.96 6.40 -8.84
CA TRP A 71 3.69 4.98 -8.62
C TRP A 71 2.25 4.75 -8.19
N GLU A 72 1.68 3.62 -8.60
CA GLU A 72 0.31 3.28 -8.26
C GLU A 72 0.25 2.00 -7.42
N CYS A 73 -0.68 1.96 -6.48
CA CYS A 73 -0.84 0.80 -5.62
C CYS A 73 -1.12 -0.45 -6.43
N ASN A 74 -1.22 -1.59 -5.75
CA ASN A 74 -1.49 -2.86 -6.42
C ASN A 74 -2.90 -2.88 -7.00
N GLU A 75 -3.89 -2.87 -6.12
CA GLU A 75 -5.29 -2.89 -6.54
C GLU A 75 -5.50 -2.03 -7.79
N CYS A 76 -4.70 -0.98 -7.90
CA CYS A 76 -4.80 -0.07 -9.04
C CYS A 76 -4.05 -0.63 -10.24
N LEU A 77 -2.81 -1.05 -10.03
CA LEU A 77 -1.99 -1.62 -11.09
C LEU A 77 -2.63 -2.89 -11.65
N PRO A 78 -2.39 -3.15 -12.94
CA PRO A 78 -2.92 -4.33 -13.62
C PRO A 78 -2.27 -5.63 -13.13
N ALA A 79 -2.81 -6.19 -12.05
CA ALA A 79 -2.28 -7.43 -11.50
C ALA A 79 -3.11 -8.63 -11.93
N SER A 80 -2.56 -9.42 -12.85
CA SER A 80 -3.26 -10.60 -13.35
C SER A 80 -3.68 -11.52 -12.21
N GLY A 81 -4.98 -11.57 -11.95
CA GLY A 81 -5.50 -12.40 -10.88
C GLY A 81 -5.40 -11.74 -9.53
N PRO A 82 -6.20 -12.22 -8.56
CA PRO A 82 -6.23 -11.67 -7.21
C PRO A 82 -4.95 -11.99 -6.43
N SER A 83 -4.51 -11.06 -5.61
CA SER A 83 -3.31 -11.25 -4.80
C SER A 83 -3.22 -12.67 -4.27
N SER A 84 -4.29 -13.12 -3.64
CA SER A 84 -4.33 -14.47 -3.07
C SER A 84 -4.46 -15.51 -4.17
N GLY A 85 -3.32 -15.97 -4.68
CA GLY A 85 -3.33 -16.98 -5.74
C GLY A 85 -4.17 -18.18 -5.38
N GLY A 1 -2.32 -15.26 36.29
CA GLY A 1 -3.03 -14.41 35.35
C GLY A 1 -4.27 -15.08 34.79
N SER A 2 -4.84 -14.49 33.75
CA SER A 2 -6.04 -15.04 33.13
C SER A 2 -5.93 -15.01 31.60
N SER A 3 -6.61 -15.94 30.94
CA SER A 3 -6.59 -16.02 29.49
C SER A 3 -7.55 -15.02 28.86
N GLY A 4 -8.76 -14.96 29.41
CA GLY A 4 -9.77 -14.04 28.90
C GLY A 4 -10.57 -14.64 27.77
N SER A 5 -11.46 -13.84 27.19
CA SER A 5 -12.31 -14.30 26.09
C SER A 5 -11.69 -13.94 24.74
N SER A 6 -11.22 -12.70 24.63
CA SER A 6 -10.60 -12.22 23.39
C SER A 6 -11.44 -12.63 22.19
N GLY A 7 -12.76 -12.49 22.31
CA GLY A 7 -13.65 -12.86 21.22
C GLY A 7 -13.42 -12.01 19.98
N GLU A 8 -13.81 -12.53 18.83
CA GLU A 8 -13.64 -11.81 17.57
C GLU A 8 -14.66 -10.69 17.43
N LEU A 9 -14.36 -9.73 16.58
CA LEU A 9 -15.26 -8.59 16.35
C LEU A 9 -15.89 -8.66 14.98
N GLU A 10 -16.99 -7.94 14.80
CA GLU A 10 -17.69 -7.91 13.51
C GLU A 10 -16.71 -7.72 12.36
N PRO A 11 -16.73 -8.66 11.41
CA PRO A 11 -15.85 -8.61 10.23
C PRO A 11 -16.22 -7.49 9.27
N GLY A 12 -17.41 -6.94 9.45
CA GLY A 12 -17.88 -5.86 8.59
C GLY A 12 -17.67 -4.49 9.22
N ALA A 13 -16.52 -4.30 9.85
CA ALA A 13 -16.21 -3.03 10.50
C ALA A 13 -15.20 -2.23 9.68
N PHE A 14 -15.69 -1.44 8.73
CA PHE A 14 -14.84 -0.63 7.89
C PHE A 14 -15.02 0.86 8.19
N SER A 15 -13.95 1.49 8.68
CA SER A 15 -13.99 2.91 9.01
C SER A 15 -13.04 3.70 8.14
N GLU A 16 -13.30 5.00 8.00
CA GLU A 16 -12.47 5.87 7.18
C GLU A 16 -11.44 6.60 8.05
N LEU A 17 -10.24 6.76 7.52
CA LEU A 17 -9.17 7.44 8.24
C LEU A 17 -8.91 8.82 7.64
N TYR A 18 -8.51 9.77 8.48
CA TYR A 18 -8.22 11.12 8.03
C TYR A 18 -6.72 11.34 7.87
N GLN A 19 -5.95 10.90 8.86
CA GLN A 19 -4.50 11.04 8.83
C GLN A 19 -3.93 10.53 7.50
N ARG A 20 -2.65 10.80 7.28
CA ARG A 20 -1.99 10.37 6.05
C ARG A 20 -1.77 8.87 6.05
N TYR A 21 -2.32 8.20 5.04
CA TYR A 21 -2.18 6.75 4.92
C TYR A 21 -0.74 6.36 4.60
N ARG A 22 -0.08 5.73 5.56
CA ARG A 22 1.31 5.30 5.37
C ARG A 22 1.49 3.85 5.81
N HIS A 23 1.32 2.94 4.86
CA HIS A 23 1.46 1.51 5.14
C HIS A 23 2.13 0.79 3.97
N CYS A 24 3.37 0.36 4.19
CA CYS A 24 4.13 -0.34 3.16
C CYS A 24 3.31 -1.49 2.57
N ASP A 25 2.78 -1.28 1.37
CA ASP A 25 1.98 -2.29 0.70
C ASP A 25 2.68 -2.79 -0.56
N ALA A 26 4.00 -2.65 -0.60
CA ALA A 26 4.79 -3.08 -1.74
C ALA A 26 4.96 -4.59 -1.75
N PRO A 27 5.46 -5.13 -2.87
CA PRO A 27 5.68 -6.57 -3.04
C PRO A 27 6.83 -7.08 -2.17
N ILE A 28 7.96 -6.39 -2.24
CA ILE A 28 9.14 -6.77 -1.45
C ILE A 28 9.78 -5.55 -0.81
N CYS A 29 10.19 -5.71 0.45
CA CYS A 29 10.82 -4.62 1.19
C CYS A 29 12.31 -4.90 1.39
N LEU A 30 13.10 -3.83 1.47
CA LEU A 30 14.53 -3.95 1.65
C LEU A 30 14.98 -3.27 2.94
N TYR A 31 14.26 -2.23 3.34
CA TYR A 31 14.57 -1.50 4.56
C TYR A 31 14.60 -2.43 5.77
N GLU A 32 15.79 -2.66 6.30
CA GLU A 32 15.95 -3.54 7.46
C GLU A 32 14.80 -3.36 8.44
N GLN A 33 14.48 -2.10 8.73
CA GLN A 33 13.39 -1.79 9.65
C GLN A 33 12.19 -2.71 9.42
N GLY A 34 11.64 -2.64 8.22
CA GLY A 34 10.48 -3.46 7.89
C GLY A 34 9.19 -2.89 8.42
N ARG A 35 8.92 -1.63 8.09
CA ARG A 35 7.70 -0.96 8.55
C ARG A 35 7.45 0.30 7.74
N ASP A 36 6.41 1.05 8.13
CA ASP A 36 6.06 2.28 7.44
C ASP A 36 7.00 3.41 7.83
N SER A 37 8.30 3.12 7.83
CA SER A 37 9.31 4.11 8.19
C SER A 37 9.92 4.73 6.94
N PHE A 38 9.73 6.05 6.78
CA PHE A 38 10.26 6.76 5.63
C PHE A 38 10.94 8.05 6.07
N GLU A 39 11.83 8.56 5.21
CA GLU A 39 12.55 9.80 5.51
C GLU A 39 11.98 10.96 4.72
N ASP A 40 12.25 12.18 5.18
CA ASP A 40 11.76 13.38 4.52
C ASP A 40 11.79 13.21 3.00
N GLU A 41 12.83 12.57 2.50
CA GLU A 41 12.97 12.35 1.06
C GLU A 41 14.06 11.31 0.78
N GLY A 42 14.07 10.81 -0.45
CA GLY A 42 15.06 9.81 -0.82
C GLY A 42 14.44 8.48 -1.20
N ARG A 43 15.28 7.48 -1.43
CA ARG A 43 14.79 6.15 -1.80
C ARG A 43 13.74 5.66 -0.81
N TRP A 44 14.00 5.88 0.47
CA TRP A 44 13.06 5.46 1.51
C TRP A 44 12.01 6.52 1.77
N ARG A 45 11.57 7.18 0.70
CA ARG A 45 10.56 8.22 0.81
C ARG A 45 9.16 7.65 0.61
N LEU A 46 8.25 8.01 1.51
CA LEU A 46 6.87 7.53 1.44
C LEU A 46 6.19 8.02 0.16
N ILE A 47 6.04 7.10 -0.80
CA ILE A 47 5.41 7.43 -2.07
C ILE A 47 3.93 7.02 -2.07
N LEU A 48 3.05 8.00 -2.25
CA LEU A 48 1.62 7.74 -2.27
C LEU A 48 1.14 7.50 -3.70
N CYS A 49 0.18 6.58 -3.85
CA CYS A 49 -0.37 6.25 -5.16
C CYS A 49 -0.84 7.52 -5.88
N ALA A 50 -0.85 7.46 -7.20
CA ALA A 50 -1.28 8.60 -8.01
C ALA A 50 -2.71 8.39 -8.52
N THR A 51 -2.98 7.19 -9.03
CA THR A 51 -4.30 6.87 -9.56
C THR A 51 -5.39 7.20 -8.55
N CYS A 52 -5.41 6.46 -7.44
CA CYS A 52 -6.41 6.68 -6.39
C CYS A 52 -5.79 7.44 -5.22
N GLY A 53 -4.55 7.12 -4.89
CA GLY A 53 -3.87 7.79 -3.79
C GLY A 53 -4.35 7.30 -2.44
N SER A 54 -4.60 6.00 -2.33
CA SER A 54 -5.07 5.42 -1.08
C SER A 54 -4.08 4.40 -0.55
N HIS A 55 -2.82 4.51 -0.99
CA HIS A 55 -1.77 3.60 -0.55
C HIS A 55 -0.48 4.36 -0.29
N GLY A 56 0.45 3.72 0.44
CA GLY A 56 1.71 4.35 0.74
C GLY A 56 2.82 3.34 0.97
N THR A 57 3.89 3.45 0.19
CA THR A 57 5.02 2.54 0.31
C THR A 57 6.32 3.22 -0.10
N HIS A 58 7.44 2.59 0.22
CA HIS A 58 8.75 3.13 -0.11
C HIS A 58 8.95 3.18 -1.63
N ARG A 59 10.12 3.64 -2.06
CA ARG A 59 10.43 3.74 -3.48
C ARG A 59 11.00 2.43 -4.01
N ASP A 60 12.20 2.08 -3.55
CA ASP A 60 12.85 0.85 -3.98
C ASP A 60 12.03 -0.36 -3.59
N CYS A 61 11.16 -0.20 -2.59
CA CYS A 61 10.31 -1.28 -2.12
C CYS A 61 9.25 -1.63 -3.17
N SER A 62 8.74 -0.62 -3.85
CA SER A 62 7.73 -0.82 -4.87
C SER A 62 8.36 -1.23 -6.20
N SER A 63 9.58 -1.76 -6.13
CA SER A 63 10.30 -2.17 -7.33
C SER A 63 10.17 -1.14 -8.44
N LEU A 64 10.25 0.14 -8.06
CA LEU A 64 10.14 1.23 -9.01
C LEU A 64 11.50 1.58 -9.59
N ARG A 65 11.52 2.50 -10.55
CA ARG A 65 12.76 2.93 -11.19
C ARG A 65 13.21 4.28 -10.64
N PRO A 66 14.51 4.59 -10.83
CA PRO A 66 15.09 5.86 -10.36
C PRO A 66 14.59 7.05 -11.15
N ASN A 67 13.73 6.79 -12.14
CA ASN A 67 13.18 7.85 -12.98
C ASN A 67 11.68 7.99 -12.74
N SER A 68 11.05 6.90 -12.31
CA SER A 68 9.61 6.91 -12.05
C SER A 68 9.25 7.94 -10.98
N LYS A 69 8.52 8.97 -11.38
CA LYS A 69 8.11 10.02 -10.45
C LYS A 69 6.79 9.65 -9.77
N LYS A 70 5.91 9.00 -10.52
CA LYS A 70 4.61 8.59 -9.98
C LYS A 70 4.52 7.07 -9.86
N TRP A 71 3.88 6.60 -8.81
CA TRP A 71 3.73 5.16 -8.58
C TRP A 71 2.26 4.80 -8.43
N GLU A 72 1.93 3.54 -8.75
CA GLU A 72 0.56 3.06 -8.64
C GLU A 72 0.45 1.91 -7.64
N CYS A 73 -0.54 1.99 -6.76
CA CYS A 73 -0.75 0.96 -5.74
C CYS A 73 -1.09 -0.38 -6.40
N ASN A 74 -1.09 -1.43 -5.59
CA ASN A 74 -1.41 -2.77 -6.09
C ASN A 74 -2.81 -2.81 -6.66
N GLU A 75 -3.79 -2.44 -5.84
CA GLU A 75 -5.19 -2.44 -6.27
C GLU A 75 -5.33 -1.84 -7.66
N CYS A 76 -4.55 -0.81 -7.95
CA CYS A 76 -4.58 -0.15 -9.24
C CYS A 76 -3.80 -0.94 -10.28
N LEU A 77 -2.56 -1.28 -9.93
CA LEU A 77 -1.70 -2.04 -10.84
C LEU A 77 -2.48 -3.16 -11.52
N PRO A 78 -2.00 -3.58 -12.70
CA PRO A 78 -2.64 -4.65 -13.48
C PRO A 78 -2.48 -6.02 -12.82
N ALA A 79 -1.90 -6.03 -11.62
CA ALA A 79 -1.69 -7.27 -10.89
C ALA A 79 -2.83 -8.26 -11.14
N SER A 80 -2.47 -9.53 -11.30
CA SER A 80 -3.46 -10.57 -11.55
C SER A 80 -4.18 -10.97 -10.26
N GLY A 81 -5.47 -11.25 -10.37
CA GLY A 81 -6.24 -11.64 -9.22
C GLY A 81 -6.50 -10.48 -8.26
N PRO A 82 -7.66 -10.51 -7.60
CA PRO A 82 -8.05 -9.46 -6.65
C PRO A 82 -7.21 -9.47 -5.38
N SER A 83 -6.18 -8.63 -5.35
CA SER A 83 -5.29 -8.56 -4.19
C SER A 83 -6.09 -8.29 -2.92
N SER A 84 -5.98 -9.21 -1.96
CA SER A 84 -6.70 -9.08 -0.69
C SER A 84 -5.73 -9.17 0.48
N GLY A 85 -5.78 -8.17 1.37
CA GLY A 85 -4.91 -8.16 2.52
C GLY A 85 -3.50 -7.73 2.18
N GLY A 1 -31.52 19.95 23.83
CA GLY A 1 -30.51 18.97 23.47
C GLY A 1 -30.86 17.57 23.93
N SER A 2 -29.98 16.62 23.65
CA SER A 2 -30.20 15.23 24.03
C SER A 2 -28.90 14.43 23.97
N SER A 3 -28.99 13.16 24.34
CA SER A 3 -27.82 12.28 24.32
C SER A 3 -28.24 10.82 24.21
N GLY A 4 -27.27 9.94 23.95
CA GLY A 4 -27.56 8.52 23.83
C GLY A 4 -26.53 7.67 24.53
N SER A 5 -26.34 6.44 24.04
CA SER A 5 -25.39 5.51 24.63
C SER A 5 -25.26 4.26 23.79
N SER A 6 -24.16 3.53 23.98
CA SER A 6 -23.92 2.30 23.23
C SER A 6 -23.71 1.12 24.17
N GLY A 7 -23.70 -0.09 23.62
CA GLY A 7 -23.51 -1.28 24.42
C GLY A 7 -22.26 -2.05 24.02
N GLU A 8 -22.44 -3.05 23.16
CA GLU A 8 -21.33 -3.87 22.70
C GLU A 8 -20.45 -3.08 21.73
N LEU A 9 -19.22 -3.56 21.56
CA LEU A 9 -18.27 -2.90 20.66
C LEU A 9 -17.29 -3.92 20.07
N GLU A 10 -16.44 -3.45 19.17
CA GLU A 10 -15.45 -4.32 18.53
C GLU A 10 -14.11 -4.24 19.25
N PRO A 11 -13.50 -5.40 19.50
CA PRO A 11 -12.21 -5.50 20.19
C PRO A 11 -11.06 -4.96 19.34
N GLY A 12 -9.89 -4.79 19.96
CA GLY A 12 -8.74 -4.29 19.25
C GLY A 12 -9.09 -3.17 18.29
N ALA A 13 -9.85 -2.19 18.77
CA ALA A 13 -10.25 -1.07 17.95
C ALA A 13 -9.19 0.04 17.96
N PHE A 14 -7.96 -0.36 17.69
CA PHE A 14 -6.84 0.59 17.67
C PHE A 14 -7.17 1.78 16.77
N SER A 15 -6.52 2.91 17.04
CA SER A 15 -6.74 4.13 16.26
C SER A 15 -6.00 4.05 14.93
N GLU A 16 -6.74 4.23 13.84
CA GLU A 16 -6.16 4.18 12.50
C GLU A 16 -6.51 5.43 11.71
N LEU A 17 -5.86 5.61 10.57
CA LEU A 17 -6.10 6.77 9.72
C LEU A 17 -6.95 6.39 8.51
N TYR A 18 -7.65 7.38 7.96
CA TYR A 18 -8.50 7.15 6.81
C TYR A 18 -8.00 7.92 5.59
N GLN A 19 -7.83 9.23 5.75
CA GLN A 19 -7.35 10.09 4.67
C GLN A 19 -5.85 9.88 4.44
N ARG A 20 -5.08 9.96 5.52
CA ARG A 20 -3.63 9.80 5.43
C ARG A 20 -3.25 8.33 5.58
N TYR A 21 -2.80 7.72 4.49
CA TYR A 21 -2.41 6.32 4.49
C TYR A 21 -0.90 6.18 4.35
N ARG A 22 -0.24 5.75 5.43
CA ARG A 22 1.20 5.57 5.42
C ARG A 22 1.58 4.20 5.97
N HIS A 23 1.45 3.18 5.13
CA HIS A 23 1.79 1.82 5.52
C HIS A 23 2.44 1.05 4.37
N CYS A 24 3.69 0.67 4.55
CA CYS A 24 4.42 -0.07 3.52
C CYS A 24 3.63 -1.28 3.06
N ASP A 25 3.25 -1.28 1.79
CA ASP A 25 2.49 -2.39 1.22
C ASP A 25 3.06 -2.79 -0.13
N ALA A 26 4.38 -2.72 -0.27
CA ALA A 26 5.05 -3.08 -1.51
C ALA A 26 5.30 -4.59 -1.57
N PRO A 27 5.70 -5.07 -2.76
CA PRO A 27 5.98 -6.49 -2.98
C PRO A 27 7.24 -6.95 -2.26
N ILE A 28 8.28 -6.14 -2.32
CA ILE A 28 9.55 -6.46 -1.66
C ILE A 28 10.11 -5.26 -0.93
N CYS A 29 10.57 -5.47 0.30
CA CYS A 29 11.14 -4.41 1.10
C CYS A 29 12.61 -4.70 1.45
N LEU A 30 13.49 -3.78 1.08
CA LEU A 30 14.91 -3.93 1.35
C LEU A 30 15.31 -3.24 2.64
N TYR A 31 14.57 -2.20 3.00
CA TYR A 31 14.83 -1.44 4.22
C TYR A 31 14.69 -2.33 5.45
N GLU A 32 15.81 -2.55 6.14
CA GLU A 32 15.81 -3.39 7.34
C GLU A 32 14.56 -3.15 8.17
N GLN A 33 14.38 -1.90 8.61
CA GLN A 33 13.22 -1.55 9.42
C GLN A 33 11.92 -1.93 8.72
N GLY A 34 11.94 -1.91 7.39
CA GLY A 34 10.77 -2.27 6.62
C GLY A 34 9.48 -1.83 7.30
N ARG A 35 9.52 -0.66 7.92
CA ARG A 35 8.35 -0.13 8.61
C ARG A 35 7.80 1.10 7.89
N ASP A 36 6.81 1.74 8.49
CA ASP A 36 6.19 2.93 7.90
C ASP A 36 7.08 4.15 8.11
N SER A 37 8.37 3.99 7.89
CA SER A 37 9.32 5.08 8.06
C SER A 37 9.84 5.57 6.71
N PHE A 38 10.03 6.88 6.59
CA PHE A 38 10.52 7.47 5.35
C PHE A 38 11.22 8.80 5.62
N GLU A 39 12.14 9.17 4.74
CA GLU A 39 12.89 10.40 4.89
C GLU A 39 12.30 11.51 4.02
N ASP A 40 12.79 12.73 4.19
CA ASP A 40 12.31 13.87 3.42
C ASP A 40 12.25 13.54 1.93
N GLU A 41 13.28 12.87 1.44
CA GLU A 41 13.35 12.49 0.03
C GLU A 41 14.49 11.51 -0.22
N GLY A 42 14.54 10.94 -1.43
CA GLY A 42 15.59 10.01 -1.77
C GLY A 42 15.03 8.70 -2.30
N ARG A 43 15.39 7.60 -1.65
CA ARG A 43 14.93 6.28 -2.06
C ARG A 43 13.97 5.69 -1.04
N TRP A 44 14.17 6.05 0.22
CA TRP A 44 13.32 5.56 1.30
C TRP A 44 12.25 6.58 1.67
N ARG A 45 11.79 7.33 0.67
CA ARG A 45 10.77 8.34 0.87
C ARG A 45 9.37 7.74 0.74
N LEU A 46 8.41 8.31 1.47
CA LEU A 46 7.03 7.83 1.43
C LEU A 46 6.37 8.20 0.11
N ILE A 47 6.12 7.19 -0.72
CA ILE A 47 5.49 7.41 -2.01
C ILE A 47 4.04 6.93 -2.00
N LEU A 48 3.11 7.86 -2.18
CA LEU A 48 1.68 7.54 -2.19
C LEU A 48 1.19 7.34 -3.62
N CYS A 49 0.22 6.43 -3.78
CA CYS A 49 -0.35 6.16 -5.10
C CYS A 49 -0.86 7.44 -5.75
N ALA A 50 -0.85 7.45 -7.08
CA ALA A 50 -1.31 8.60 -7.84
C ALA A 50 -2.74 8.40 -8.34
N THR A 51 -3.02 7.19 -8.82
CA THR A 51 -4.34 6.87 -9.34
C THR A 51 -5.42 7.13 -8.29
N CYS A 52 -5.44 6.33 -7.23
CA CYS A 52 -6.41 6.48 -6.16
C CYS A 52 -5.80 7.16 -4.94
N GLY A 53 -4.49 6.95 -4.76
CA GLY A 53 -3.81 7.55 -3.63
C GLY A 53 -4.27 7.00 -2.29
N SER A 54 -4.48 5.69 -2.24
CA SER A 54 -4.93 5.04 -1.03
C SER A 54 -3.89 4.05 -0.51
N HIS A 55 -2.62 4.32 -0.81
CA HIS A 55 -1.53 3.46 -0.38
C HIS A 55 -0.24 4.25 -0.21
N GLY A 56 0.68 3.73 0.59
CA GLY A 56 1.93 4.40 0.83
C GLY A 56 3.07 3.43 1.08
N THR A 57 4.09 3.49 0.22
CA THR A 57 5.25 2.61 0.35
C THR A 57 6.53 3.32 -0.05
N HIS A 58 7.67 2.69 0.23
CA HIS A 58 8.97 3.27 -0.10
C HIS A 58 9.15 3.35 -1.60
N ARG A 59 10.34 3.79 -2.04
CA ARG A 59 10.64 3.92 -3.45
C ARG A 59 11.16 2.60 -4.02
N ASP A 60 12.32 2.16 -3.54
CA ASP A 60 12.91 0.91 -4.00
C ASP A 60 12.05 -0.28 -3.59
N CYS A 61 11.36 -0.15 -2.46
CA CYS A 61 10.51 -1.21 -1.95
C CYS A 61 9.45 -1.59 -2.98
N SER A 62 8.91 -0.59 -3.66
CA SER A 62 7.88 -0.81 -4.67
C SER A 62 8.50 -1.18 -6.00
N SER A 63 9.67 -1.80 -5.96
CA SER A 63 10.38 -2.21 -7.16
C SER A 63 10.23 -1.15 -8.26
N LEU A 64 10.32 0.11 -7.86
CA LEU A 64 10.20 1.22 -8.82
C LEU A 64 11.52 1.45 -9.54
N ARG A 65 11.56 2.51 -10.35
CA ARG A 65 12.75 2.83 -11.12
C ARG A 65 13.34 4.17 -10.66
N PRO A 66 14.63 4.39 -10.96
CA PRO A 66 15.34 5.61 -10.58
C PRO A 66 14.84 6.82 -11.37
N ASN A 67 13.85 6.61 -12.22
CA ASN A 67 13.29 7.68 -13.03
C ASN A 67 11.79 7.84 -12.78
N SER A 68 11.10 6.71 -12.67
CA SER A 68 9.65 6.71 -12.43
C SER A 68 9.26 7.87 -11.51
N LYS A 69 8.28 8.64 -11.95
CA LYS A 69 7.80 9.78 -11.18
C LYS A 69 6.67 9.38 -10.24
N LYS A 70 5.54 9.00 -10.82
CA LYS A 70 4.38 8.58 -10.03
C LYS A 70 4.30 7.06 -9.95
N TRP A 71 3.72 6.57 -8.86
CA TRP A 71 3.58 5.12 -8.66
C TRP A 71 2.13 4.75 -8.42
N GLU A 72 1.75 3.54 -8.81
CA GLU A 72 0.39 3.06 -8.64
C GLU A 72 0.34 1.88 -7.67
N CYS A 73 -0.65 1.88 -6.79
CA CYS A 73 -0.81 0.81 -5.81
C CYS A 73 -1.21 -0.49 -6.49
N ASN A 74 -1.18 -1.59 -5.73
CA ASN A 74 -1.54 -2.90 -6.24
C ASN A 74 -2.97 -2.89 -6.80
N GLU A 75 -3.92 -2.50 -5.95
CA GLU A 75 -5.32 -2.44 -6.35
C GLU A 75 -5.46 -1.82 -7.74
N CYS A 76 -4.69 -0.77 -7.99
CA CYS A 76 -4.74 -0.09 -9.28
C CYS A 76 -4.01 -0.90 -10.35
N LEU A 77 -2.76 -1.26 -10.07
CA LEU A 77 -1.95 -2.03 -11.00
C LEU A 77 -2.73 -3.24 -11.51
N PRO A 78 -2.43 -3.66 -12.76
CA PRO A 78 -3.08 -4.81 -13.38
C PRO A 78 -2.68 -6.13 -12.73
N ALA A 79 -3.30 -7.22 -13.18
CA ALA A 79 -3.01 -8.55 -12.64
C ALA A 79 -3.62 -9.63 -13.52
N SER A 80 -2.86 -10.69 -13.76
CA SER A 80 -3.32 -11.81 -14.58
C SER A 80 -3.50 -13.07 -13.74
N GLY A 81 -4.58 -13.79 -13.99
CA GLY A 81 -4.85 -15.01 -13.25
C GLY A 81 -5.58 -14.74 -11.95
N PRO A 82 -5.66 -15.77 -11.09
CA PRO A 82 -6.33 -15.68 -9.80
C PRO A 82 -5.57 -14.79 -8.81
N SER A 83 -6.16 -14.59 -7.63
CA SER A 83 -5.53 -13.76 -6.61
C SER A 83 -5.28 -14.57 -5.34
N SER A 84 -4.39 -14.07 -4.49
CA SER A 84 -4.05 -14.75 -3.25
C SER A 84 -4.37 -13.87 -2.05
N GLY A 85 -5.40 -14.26 -1.30
CA GLY A 85 -5.79 -13.49 -0.13
C GLY A 85 -4.66 -13.33 0.87
N GLY A 1 5.53 0.33 42.45
CA GLY A 1 5.36 -0.56 41.31
C GLY A 1 4.07 -1.33 41.38
N SER A 2 3.88 -2.24 40.42
CA SER A 2 2.66 -3.05 40.38
C SER A 2 2.76 -4.12 39.30
N SER A 3 1.75 -4.97 39.21
CA SER A 3 1.73 -6.04 38.21
C SER A 3 0.51 -5.92 37.31
N GLY A 4 0.49 -6.71 36.24
CA GLY A 4 -0.62 -6.67 35.30
C GLY A 4 -1.09 -8.06 34.91
N SER A 5 -2.05 -8.11 33.99
CA SER A 5 -2.59 -9.38 33.53
C SER A 5 -2.79 -9.37 32.02
N SER A 6 -3.17 -10.52 31.46
CA SER A 6 -3.39 -10.64 30.03
C SER A 6 -4.73 -11.31 29.74
N GLY A 7 -5.21 -11.15 28.51
CA GLY A 7 -6.48 -11.76 28.12
C GLY A 7 -6.92 -11.34 26.74
N GLU A 8 -8.23 -11.36 26.49
CA GLU A 8 -8.77 -10.99 25.20
C GLU A 8 -9.40 -9.60 25.26
N LEU A 9 -9.05 -8.76 24.28
CA LEU A 9 -9.57 -7.40 24.22
C LEU A 9 -10.59 -7.26 23.10
N GLU A 10 -11.28 -6.12 23.06
CA GLU A 10 -12.28 -5.86 22.04
C GLU A 10 -11.88 -6.49 20.71
N PRO A 11 -12.86 -7.04 19.98
CA PRO A 11 -12.64 -7.68 18.69
C PRO A 11 -12.28 -6.68 17.60
N GLY A 12 -11.60 -7.15 16.56
CA GLY A 12 -11.21 -6.28 15.47
C GLY A 12 -10.85 -4.90 15.94
N ALA A 13 -10.05 -4.82 17.00
CA ALA A 13 -9.62 -3.53 17.55
C ALA A 13 -8.23 -3.15 17.05
N PHE A 14 -8.18 -2.54 15.87
CA PHE A 14 -6.91 -2.12 15.29
C PHE A 14 -6.94 -0.64 14.92
N SER A 15 -6.29 0.18 15.73
CA SER A 15 -6.25 1.62 15.50
C SER A 15 -5.51 1.93 14.20
N GLU A 16 -6.21 2.53 13.25
CA GLU A 16 -5.61 2.89 11.97
C GLU A 16 -6.03 4.29 11.54
N LEU A 17 -5.19 4.92 10.73
CA LEU A 17 -5.48 6.28 10.24
C LEU A 17 -6.18 6.24 8.89
N TYR A 18 -7.12 7.14 8.69
CA TYR A 18 -7.87 7.21 7.45
C TYR A 18 -7.34 8.33 6.55
N GLN A 19 -7.12 9.49 7.15
CA GLN A 19 -6.61 10.64 6.41
C GLN A 19 -5.18 10.40 5.95
N ARG A 20 -4.32 9.99 6.88
CA ARG A 20 -2.92 9.73 6.57
C ARG A 20 -2.65 8.23 6.48
N TYR A 21 -2.47 7.73 5.26
CA TYR A 21 -2.21 6.32 5.04
C TYR A 21 -0.73 6.06 4.82
N ARG A 22 -0.07 5.51 5.83
CA ARG A 22 1.35 5.21 5.76
C ARG A 22 1.64 3.79 6.20
N HIS A 23 1.72 2.87 5.24
CA HIS A 23 1.99 1.47 5.53
C HIS A 23 2.65 0.78 4.34
N CYS A 24 3.89 0.35 4.54
CA CYS A 24 4.64 -0.32 3.48
C CYS A 24 3.91 -1.57 3.00
N ASP A 25 3.40 -1.52 1.78
CA ASP A 25 2.68 -2.66 1.20
C ASP A 25 3.39 -3.16 -0.06
N ALA A 26 4.67 -2.86 -0.17
CA ALA A 26 5.45 -3.28 -1.33
C ALA A 26 5.75 -4.77 -1.27
N PRO A 27 6.23 -5.32 -2.39
CA PRO A 27 6.57 -6.74 -2.49
C PRO A 27 7.80 -7.11 -1.67
N ILE A 28 8.86 -6.33 -1.81
CA ILE A 28 10.10 -6.58 -1.07
C ILE A 28 10.62 -5.30 -0.45
N CYS A 29 11.11 -5.40 0.79
CA CYS A 29 11.66 -4.25 1.50
C CYS A 29 13.14 -4.43 1.78
N LEU A 30 13.92 -3.38 1.55
CA LEU A 30 15.36 -3.42 1.79
C LEU A 30 15.72 -2.65 3.06
N TYR A 31 14.99 -1.59 3.33
CA TYR A 31 15.23 -0.77 4.51
C TYR A 31 15.20 -1.61 5.77
N GLU A 32 16.38 -1.89 6.32
CA GLU A 32 16.48 -2.69 7.53
C GLU A 32 15.30 -2.41 8.47
N GLN A 33 14.90 -1.15 8.53
CA GLN A 33 13.79 -0.76 9.40
C GLN A 33 12.60 -1.68 9.21
N GLY A 34 12.12 -1.78 7.97
CA GLY A 34 10.98 -2.62 7.67
C GLY A 34 9.70 -2.11 8.29
N ARG A 35 9.47 -0.80 8.18
CA ARG A 35 8.28 -0.18 8.73
C ARG A 35 7.87 1.05 7.92
N ASP A 36 6.85 1.75 8.37
CA ASP A 36 6.36 2.95 7.69
C ASP A 36 7.27 4.14 7.98
N SER A 37 8.57 3.92 7.89
CA SER A 37 9.55 4.98 8.16
C SER A 37 10.10 5.54 6.84
N PHE A 38 9.96 6.85 6.65
CA PHE A 38 10.44 7.51 5.45
C PHE A 38 11.01 8.88 5.77
N GLU A 39 11.79 9.43 4.84
CA GLU A 39 12.40 10.74 5.03
C GLU A 39 11.86 11.74 4.01
N ASP A 40 11.95 13.03 4.34
CA ASP A 40 11.47 14.07 3.45
C ASP A 40 11.71 13.70 1.99
N GLU A 41 12.89 13.17 1.71
CA GLU A 41 13.23 12.77 0.35
C GLU A 41 14.27 11.65 0.36
N GLY A 42 14.40 10.96 -0.77
CA GLY A 42 15.36 9.87 -0.87
C GLY A 42 14.69 8.53 -1.14
N ARG A 43 15.49 7.55 -1.54
CA ARG A 43 14.97 6.22 -1.84
C ARG A 43 13.93 5.80 -0.81
N TRP A 44 14.16 6.17 0.44
CA TRP A 44 13.24 5.84 1.52
C TRP A 44 12.16 6.91 1.69
N ARG A 45 11.73 7.47 0.57
CA ARG A 45 10.71 8.51 0.57
C ARG A 45 9.31 7.92 0.44
N LEU A 46 8.46 8.22 1.41
CA LEU A 46 7.09 7.71 1.41
C LEU A 46 6.35 8.13 0.14
N ILE A 47 6.14 7.18 -0.76
CA ILE A 47 5.45 7.45 -2.01
C ILE A 47 4.00 6.96 -1.96
N LEU A 48 3.07 7.88 -2.22
CA LEU A 48 1.65 7.54 -2.20
C LEU A 48 1.11 7.38 -3.62
N CYS A 49 0.26 6.37 -3.81
CA CYS A 49 -0.32 6.10 -5.11
C CYS A 49 -0.76 7.40 -5.79
N ALA A 50 -0.80 7.37 -7.12
CA ALA A 50 -1.20 8.55 -7.89
C ALA A 50 -2.61 8.38 -8.45
N THR A 51 -2.89 7.20 -8.98
CA THR A 51 -4.21 6.91 -9.56
C THR A 51 -5.31 7.15 -8.54
N CYS A 52 -5.15 6.59 -7.35
CA CYS A 52 -6.15 6.74 -6.29
C CYS A 52 -5.56 7.54 -5.13
N GLY A 53 -4.33 7.22 -4.75
CA GLY A 53 -3.68 7.91 -3.66
C GLY A 53 -4.19 7.45 -2.30
N SER A 54 -4.02 6.15 -2.02
CA SER A 54 -4.46 5.58 -0.76
C SER A 54 -3.33 4.78 -0.10
N HIS A 55 -2.66 3.96 -0.90
CA HIS A 55 -1.56 3.14 -0.40
C HIS A 55 -0.29 3.96 -0.26
N GLY A 56 0.60 3.52 0.62
CA GLY A 56 1.85 4.23 0.83
C GLY A 56 3.01 3.29 1.08
N THR A 57 4.05 3.41 0.27
CA THR A 57 5.23 2.57 0.40
C THR A 57 6.49 3.32 -0.05
N HIS A 58 7.65 2.74 0.28
CA HIS A 58 8.93 3.35 -0.09
C HIS A 58 9.09 3.39 -1.61
N ARG A 59 10.26 3.83 -2.06
CA ARG A 59 10.54 3.91 -3.49
C ARG A 59 11.16 2.62 -4.01
N ASP A 60 12.36 2.32 -3.55
CA ASP A 60 13.06 1.10 -3.97
C ASP A 60 12.30 -0.14 -3.51
N CYS A 61 11.55 0.00 -2.42
CA CYS A 61 10.78 -1.12 -1.88
C CYS A 61 9.72 -1.58 -2.88
N SER A 62 9.12 -0.63 -3.58
CA SER A 62 8.09 -0.94 -4.56
C SER A 62 8.72 -1.31 -5.91
N SER A 63 9.96 -1.78 -5.86
CA SER A 63 10.68 -2.16 -7.08
C SER A 63 10.36 -1.20 -8.22
N LEU A 64 10.47 0.09 -7.94
CA LEU A 64 10.20 1.12 -8.95
C LEU A 64 11.48 1.50 -9.69
N ARG A 65 11.34 2.38 -10.68
CA ARG A 65 12.48 2.82 -11.46
C ARG A 65 13.24 3.93 -10.73
N PRO A 66 14.50 4.17 -11.14
CA PRO A 66 15.35 5.19 -10.55
C PRO A 66 14.88 6.61 -10.87
N ASN A 67 14.37 7.30 -9.86
CA ASN A 67 13.88 8.66 -10.03
C ASN A 67 12.55 8.67 -10.79
N SER A 68 11.66 7.76 -10.40
CA SER A 68 10.35 7.67 -11.03
C SER A 68 9.59 8.98 -10.90
N LYS A 69 8.34 8.98 -11.36
CA LYS A 69 7.49 10.17 -11.29
C LYS A 69 6.21 9.88 -10.51
N LYS A 70 5.60 8.74 -10.79
CA LYS A 70 4.37 8.35 -10.10
C LYS A 70 4.34 6.84 -9.86
N TRP A 71 3.69 6.43 -8.77
CA TRP A 71 3.59 5.02 -8.42
C TRP A 71 2.14 4.61 -8.24
N GLU A 72 1.81 3.40 -8.68
CA GLU A 72 0.44 2.89 -8.56
C GLU A 72 0.39 1.73 -7.59
N CYS A 73 -0.67 1.68 -6.79
CA CYS A 73 -0.85 0.61 -5.81
C CYS A 73 -1.39 -0.66 -6.48
N ASN A 74 -1.34 -1.77 -5.75
CA ASN A 74 -1.82 -3.04 -6.27
C ASN A 74 -3.24 -2.91 -6.79
N GLU A 75 -4.13 -2.39 -5.96
CA GLU A 75 -5.53 -2.22 -6.35
C GLU A 75 -5.64 -1.65 -7.76
N CYS A 76 -4.78 -0.68 -8.07
CA CYS A 76 -4.78 -0.05 -9.38
C CYS A 76 -4.06 -0.93 -10.40
N LEU A 77 -2.78 -1.20 -10.14
CA LEU A 77 -1.98 -2.03 -11.04
C LEU A 77 -2.83 -3.12 -11.67
N PRO A 78 -2.42 -3.56 -12.87
CA PRO A 78 -3.13 -4.61 -13.61
C PRO A 78 -2.98 -5.98 -12.96
N ALA A 79 -3.87 -6.28 -12.01
CA ALA A 79 -3.84 -7.55 -11.30
C ALA A 79 -4.40 -8.67 -12.18
N SER A 80 -3.64 -9.76 -12.28
CA SER A 80 -4.05 -10.90 -13.10
C SER A 80 -3.18 -12.11 -12.80
N GLY A 81 -3.79 -13.30 -12.86
CA GLY A 81 -3.05 -14.52 -12.60
C GLY A 81 -3.56 -15.26 -11.38
N PRO A 82 -2.63 -15.71 -10.52
CA PRO A 82 -2.97 -16.44 -9.30
C PRO A 82 -3.64 -15.55 -8.26
N SER A 83 -4.73 -16.05 -7.67
CA SER A 83 -5.45 -15.30 -6.66
C SER A 83 -5.91 -16.21 -5.53
N SER A 84 -5.63 -15.79 -4.29
CA SER A 84 -5.99 -16.58 -3.12
C SER A 84 -6.61 -15.69 -2.04
N GLY A 85 -7.74 -16.13 -1.50
CA GLY A 85 -8.41 -15.35 -0.47
C GLY A 85 -9.57 -16.11 0.16
N GLY A 1 -11.04 -40.50 -9.67
CA GLY A 1 -10.58 -39.15 -9.38
C GLY A 1 -11.73 -38.19 -9.13
N SER A 2 -11.40 -36.98 -8.71
CA SER A 2 -12.40 -35.95 -8.43
C SER A 2 -11.75 -34.61 -8.17
N SER A 3 -12.58 -33.58 -7.97
CA SER A 3 -12.08 -32.23 -7.72
C SER A 3 -12.62 -31.71 -6.40
N GLY A 4 -12.21 -30.49 -6.03
CA GLY A 4 -12.66 -29.89 -4.80
C GLY A 4 -12.95 -28.41 -4.94
N SER A 5 -13.09 -27.72 -3.82
CA SER A 5 -13.38 -26.29 -3.83
C SER A 5 -12.72 -25.59 -2.63
N SER A 6 -12.68 -24.27 -2.68
CA SER A 6 -12.08 -23.49 -1.60
C SER A 6 -12.53 -22.03 -1.67
N GLY A 7 -12.72 -21.42 -0.51
CA GLY A 7 -13.14 -20.03 -0.46
C GLY A 7 -11.98 -19.07 -0.60
N GLU A 8 -12.28 -17.82 -0.96
CA GLU A 8 -11.25 -16.81 -1.13
C GLU A 8 -11.48 -15.64 -0.17
N LEU A 9 -10.44 -15.30 0.59
CA LEU A 9 -10.53 -14.21 1.55
C LEU A 9 -9.27 -13.35 1.51
N GLU A 10 -9.42 -12.08 1.86
CA GLU A 10 -8.30 -11.14 1.86
C GLU A 10 -8.00 -10.65 3.26
N PRO A 11 -6.78 -10.91 3.74
CA PRO A 11 -6.34 -10.49 5.07
C PRO A 11 -6.16 -8.98 5.18
N GLY A 12 -6.16 -8.48 6.41
CA GLY A 12 -5.99 -7.05 6.63
C GLY A 12 -7.23 -6.26 6.26
N ALA A 13 -7.48 -6.13 4.96
CA ALA A 13 -8.64 -5.39 4.48
C ALA A 13 -8.88 -4.13 5.32
N PHE A 14 -7.80 -3.49 5.72
CA PHE A 14 -7.89 -2.27 6.54
C PHE A 14 -8.52 -1.14 5.74
N SER A 15 -9.55 -0.53 6.31
CA SER A 15 -10.25 0.57 5.66
C SER A 15 -9.43 1.86 5.74
N GLU A 16 -9.92 2.90 5.07
CA GLU A 16 -9.24 4.19 5.07
C GLU A 16 -9.36 4.88 6.43
N LEU A 17 -8.57 5.92 6.63
CA LEU A 17 -8.58 6.66 7.90
C LEU A 17 -8.44 8.15 7.65
N TYR A 18 -8.62 8.94 8.71
CA TYR A 18 -8.51 10.40 8.61
C TYR A 18 -7.06 10.82 8.45
N GLN A 19 -6.19 10.24 9.27
CA GLN A 19 -4.76 10.56 9.22
C GLN A 19 -4.12 10.04 7.93
N ARG A 20 -2.97 10.60 7.59
CA ARG A 20 -2.26 10.19 6.39
C ARG A 20 -2.02 8.69 6.37
N TYR A 21 -2.14 8.08 5.20
CA TYR A 21 -1.94 6.64 5.05
C TYR A 21 -0.46 6.31 4.92
N ARG A 22 0.09 5.66 5.93
CA ARG A 22 1.50 5.28 5.94
C ARG A 22 1.66 3.81 6.31
N HIS A 23 1.70 2.95 5.29
CA HIS A 23 1.85 1.52 5.52
C HIS A 23 2.50 0.85 4.31
N CYS A 24 3.74 0.39 4.48
CA CYS A 24 4.47 -0.26 3.41
C CYS A 24 3.66 -1.41 2.81
N ASP A 25 3.42 -1.34 1.51
CA ASP A 25 2.65 -2.37 0.81
C ASP A 25 3.35 -2.79 -0.47
N ALA A 26 4.68 -2.70 -0.48
CA ALA A 26 5.47 -3.08 -1.64
C ALA A 26 5.76 -4.58 -1.65
N PRO A 27 6.26 -5.07 -2.79
CA PRO A 27 6.59 -6.49 -2.96
C PRO A 27 7.80 -6.90 -2.12
N ILE A 28 8.89 -6.14 -2.27
CA ILE A 28 10.11 -6.42 -1.53
C ILE A 28 10.58 -5.20 -0.74
N CYS A 29 10.98 -5.43 0.50
CA CYS A 29 11.44 -4.35 1.37
C CYS A 29 12.89 -4.58 1.78
N LEU A 30 13.76 -3.62 1.46
CA LEU A 30 15.17 -3.70 1.79
C LEU A 30 15.47 -2.95 3.08
N TYR A 31 14.72 -1.89 3.33
CA TYR A 31 14.90 -1.07 4.53
C TYR A 31 14.73 -1.92 5.79
N GLU A 32 15.83 -2.16 6.49
CA GLU A 32 15.80 -2.96 7.71
C GLU A 32 14.52 -2.70 8.49
N GLN A 33 14.21 -1.43 8.72
CA GLN A 33 13.01 -1.05 9.46
C GLN A 33 11.79 -1.79 8.92
N GLY A 34 11.44 -1.52 7.66
CA GLY A 34 10.30 -2.17 7.05
C GLY A 34 9.00 -1.45 7.34
N ARG A 35 8.87 -0.95 8.57
CA ARG A 35 7.67 -0.24 8.98
C ARG A 35 7.40 0.96 8.06
N ASP A 36 6.40 1.75 8.40
CA ASP A 36 6.04 2.92 7.61
C ASP A 36 6.99 4.09 7.91
N SER A 37 8.29 3.79 7.96
CA SER A 37 9.30 4.80 8.24
C SER A 37 9.96 5.28 6.95
N PHE A 38 9.72 6.54 6.60
CA PHE A 38 10.30 7.12 5.40
C PHE A 38 10.89 8.49 5.68
N GLU A 39 11.63 9.03 4.72
CA GLU A 39 12.25 10.34 4.86
C GLU A 39 11.69 11.32 3.84
N ASP A 40 11.83 12.62 4.13
CA ASP A 40 11.34 13.66 3.23
C ASP A 40 12.06 13.59 1.88
N GLU A 41 13.32 13.17 1.91
CA GLU A 41 14.11 13.08 0.70
C GLU A 41 15.04 11.86 0.74
N GLY A 42 15.02 11.08 -0.33
CA GLY A 42 15.86 9.89 -0.39
C GLY A 42 15.12 8.69 -0.95
N ARG A 43 15.83 7.59 -1.13
CA ARG A 43 15.25 6.36 -1.67
C ARG A 43 14.23 5.78 -0.69
N TRP A 44 14.36 6.15 0.59
CA TRP A 44 13.45 5.66 1.62
C TRP A 44 12.34 6.67 1.88
N ARG A 45 11.82 7.26 0.82
CA ARG A 45 10.75 8.25 0.93
C ARG A 45 9.38 7.58 0.77
N LEU A 46 8.39 8.12 1.48
CA LEU A 46 7.03 7.58 1.40
C LEU A 46 6.34 8.01 0.12
N ILE A 47 6.14 7.05 -0.78
CA ILE A 47 5.49 7.32 -2.06
C ILE A 47 4.04 6.83 -2.05
N LEU A 48 3.11 7.77 -2.19
CA LEU A 48 1.69 7.44 -2.21
C LEU A 48 1.17 7.30 -3.63
N CYS A 49 0.30 6.33 -3.85
CA CYS A 49 -0.27 6.10 -5.17
C CYS A 49 -0.71 7.41 -5.82
N ALA A 50 -0.88 7.40 -7.13
CA ALA A 50 -1.29 8.59 -7.87
C ALA A 50 -2.70 8.43 -8.42
N THR A 51 -2.97 7.27 -9.00
CA THR A 51 -4.29 6.99 -9.57
C THR A 51 -5.38 7.15 -8.52
N CYS A 52 -5.12 6.66 -7.32
CA CYS A 52 -6.09 6.76 -6.23
C CYS A 52 -5.50 7.52 -5.04
N GLY A 53 -4.22 7.30 -4.79
CA GLY A 53 -3.56 7.97 -3.69
C GLY A 53 -4.06 7.49 -2.33
N SER A 54 -3.89 6.19 -2.07
CA SER A 54 -4.32 5.61 -0.81
C SER A 54 -3.19 4.80 -0.17
N HIS A 55 -2.50 4.01 -0.98
CA HIS A 55 -1.40 3.19 -0.50
C HIS A 55 -0.16 4.04 -0.26
N GLY A 56 0.80 3.48 0.48
CA GLY A 56 2.03 4.20 0.77
C GLY A 56 3.18 3.27 1.10
N THR A 57 4.24 3.33 0.29
CA THR A 57 5.40 2.49 0.49
C THR A 57 6.68 3.21 0.05
N HIS A 58 7.82 2.66 0.46
CA HIS A 58 9.11 3.25 0.11
C HIS A 58 9.31 3.25 -1.40
N ARG A 59 10.39 3.90 -1.85
CA ARG A 59 10.69 3.97 -3.27
C ARG A 59 11.35 2.69 -3.75
N ASP A 60 12.57 2.45 -3.27
CA ASP A 60 13.31 1.25 -3.66
C ASP A 60 12.54 -0.01 -3.30
N CYS A 61 11.73 0.08 -2.25
CA CYS A 61 10.94 -1.06 -1.79
C CYS A 61 9.95 -1.50 -2.88
N SER A 62 9.41 -0.53 -3.61
CA SER A 62 8.45 -0.80 -4.67
C SER A 62 9.16 -1.15 -5.96
N SER A 63 10.41 -1.60 -5.85
CA SER A 63 11.20 -1.97 -7.02
C SER A 63 11.08 -0.91 -8.12
N LEU A 64 11.00 0.35 -7.70
CA LEU A 64 10.88 1.45 -8.64
C LEU A 64 12.25 1.94 -9.09
N ARG A 65 12.27 3.01 -9.89
CA ARG A 65 13.52 3.58 -10.37
C ARG A 65 13.89 4.84 -9.60
N PRO A 66 15.16 5.24 -9.70
CA PRO A 66 15.68 6.44 -9.01
C PRO A 66 15.11 7.72 -9.60
N ASN A 67 14.83 7.71 -10.90
CA ASN A 67 14.30 8.88 -11.58
C ASN A 67 12.86 8.64 -12.02
N SER A 68 12.08 8.01 -11.14
CA SER A 68 10.67 7.72 -11.44
C SER A 68 9.83 8.99 -11.37
N LYS A 69 8.56 8.87 -11.76
CA LYS A 69 7.65 10.00 -11.74
C LYS A 69 6.47 9.73 -10.81
N LYS A 70 5.70 8.68 -11.11
CA LYS A 70 4.55 8.31 -10.30
C LYS A 70 4.43 6.80 -10.19
N TRP A 71 3.93 6.34 -9.05
CA TRP A 71 3.76 4.90 -8.82
C TRP A 71 2.30 4.58 -8.49
N GLU A 72 1.86 3.41 -8.94
CA GLU A 72 0.48 2.98 -8.69
C GLU A 72 0.45 1.81 -7.72
N CYS A 73 -0.64 1.73 -6.94
CA CYS A 73 -0.79 0.65 -5.97
C CYS A 73 -1.39 -0.59 -6.62
N ASN A 74 -1.46 -1.68 -5.86
CA ASN A 74 -2.00 -2.93 -6.36
C ASN A 74 -3.43 -2.75 -6.86
N GLU A 75 -4.31 -2.34 -5.97
CA GLU A 75 -5.72 -2.12 -6.31
C GLU A 75 -5.84 -1.55 -7.73
N CYS A 76 -4.93 -0.67 -8.08
CA CYS A 76 -4.93 -0.05 -9.40
C CYS A 76 -4.27 -0.95 -10.43
N LEU A 77 -3.04 -1.38 -10.13
CA LEU A 77 -2.30 -2.26 -11.03
C LEU A 77 -3.13 -3.47 -11.43
N PRO A 78 -2.89 -3.98 -12.64
CA PRO A 78 -3.61 -5.14 -13.16
C PRO A 78 -3.23 -6.44 -12.44
N ALA A 79 -4.09 -6.85 -11.51
CA ALA A 79 -3.84 -8.07 -10.75
C ALA A 79 -4.86 -9.14 -11.09
N SER A 80 -4.50 -10.02 -12.03
CA SER A 80 -5.39 -11.10 -12.46
C SER A 80 -6.83 -10.60 -12.56
N GLY A 81 -6.99 -9.38 -13.08
CA GLY A 81 -8.33 -8.82 -13.23
C GLY A 81 -8.63 -7.78 -12.17
N PRO A 82 -9.92 -7.47 -12.02
CA PRO A 82 -10.38 -6.48 -11.03
C PRO A 82 -10.23 -6.97 -9.59
N SER A 83 -9.07 -6.70 -9.00
CA SER A 83 -8.80 -7.13 -7.63
C SER A 83 -9.64 -6.33 -6.63
N SER A 84 -10.33 -7.03 -5.75
CA SER A 84 -11.18 -6.40 -4.75
C SER A 84 -10.35 -5.94 -3.55
N GLY A 85 -9.18 -5.36 -3.84
CA GLY A 85 -8.31 -4.89 -2.77
C GLY A 85 -6.85 -4.96 -3.15
N GLY A 1 -37.37 -7.59 31.84
CA GLY A 1 -36.38 -8.07 30.89
C GLY A 1 -34.99 -8.14 31.49
N SER A 2 -34.00 -8.45 30.66
CA SER A 2 -32.62 -8.55 31.11
C SER A 2 -31.67 -7.93 30.10
N SER A 3 -30.38 -7.92 30.43
CA SER A 3 -29.37 -7.35 29.55
C SER A 3 -28.13 -8.24 29.50
N GLY A 4 -27.18 -7.89 28.65
CA GLY A 4 -25.97 -8.66 28.52
C GLY A 4 -24.72 -7.82 28.75
N SER A 5 -23.60 -8.25 28.16
CA SER A 5 -22.34 -7.53 28.31
C SER A 5 -21.30 -8.08 27.35
N SER A 6 -20.21 -7.32 27.17
CA SER A 6 -19.14 -7.73 26.28
C SER A 6 -18.31 -8.85 26.90
N GLY A 7 -17.34 -9.35 26.14
CA GLY A 7 -16.49 -10.42 26.63
C GLY A 7 -15.01 -10.10 26.48
N GLU A 8 -14.21 -11.14 26.27
CA GLU A 8 -12.77 -10.97 26.12
C GLU A 8 -12.46 -9.90 25.07
N LEU A 9 -11.18 -9.56 24.94
CA LEU A 9 -10.75 -8.55 23.98
C LEU A 9 -10.75 -9.11 22.56
N GLU A 10 -10.80 -8.22 21.58
CA GLU A 10 -10.80 -8.63 20.18
C GLU A 10 -9.40 -8.53 19.58
N PRO A 11 -9.05 -9.52 18.75
CA PRO A 11 -7.74 -9.57 18.10
C PRO A 11 -7.58 -8.50 17.03
N GLY A 12 -6.33 -8.15 16.73
CA GLY A 12 -6.07 -7.13 15.73
C GLY A 12 -7.00 -5.95 15.84
N ALA A 13 -6.99 -5.29 17.00
CA ALA A 13 -7.84 -4.13 17.24
C ALA A 13 -7.02 -2.85 17.31
N PHE A 14 -6.62 -2.34 16.16
CA PHE A 14 -5.83 -1.11 16.09
C PHE A 14 -6.10 -0.35 14.81
N SER A 15 -6.40 0.94 14.94
CA SER A 15 -6.68 1.78 13.77
C SER A 15 -5.75 2.98 13.73
N GLU A 16 -5.28 3.32 12.54
CA GLU A 16 -4.38 4.45 12.36
C GLU A 16 -5.07 5.58 11.60
N LEU A 17 -4.43 6.74 11.58
CA LEU A 17 -4.97 7.91 10.89
C LEU A 17 -5.60 7.51 9.55
N TYR A 18 -6.78 8.05 9.28
CA TYR A 18 -7.50 7.75 8.04
C TYR A 18 -7.11 8.74 6.94
N GLN A 19 -7.06 10.02 7.31
CA GLN A 19 -6.71 11.07 6.35
C GLN A 19 -5.37 10.77 5.68
N ARG A 20 -4.33 10.62 6.49
CA ARG A 20 -3.00 10.34 5.97
C ARG A 20 -2.67 8.86 6.10
N TYR A 21 -2.64 8.16 4.98
CA TYR A 21 -2.34 6.73 4.97
C TYR A 21 -0.85 6.49 4.72
N ARG A 22 -0.18 5.90 5.70
CA ARG A 22 1.23 5.61 5.60
C ARG A 22 1.54 4.20 6.08
N HIS A 23 1.57 3.25 5.15
CA HIS A 23 1.86 1.87 5.47
C HIS A 23 2.49 1.14 4.29
N CYS A 24 3.75 0.76 4.44
CA CYS A 24 4.48 0.06 3.39
C CYS A 24 3.64 -1.09 2.82
N ASP A 25 3.18 -0.91 1.59
CA ASP A 25 2.37 -1.94 0.93
C ASP A 25 3.01 -2.38 -0.38
N ALA A 26 4.33 -2.59 -0.34
CA ALA A 26 5.06 -3.02 -1.53
C ALA A 26 5.28 -4.54 -1.52
N PRO A 27 5.71 -5.07 -2.67
CA PRO A 27 5.96 -6.51 -2.83
C PRO A 27 7.18 -6.97 -2.04
N ILE A 28 8.23 -6.16 -2.05
CA ILE A 28 9.46 -6.49 -1.33
C ILE A 28 10.08 -5.24 -0.70
N CYS A 29 10.56 -5.38 0.53
CA CYS A 29 11.19 -4.26 1.23
C CYS A 29 12.66 -4.54 1.49
N LEU A 30 13.50 -3.54 1.23
CA LEU A 30 14.94 -3.68 1.42
C LEU A 30 15.39 -2.89 2.66
N TYR A 31 14.73 -1.77 2.91
CA TYR A 31 15.07 -0.93 4.05
C TYR A 31 15.05 -1.74 5.35
N GLU A 32 16.24 -1.92 5.92
CA GLU A 32 16.36 -2.69 7.17
C GLU A 32 15.13 -2.48 8.05
N GLN A 33 14.71 -1.22 8.19
CA GLN A 33 13.55 -0.89 9.02
C GLN A 33 12.37 -1.79 8.67
N GLY A 34 11.87 -1.67 7.45
CA GLY A 34 10.74 -2.48 7.02
C GLY A 34 9.41 -1.78 7.23
N ARG A 35 9.15 -1.35 8.47
CA ARG A 35 7.91 -0.67 8.80
C ARG A 35 7.71 0.56 7.91
N ASP A 36 6.67 1.33 8.21
CA ASP A 36 6.37 2.53 7.44
C ASP A 36 7.29 3.67 7.85
N SER A 37 8.59 3.38 7.96
CA SER A 37 9.57 4.38 8.35
C SER A 37 10.31 4.92 7.13
N PHE A 38 10.13 6.21 6.87
CA PHE A 38 10.78 6.85 5.73
C PHE A 38 11.50 8.13 6.15
N GLU A 39 12.31 8.67 5.26
CA GLU A 39 13.06 9.89 5.54
C GLU A 39 12.49 11.08 4.76
N ASP A 40 12.93 12.28 5.12
CA ASP A 40 12.47 13.49 4.45
C ASP A 40 12.31 13.26 2.94
N GLU A 41 13.31 12.62 2.34
CA GLU A 41 13.29 12.34 0.91
C GLU A 41 14.43 11.42 0.52
N GLY A 42 14.31 10.79 -0.63
CA GLY A 42 15.34 9.88 -1.12
C GLY A 42 14.81 8.50 -1.41
N ARG A 43 15.72 7.57 -1.69
CA ARG A 43 15.33 6.19 -1.99
C ARG A 43 14.31 5.68 -0.98
N TRP A 44 14.48 6.05 0.27
CA TRP A 44 13.58 5.63 1.34
C TRP A 44 12.53 6.69 1.61
N ARG A 45 11.96 7.24 0.54
CA ARG A 45 10.94 8.28 0.67
C ARG A 45 9.54 7.70 0.48
N LEU A 46 8.65 7.98 1.42
CA LEU A 46 7.28 7.48 1.35
C LEU A 46 6.57 8.01 0.11
N ILE A 47 6.13 7.10 -0.75
CA ILE A 47 5.44 7.47 -1.96
C ILE A 47 3.97 7.01 -1.93
N LEU A 48 3.07 7.95 -2.16
CA LEU A 48 1.64 7.64 -2.16
C LEU A 48 1.12 7.48 -3.59
N CYS A 49 0.27 6.47 -3.78
CA CYS A 49 -0.31 6.20 -5.09
C CYS A 49 -0.77 7.50 -5.76
N ALA A 50 -0.80 7.50 -7.09
CA ALA A 50 -1.22 8.66 -7.84
C ALA A 50 -2.65 8.50 -8.36
N THR A 51 -2.95 7.31 -8.86
CA THR A 51 -4.29 7.02 -9.38
C THR A 51 -5.35 7.25 -8.32
N CYS A 52 -5.16 6.64 -7.15
CA CYS A 52 -6.11 6.77 -6.05
C CYS A 52 -5.53 7.62 -4.93
N GLY A 53 -4.29 7.31 -4.54
CA GLY A 53 -3.64 8.05 -3.47
C GLY A 53 -4.08 7.60 -2.10
N SER A 54 -3.98 6.30 -1.83
CA SER A 54 -4.38 5.75 -0.55
C SER A 54 -3.25 4.93 0.06
N HIS A 55 -2.62 4.10 -0.76
CA HIS A 55 -1.52 3.25 -0.29
C HIS A 55 -0.22 4.05 -0.20
N GLY A 56 0.72 3.56 0.59
CA GLY A 56 1.99 4.25 0.75
C GLY A 56 3.15 3.28 0.96
N THR A 57 4.18 3.42 0.15
CA THR A 57 5.35 2.56 0.25
C THR A 57 6.62 3.28 -0.21
N HIS A 58 7.77 2.82 0.28
CA HIS A 58 9.05 3.42 -0.09
C HIS A 58 9.23 3.43 -1.60
N ARG A 59 10.34 4.02 -2.05
CA ARG A 59 10.63 4.11 -3.47
C ARG A 59 11.11 2.76 -4.01
N ASP A 60 12.30 2.35 -3.56
CA ASP A 60 12.89 1.09 -4.00
C ASP A 60 12.00 -0.09 -3.58
N CYS A 61 11.45 -0.01 -2.38
CA CYS A 61 10.59 -1.07 -1.86
C CYS A 61 9.54 -1.47 -2.90
N SER A 62 9.00 -0.47 -3.59
CA SER A 62 7.98 -0.72 -4.61
C SER A 62 8.63 -1.09 -5.95
N SER A 63 9.80 -1.73 -5.87
CA SER A 63 10.52 -2.13 -7.07
C SER A 63 10.38 -1.09 -8.18
N LEU A 64 10.49 0.18 -7.80
CA LEU A 64 10.38 1.28 -8.74
C LEU A 64 11.70 1.51 -9.49
N ARG A 65 11.72 2.52 -10.34
CA ARG A 65 12.92 2.85 -11.10
C ARG A 65 13.46 4.21 -10.70
N PRO A 66 14.74 4.46 -11.03
CA PRO A 66 15.41 5.73 -10.71
C PRO A 66 14.87 6.88 -11.54
N ASN A 67 13.86 6.61 -12.35
CA ASN A 67 13.26 7.64 -13.20
C ASN A 67 11.77 7.79 -12.89
N SER A 68 11.10 6.67 -12.66
CA SER A 68 9.68 6.69 -12.36
C SER A 68 9.31 7.90 -11.51
N LYS A 69 8.30 8.63 -11.93
CA LYS A 69 7.84 9.82 -11.22
C LYS A 69 6.78 9.46 -10.18
N LYS A 70 5.72 8.80 -10.65
CA LYS A 70 4.63 8.39 -9.78
C LYS A 70 4.54 6.87 -9.68
N TRP A 71 3.97 6.38 -8.59
CA TRP A 71 3.81 4.95 -8.38
C TRP A 71 2.35 4.58 -8.16
N GLU A 72 1.95 3.41 -8.66
CA GLU A 72 0.58 2.95 -8.51
C GLU A 72 0.51 1.76 -7.54
N CYS A 73 -0.56 1.72 -6.76
CA CYS A 73 -0.75 0.64 -5.80
C CYS A 73 -1.25 -0.62 -6.48
N ASN A 74 -1.31 -1.72 -5.72
CA ASN A 74 -1.76 -3.00 -6.26
C ASN A 74 -3.17 -2.88 -6.83
N GLU A 75 -4.09 -2.42 -6.00
CA GLU A 75 -5.49 -2.26 -6.42
C GLU A 75 -5.57 -1.69 -7.83
N CYS A 76 -4.73 -0.69 -8.11
CA CYS A 76 -4.71 -0.06 -9.42
C CYS A 76 -3.97 -0.92 -10.43
N LEU A 77 -2.77 -1.36 -10.05
CA LEU A 77 -1.95 -2.20 -10.93
C LEU A 77 -2.76 -3.39 -11.43
N PRO A 78 -2.34 -3.94 -12.58
CA PRO A 78 -3.01 -5.10 -13.20
C PRO A 78 -2.78 -6.38 -12.41
N ALA A 79 -3.35 -7.48 -12.90
CA ALA A 79 -3.21 -8.77 -12.24
C ALA A 79 -3.01 -9.89 -13.26
N SER A 80 -2.03 -10.75 -13.02
CA SER A 80 -1.74 -11.86 -13.91
C SER A 80 -2.45 -13.12 -13.45
N GLY A 81 -3.54 -13.47 -14.12
CA GLY A 81 -4.30 -14.65 -13.77
C GLY A 81 -4.87 -14.58 -12.36
N PRO A 82 -5.18 -15.75 -11.79
CA PRO A 82 -5.74 -15.85 -10.44
C PRO A 82 -4.73 -15.47 -9.36
N SER A 83 -5.21 -15.24 -8.15
CA SER A 83 -4.35 -14.88 -7.04
C SER A 83 -4.30 -15.99 -5.99
N SER A 84 -5.47 -16.54 -5.67
CA SER A 84 -5.57 -17.60 -4.68
C SER A 84 -4.56 -17.40 -3.56
N GLY A 85 -4.41 -16.17 -3.11
CA GLY A 85 -3.47 -15.86 -2.04
C GLY A 85 -3.62 -14.44 -1.53
N GLY A 1 -45.94 -24.33 6.13
CA GLY A 1 -44.70 -23.62 6.38
C GLY A 1 -43.84 -23.50 5.13
N SER A 2 -42.90 -22.57 5.15
CA SER A 2 -42.01 -22.34 4.02
C SER A 2 -40.68 -21.75 4.46
N SER A 3 -39.76 -21.59 3.51
CA SER A 3 -38.45 -21.04 3.82
C SER A 3 -37.98 -20.11 2.70
N GLY A 4 -36.85 -19.45 2.92
CA GLY A 4 -36.31 -18.54 1.93
C GLY A 4 -34.81 -18.71 1.73
N SER A 5 -34.16 -17.67 1.25
CA SER A 5 -32.72 -17.71 1.01
C SER A 5 -32.04 -16.50 1.62
N SER A 6 -30.76 -16.66 1.97
CA SER A 6 -29.99 -15.58 2.58
C SER A 6 -29.38 -14.68 1.51
N GLY A 7 -28.86 -13.53 1.94
CA GLY A 7 -28.25 -12.60 0.99
C GLY A 7 -26.74 -12.63 1.05
N GLU A 8 -26.12 -11.47 0.85
CA GLU A 8 -24.67 -11.37 0.88
C GLU A 8 -24.22 -9.98 1.33
N LEU A 9 -23.11 -9.92 2.04
CA LEU A 9 -22.58 -8.66 2.54
C LEU A 9 -22.23 -7.73 1.38
N GLU A 10 -21.88 -6.48 1.70
CA GLU A 10 -21.52 -5.50 0.69
C GLU A 10 -20.06 -5.10 0.83
N PRO A 11 -19.33 -5.16 -0.29
CA PRO A 11 -17.90 -4.80 -0.32
C PRO A 11 -17.68 -3.30 -0.15
N GLY A 12 -16.43 -2.93 0.13
CA GLY A 12 -16.10 -1.53 0.31
C GLY A 12 -17.18 -0.78 1.07
N ALA A 13 -17.37 -1.14 2.33
CA ALA A 13 -18.38 -0.51 3.18
C ALA A 13 -17.73 0.26 4.33
N PHE A 14 -16.56 0.85 4.05
CA PHE A 14 -15.84 1.61 5.07
C PHE A 14 -15.87 3.10 4.77
N SER A 15 -15.63 3.91 5.79
CA SER A 15 -15.64 5.36 5.62
C SER A 15 -14.22 5.90 5.45
N GLU A 16 -14.10 7.07 4.84
CA GLU A 16 -12.79 7.69 4.63
C GLU A 16 -12.09 7.96 5.95
N LEU A 17 -10.80 8.30 5.87
CA LEU A 17 -10.01 8.59 7.05
C LEU A 17 -9.32 9.95 6.94
N TYR A 18 -9.16 10.62 8.07
CA TYR A 18 -8.52 11.93 8.10
C TYR A 18 -7.00 11.78 8.09
N GLN A 19 -6.47 11.06 9.06
CA GLN A 19 -5.03 10.85 9.17
C GLN A 19 -4.44 10.43 7.82
N ARG A 20 -3.13 10.62 7.67
CA ARG A 20 -2.45 10.27 6.44
C ARG A 20 -2.16 8.77 6.38
N TYR A 21 -2.13 8.22 5.18
CA TYR A 21 -1.87 6.80 4.98
C TYR A 21 -0.38 6.52 4.94
N ARG A 22 0.13 5.85 5.97
CA ARG A 22 1.54 5.53 6.06
C ARG A 22 1.74 4.06 6.45
N HIS A 23 1.68 3.18 5.45
CA HIS A 23 1.85 1.75 5.68
C HIS A 23 2.47 1.07 4.46
N CYS A 24 3.67 0.54 4.62
CA CYS A 24 4.36 -0.13 3.54
C CYS A 24 3.55 -1.33 3.02
N ASP A 25 3.24 -1.31 1.73
CA ASP A 25 2.46 -2.38 1.12
C ASP A 25 3.12 -2.86 -0.17
N ALA A 26 4.44 -2.66 -0.26
CA ALA A 26 5.19 -3.08 -1.44
C ALA A 26 5.37 -4.59 -1.47
N PRO A 27 5.84 -5.11 -2.61
CA PRO A 27 6.08 -6.54 -2.80
C PRO A 27 7.25 -7.06 -1.97
N ILE A 28 8.38 -6.37 -2.07
CA ILE A 28 9.58 -6.75 -1.33
C ILE A 28 10.19 -5.55 -0.61
N CYS A 29 10.53 -5.74 0.66
CA CYS A 29 11.12 -4.67 1.46
C CYS A 29 12.55 -5.03 1.86
N LEU A 30 13.45 -4.07 1.70
CA LEU A 30 14.86 -4.28 2.05
C LEU A 30 15.20 -3.57 3.36
N TYR A 31 14.50 -2.48 3.63
CA TYR A 31 14.73 -1.70 4.85
C TYR A 31 14.51 -2.56 6.10
N GLU A 32 15.59 -2.82 6.83
CA GLU A 32 15.51 -3.62 8.04
C GLU A 32 14.21 -3.35 8.80
N GLN A 33 13.98 -2.08 9.13
CA GLN A 33 12.79 -1.69 9.85
C GLN A 33 11.53 -2.14 9.11
N GLY A 34 11.57 -2.06 7.79
CA GLY A 34 10.42 -2.46 6.98
C GLY A 34 9.11 -1.97 7.55
N ARG A 35 9.15 -0.80 8.19
CA ARG A 35 7.95 -0.22 8.78
C ARG A 35 7.52 1.03 8.02
N ASP A 36 6.53 1.73 8.55
CA ASP A 36 6.02 2.95 7.93
C ASP A 36 6.98 4.12 8.17
N SER A 37 8.27 3.87 7.98
CA SER A 37 9.28 4.90 8.18
C SER A 37 9.89 5.34 6.85
N PHE A 38 10.01 6.66 6.68
CA PHE A 38 10.57 7.20 5.45
C PHE A 38 11.29 8.52 5.73
N GLU A 39 12.18 8.91 4.82
CA GLU A 39 12.93 10.16 4.96
C GLU A 39 12.35 11.26 4.08
N ASP A 40 12.75 12.49 4.34
CA ASP A 40 12.27 13.63 3.57
C ASP A 40 12.21 13.28 2.08
N GLU A 41 13.21 12.56 1.60
CA GLU A 41 13.27 12.17 0.20
C GLU A 41 14.43 11.21 -0.05
N GLY A 42 14.44 10.59 -1.23
CA GLY A 42 15.50 9.66 -1.57
C GLY A 42 14.96 8.33 -2.07
N ARG A 43 15.42 7.24 -1.46
CA ARG A 43 14.98 5.91 -1.86
C ARG A 43 13.95 5.36 -0.87
N TRP A 44 14.11 5.71 0.40
CA TRP A 44 13.20 5.26 1.43
C TRP A 44 12.15 6.32 1.74
N ARG A 45 11.66 6.98 0.69
CA ARG A 45 10.65 8.02 0.84
C ARG A 45 9.25 7.43 0.76
N LEU A 46 8.29 8.12 1.38
CA LEU A 46 6.91 7.66 1.36
C LEU A 46 6.20 8.08 0.08
N ILE A 47 6.09 7.15 -0.86
CA ILE A 47 5.44 7.43 -2.13
C ILE A 47 3.97 7.01 -2.10
N LEU A 48 3.09 7.97 -2.27
CA LEU A 48 1.65 7.71 -2.26
C LEU A 48 1.12 7.52 -3.68
N CYS A 49 0.17 6.60 -3.83
CA CYS A 49 -0.41 6.31 -5.13
C CYS A 49 -0.82 7.60 -5.84
N ALA A 50 -0.95 7.53 -7.16
CA ALA A 50 -1.34 8.69 -7.95
C ALA A 50 -2.75 8.52 -8.52
N THR A 51 -3.08 7.29 -8.89
CA THR A 51 -4.40 7.00 -9.44
C THR A 51 -5.50 7.28 -8.44
N CYS A 52 -5.37 6.70 -7.25
CA CYS A 52 -6.36 6.89 -6.19
C CYS A 52 -5.75 7.62 -5.00
N GLY A 53 -4.50 7.30 -4.69
CA GLY A 53 -3.81 7.93 -3.57
C GLY A 53 -4.28 7.39 -2.23
N SER A 54 -4.52 6.09 -2.17
CA SER A 54 -4.98 5.45 -0.95
C SER A 54 -3.96 4.42 -0.45
N HIS A 55 -2.71 4.60 -0.86
CA HIS A 55 -1.64 3.68 -0.47
C HIS A 55 -0.32 4.43 -0.31
N GLY A 56 0.54 3.92 0.57
CA GLY A 56 1.83 4.56 0.80
C GLY A 56 2.93 3.54 1.08
N THR A 57 3.99 3.60 0.28
CA THR A 57 5.11 2.68 0.44
C THR A 57 6.42 3.32 -0.02
N HIS A 58 7.53 2.66 0.28
CA HIS A 58 8.84 3.16 -0.10
C HIS A 58 9.01 3.18 -1.62
N ARG A 59 10.13 3.71 -2.08
CA ARG A 59 10.41 3.78 -3.51
C ARG A 59 11.09 2.50 -4.00
N ASP A 60 12.27 2.22 -3.47
CA ASP A 60 13.03 1.03 -3.85
C ASP A 60 12.26 -0.23 -3.46
N CYS A 61 11.44 -0.13 -2.43
CA CYS A 61 10.65 -1.27 -1.95
C CYS A 61 9.64 -1.71 -3.03
N SER A 62 9.11 -0.74 -3.75
CA SER A 62 8.13 -1.02 -4.79
C SER A 62 8.82 -1.44 -6.09
N SER A 63 10.07 -1.89 -5.97
CA SER A 63 10.84 -2.31 -7.13
C SER A 63 10.73 -1.30 -8.26
N LEU A 64 10.72 -0.02 -7.90
CA LEU A 64 10.61 1.04 -8.89
C LEU A 64 12.00 1.45 -9.41
N ARG A 65 12.01 2.22 -10.48
CA ARG A 65 13.26 2.68 -11.08
C ARG A 65 13.65 4.06 -10.54
N PRO A 66 14.94 4.41 -10.69
CA PRO A 66 15.46 5.70 -10.23
C PRO A 66 14.94 6.87 -11.06
N ASN A 67 14.10 6.56 -12.05
CA ASN A 67 13.53 7.58 -12.92
C ASN A 67 12.05 7.80 -12.61
N SER A 68 11.34 6.70 -12.40
CA SER A 68 9.90 6.77 -12.10
C SER A 68 9.59 7.99 -11.24
N LYS A 69 8.42 8.58 -11.48
CA LYS A 69 7.99 9.76 -10.73
C LYS A 69 6.78 9.44 -9.86
N LYS A 70 5.78 8.79 -10.46
CA LYS A 70 4.58 8.43 -9.73
C LYS A 70 4.41 6.91 -9.69
N TRP A 71 3.85 6.42 -8.59
CA TRP A 71 3.63 4.98 -8.42
C TRP A 71 2.16 4.68 -8.15
N GLU A 72 1.72 3.49 -8.53
CA GLU A 72 0.34 3.08 -8.34
C GLU A 72 0.25 1.90 -7.36
N CYS A 73 -0.83 1.86 -6.59
CA CYS A 73 -1.04 0.79 -5.63
C CYS A 73 -1.42 -0.51 -6.32
N ASN A 74 -1.29 -1.62 -5.60
CA ASN A 74 -1.62 -2.93 -6.16
C ASN A 74 -3.02 -2.93 -6.75
N GLU A 75 -4.00 -2.51 -5.97
CA GLU A 75 -5.39 -2.46 -6.42
C GLU A 75 -5.48 -1.81 -7.79
N CYS A 76 -4.72 -0.74 -8.00
CA CYS A 76 -4.72 -0.02 -9.26
C CYS A 76 -3.96 -0.82 -10.33
N LEU A 77 -2.71 -1.15 -10.04
CA LEU A 77 -1.89 -1.90 -10.97
C LEU A 77 -2.67 -3.04 -11.60
N PRO A 78 -2.27 -3.44 -12.82
CA PRO A 78 -2.92 -4.53 -13.55
C PRO A 78 -2.68 -5.89 -12.91
N ALA A 79 -3.58 -6.30 -12.02
CA ALA A 79 -3.46 -7.57 -11.34
C ALA A 79 -4.74 -8.40 -11.48
N SER A 80 -4.58 -9.71 -11.65
CA SER A 80 -5.72 -10.60 -11.80
C SER A 80 -6.44 -10.81 -10.47
N GLY A 81 -5.65 -11.08 -9.42
CA GLY A 81 -6.23 -11.29 -8.10
C GLY A 81 -7.28 -10.25 -7.75
N PRO A 82 -8.19 -10.61 -6.83
CA PRO A 82 -9.26 -9.71 -6.38
C PRO A 82 -8.74 -8.54 -5.56
N SER A 83 -8.84 -7.33 -6.13
CA SER A 83 -8.38 -6.13 -5.44
C SER A 83 -9.42 -5.64 -4.45
N SER A 84 -8.94 -5.07 -3.34
CA SER A 84 -9.84 -4.57 -2.30
C SER A 84 -9.12 -3.54 -1.43
N GLY A 85 -9.82 -2.48 -1.07
CA GLY A 85 -9.23 -1.44 -0.24
C GLY A 85 -9.27 -1.80 1.23
N GLY A 1 -9.06 -42.80 7.97
CA GLY A 1 -8.83 -41.59 7.21
C GLY A 1 -9.80 -40.48 7.57
N SER A 2 -9.47 -39.26 7.15
CA SER A 2 -10.30 -38.10 7.44
C SER A 2 -10.11 -37.01 6.39
N SER A 3 -10.90 -35.94 6.49
CA SER A 3 -10.82 -34.84 5.56
C SER A 3 -10.75 -33.50 6.29
N GLY A 4 -10.50 -32.43 5.54
CA GLY A 4 -10.41 -31.11 6.14
C GLY A 4 -11.63 -30.26 5.85
N SER A 5 -11.57 -28.99 6.22
CA SER A 5 -12.67 -28.07 6.00
C SER A 5 -12.16 -26.66 5.72
N SER A 6 -12.82 -25.97 4.78
CA SER A 6 -12.42 -24.62 4.41
C SER A 6 -13.27 -23.60 5.15
N GLY A 7 -12.75 -22.38 5.28
CA GLY A 7 -13.47 -21.32 5.96
C GLY A 7 -14.09 -20.33 5.00
N GLU A 8 -14.04 -19.06 5.36
CA GLU A 8 -14.61 -18.00 4.52
C GLU A 8 -14.14 -16.62 4.99
N LEU A 9 -13.92 -15.72 4.05
CA LEU A 9 -13.48 -14.37 4.36
C LEU A 9 -14.66 -13.39 4.33
N GLU A 10 -14.38 -12.13 4.68
CA GLU A 10 -15.41 -11.11 4.69
C GLU A 10 -15.17 -10.09 3.58
N PRO A 11 -16.10 -10.03 2.62
CA PRO A 11 -16.02 -9.10 1.49
C PRO A 11 -16.23 -7.65 1.91
N GLY A 12 -15.47 -6.74 1.31
CA GLY A 12 -15.59 -5.34 1.63
C GLY A 12 -15.27 -5.06 3.09
N ALA A 13 -14.14 -5.56 3.56
CA ALA A 13 -13.74 -5.35 4.95
C ALA A 13 -12.53 -4.42 5.04
N PHE A 14 -12.79 -3.13 5.22
CA PHE A 14 -11.72 -2.15 5.32
C PHE A 14 -12.22 -0.87 5.99
N SER A 15 -11.29 -0.01 6.37
CA SER A 15 -11.63 1.25 7.03
C SER A 15 -10.56 2.31 6.80
N GLU A 16 -10.86 3.54 7.17
CA GLU A 16 -9.91 4.64 6.99
C GLU A 16 -9.21 4.96 8.31
N LEU A 17 -8.21 5.83 8.24
CA LEU A 17 -7.45 6.22 9.43
C LEU A 17 -7.34 7.74 9.52
N TYR A 18 -7.66 8.29 10.69
CA TYR A 18 -7.59 9.72 10.90
C TYR A 18 -6.20 10.27 10.56
N GLN A 19 -5.18 9.66 11.16
CA GLN A 19 -3.81 10.08 10.91
C GLN A 19 -3.42 9.88 9.45
N ARG A 20 -2.26 10.41 9.07
CA ARG A 20 -1.79 10.30 7.71
C ARG A 20 -1.60 8.84 7.32
N TYR A 21 -2.01 8.50 6.10
CA TYR A 21 -1.89 7.13 5.60
C TYR A 21 -0.43 6.75 5.40
N ARG A 22 0.11 5.97 6.34
CA ARG A 22 1.50 5.55 6.26
C ARG A 22 1.63 4.06 6.58
N HIS A 23 1.57 3.23 5.55
CA HIS A 23 1.67 1.78 5.73
C HIS A 23 2.23 1.12 4.46
N CYS A 24 3.44 0.58 4.57
CA CYS A 24 4.09 -0.08 3.44
C CYS A 24 3.18 -1.16 2.86
N ASP A 25 2.82 -0.99 1.59
CA ASP A 25 1.96 -1.95 0.90
C ASP A 25 2.60 -2.42 -0.39
N ALA A 26 3.93 -2.47 -0.41
CA ALA A 26 4.66 -2.91 -1.59
C ALA A 26 4.82 -4.43 -1.59
N PRO A 27 5.28 -4.97 -2.73
CA PRO A 27 5.49 -6.41 -2.90
C PRO A 27 6.65 -6.93 -2.08
N ILE A 28 7.79 -6.24 -2.18
CA ILE A 28 8.99 -6.63 -1.44
C ILE A 28 9.62 -5.43 -0.75
N CYS A 29 10.08 -5.63 0.48
CA CYS A 29 10.70 -4.57 1.26
C CYS A 29 12.17 -4.89 1.52
N LEU A 30 13.01 -3.85 1.44
CA LEU A 30 14.44 -4.02 1.67
C LEU A 30 14.87 -3.35 2.98
N TYR A 31 14.22 -2.23 3.30
CA TYR A 31 14.53 -1.50 4.52
C TYR A 31 14.40 -2.40 5.75
N GLU A 32 15.52 -2.64 6.42
CA GLU A 32 15.53 -3.49 7.61
C GLU A 32 14.25 -3.30 8.42
N GLN A 33 13.91 -2.05 8.70
CA GLN A 33 12.72 -1.73 9.47
C GLN A 33 11.50 -2.45 8.91
N GLY A 34 11.19 -2.17 7.64
CA GLY A 34 10.04 -2.81 7.00
C GLY A 34 8.75 -2.08 7.27
N ARG A 35 8.64 -1.48 8.47
CA ARG A 35 7.45 -0.75 8.85
C ARG A 35 7.28 0.51 7.99
N ASP A 36 6.29 1.32 8.34
CA ASP A 36 6.02 2.56 7.61
C ASP A 36 7.03 3.64 7.99
N SER A 37 8.31 3.27 8.01
CA SER A 37 9.36 4.21 8.35
C SER A 37 10.07 4.71 7.11
N PHE A 38 9.97 6.01 6.86
CA PHE A 38 10.60 6.63 5.70
C PHE A 38 11.33 7.91 6.08
N GLU A 39 12.12 8.44 5.16
CA GLU A 39 12.87 9.67 5.40
C GLU A 39 12.38 10.79 4.48
N ASP A 40 12.67 12.03 4.88
CA ASP A 40 12.26 13.19 4.10
C ASP A 40 12.34 12.90 2.61
N GLU A 41 13.43 12.24 2.20
CA GLU A 41 13.61 11.91 0.79
C GLU A 41 14.68 10.82 0.64
N GLY A 42 14.75 10.23 -0.56
CA GLY A 42 15.72 9.19 -0.81
C GLY A 42 15.08 7.86 -1.16
N ARG A 43 15.89 6.82 -1.30
CA ARG A 43 15.39 5.50 -1.64
C ARG A 43 14.30 5.06 -0.67
N TRP A 44 14.41 5.52 0.57
CA TRP A 44 13.44 5.18 1.61
C TRP A 44 12.43 6.31 1.80
N ARG A 45 11.94 6.85 0.70
CA ARG A 45 10.96 7.93 0.75
C ARG A 45 9.54 7.40 0.56
N LEU A 46 8.61 7.91 1.36
CA LEU A 46 7.22 7.48 1.29
C LEU A 46 6.56 8.01 0.02
N ILE A 47 6.07 7.10 -0.81
CA ILE A 47 5.42 7.47 -2.06
C ILE A 47 3.94 7.11 -2.03
N LEU A 48 3.07 8.10 -2.17
CA LEU A 48 1.64 7.88 -2.16
C LEU A 48 1.11 7.64 -3.58
N CYS A 49 0.24 6.66 -3.72
CA CYS A 49 -0.33 6.33 -5.03
C CYS A 49 -0.83 7.58 -5.73
N ALA A 50 -0.98 7.49 -7.05
CA ALA A 50 -1.45 8.62 -7.85
C ALA A 50 -2.86 8.37 -8.38
N THR A 51 -3.08 7.16 -8.90
CA THR A 51 -4.37 6.80 -9.44
C THR A 51 -5.49 7.05 -8.43
N CYS A 52 -5.40 6.40 -7.28
CA CYS A 52 -6.40 6.56 -6.24
C CYS A 52 -5.85 7.40 -5.08
N GLY A 53 -4.62 7.11 -4.68
CA GLY A 53 -3.99 7.84 -3.59
C GLY A 53 -4.43 7.34 -2.23
N SER A 54 -4.52 6.02 -2.09
CA SER A 54 -4.93 5.41 -0.82
C SER A 54 -3.91 4.38 -0.36
N HIS A 55 -2.65 4.60 -0.71
CA HIS A 55 -1.57 3.69 -0.34
C HIS A 55 -0.27 4.44 -0.14
N GLY A 56 0.64 3.86 0.63
CA GLY A 56 1.93 4.50 0.88
C GLY A 56 3.03 3.49 1.14
N THR A 57 4.09 3.55 0.35
CA THR A 57 5.22 2.64 0.50
C THR A 57 6.52 3.30 0.06
N HIS A 58 7.64 2.67 0.40
CA HIS A 58 8.95 3.19 0.04
C HIS A 58 9.12 3.24 -1.48
N ARG A 59 10.23 3.81 -1.92
CA ARG A 59 10.52 3.93 -3.35
C ARG A 59 10.99 2.60 -3.92
N ASP A 60 12.18 2.17 -3.50
CA ASP A 60 12.75 0.91 -3.98
C ASP A 60 11.84 -0.26 -3.61
N CYS A 61 11.21 -0.18 -2.44
CA CYS A 61 10.32 -1.22 -1.97
C CYS A 61 9.25 -1.54 -3.01
N SER A 62 8.80 -0.50 -3.72
CA SER A 62 7.77 -0.66 -4.74
C SER A 62 8.39 -1.09 -6.07
N SER A 63 9.58 -1.70 -6.00
CA SER A 63 10.28 -2.16 -7.19
C SER A 63 10.14 -1.14 -8.32
N LEU A 64 10.39 0.13 -8.01
CA LEU A 64 10.30 1.20 -8.99
C LEU A 64 11.68 1.55 -9.55
N ARG A 65 11.73 2.57 -10.41
CA ARG A 65 12.98 2.99 -11.02
C ARG A 65 13.41 4.34 -10.44
N PRO A 66 14.70 4.67 -10.62
CA PRO A 66 15.28 5.92 -10.13
C PRO A 66 14.77 7.13 -10.89
N ASN A 67 13.84 6.89 -11.83
CA ASN A 67 13.27 7.97 -12.63
C ASN A 67 11.79 8.13 -12.34
N SER A 68 11.09 7.01 -12.21
CA SER A 68 9.66 7.02 -11.93
C SER A 68 9.31 8.12 -10.93
N LYS A 69 8.35 8.96 -11.29
CA LYS A 69 7.92 10.05 -10.41
C LYS A 69 6.68 9.65 -9.62
N LYS A 70 5.72 9.03 -10.29
CA LYS A 70 4.48 8.59 -9.65
C LYS A 70 4.40 7.07 -9.61
N TRP A 71 3.78 6.55 -8.56
CA TRP A 71 3.63 5.10 -8.39
C TRP A 71 2.17 4.72 -8.21
N GLU A 72 1.82 3.50 -8.59
CA GLU A 72 0.45 3.02 -8.45
C GLU A 72 0.39 1.82 -7.52
N CYS A 73 -0.60 1.83 -6.62
CA CYS A 73 -0.78 0.75 -5.66
C CYS A 73 -1.14 -0.56 -6.38
N ASN A 74 -1.19 -1.64 -5.62
CA ASN A 74 -1.52 -2.95 -6.18
C ASN A 74 -2.90 -2.94 -6.82
N GLU A 75 -3.92 -2.65 -6.00
CA GLU A 75 -5.29 -2.60 -6.49
C GLU A 75 -5.37 -1.89 -7.84
N CYS A 76 -4.61 -0.81 -7.99
CA CYS A 76 -4.60 -0.04 -9.22
C CYS A 76 -3.82 -0.80 -10.31
N LEU A 77 -2.63 -1.27 -9.95
CA LEU A 77 -1.78 -1.99 -10.90
C LEU A 77 -2.54 -3.16 -11.51
N PRO A 78 -2.13 -3.56 -12.73
CA PRO A 78 -2.76 -4.67 -13.46
C PRO A 78 -2.47 -6.01 -12.81
N ALA A 79 -3.49 -6.60 -12.18
CA ALA A 79 -3.35 -7.88 -11.53
C ALA A 79 -3.58 -9.04 -12.51
N SER A 80 -2.75 -10.06 -12.42
CA SER A 80 -2.87 -11.21 -13.31
C SER A 80 -4.15 -11.98 -13.04
N GLY A 81 -5.23 -11.55 -13.69
CA GLY A 81 -6.52 -12.21 -13.52
C GLY A 81 -7.49 -11.37 -12.72
N PRO A 82 -8.65 -11.07 -13.32
CA PRO A 82 -9.69 -10.27 -12.67
C PRO A 82 -10.36 -11.01 -11.52
N SER A 83 -10.80 -12.23 -11.79
CA SER A 83 -11.46 -13.04 -10.76
C SER A 83 -10.65 -14.28 -10.44
N SER A 84 -10.96 -14.91 -9.31
CA SER A 84 -10.25 -16.10 -8.87
C SER A 84 -8.82 -15.77 -8.47
N GLY A 85 -8.66 -14.66 -7.75
CA GLY A 85 -7.33 -14.25 -7.31
C GLY A 85 -6.87 -15.01 -6.09
N GLY A 1 -42.67 -15.21 34.63
CA GLY A 1 -41.44 -14.93 33.89
C GLY A 1 -41.72 -14.48 32.47
N SER A 2 -40.91 -13.55 31.98
CA SER A 2 -41.06 -13.03 30.62
C SER A 2 -39.75 -12.44 30.11
N SER A 3 -39.32 -12.91 28.95
CA SER A 3 -38.08 -12.44 28.35
C SER A 3 -38.23 -12.28 26.84
N GLY A 4 -37.23 -11.68 26.20
CA GLY A 4 -37.28 -11.48 24.77
C GLY A 4 -35.92 -11.67 24.12
N SER A 5 -35.76 -11.12 22.91
CA SER A 5 -34.51 -11.23 22.19
C SER A 5 -33.73 -9.91 22.21
N SER A 6 -32.41 -10.00 22.06
CA SER A 6 -31.56 -8.82 22.08
C SER A 6 -30.74 -8.74 20.80
N GLY A 7 -30.09 -7.60 20.59
CA GLY A 7 -29.27 -7.40 19.40
C GLY A 7 -27.80 -7.71 19.66
N GLU A 8 -26.95 -6.70 19.51
CA GLU A 8 -25.52 -6.88 19.73
C GLU A 8 -24.81 -5.52 19.71
N LEU A 9 -23.73 -5.42 20.47
CA LEU A 9 -22.95 -4.19 20.54
C LEU A 9 -22.60 -3.68 19.15
N GLU A 10 -22.04 -2.48 19.08
CA GLU A 10 -21.66 -1.89 17.81
C GLU A 10 -20.17 -2.11 17.53
N PRO A 11 -19.87 -2.89 16.48
CA PRO A 11 -18.49 -3.19 16.09
C PRO A 11 -17.77 -1.98 15.51
N GLY A 12 -18.55 -1.01 15.05
CA GLY A 12 -17.96 0.19 14.47
C GLY A 12 -17.70 1.26 15.51
N ALA A 13 -17.21 0.85 16.68
CA ALA A 13 -16.91 1.78 17.76
C ALA A 13 -15.43 2.13 17.79
N PHE A 14 -14.58 1.11 17.67
CA PHE A 14 -13.14 1.31 17.69
C PHE A 14 -12.59 1.46 16.28
N SER A 15 -12.54 2.69 15.79
CA SER A 15 -12.06 2.97 14.45
C SER A 15 -10.79 3.81 14.50
N GLU A 16 -10.02 3.79 13.41
CA GLU A 16 -8.78 4.55 13.33
C GLU A 16 -8.79 5.47 12.11
N LEU A 17 -7.91 6.46 12.13
CA LEU A 17 -7.80 7.42 11.03
C LEU A 17 -8.08 6.73 9.70
N TYR A 18 -8.98 7.32 8.91
CA TYR A 18 -9.34 6.76 7.61
C TYR A 18 -9.18 7.81 6.51
N GLN A 19 -8.33 8.80 6.77
CA GLN A 19 -8.08 9.86 5.80
C GLN A 19 -6.69 9.72 5.18
N ARG A 20 -5.68 9.61 6.04
CA ARG A 20 -4.31 9.47 5.57
C ARG A 20 -3.84 8.03 5.65
N TYR A 21 -3.10 7.59 4.64
CA TYR A 21 -2.59 6.22 4.60
C TYR A 21 -1.07 6.20 4.72
N ARG A 22 -0.58 5.60 5.80
CA ARG A 22 0.85 5.51 6.04
C ARG A 22 1.25 4.11 6.48
N HIS A 23 1.35 3.20 5.52
CA HIS A 23 1.71 1.82 5.80
C HIS A 23 2.38 1.17 4.60
N CYS A 24 3.55 0.57 4.83
CA CYS A 24 4.30 -0.08 3.76
C CYS A 24 3.61 -1.37 3.32
N ASP A 25 3.08 -1.37 2.11
CA ASP A 25 2.39 -2.54 1.58
C ASP A 25 3.00 -2.96 0.24
N ALA A 26 4.29 -2.67 0.06
CA ALA A 26 4.99 -3.03 -1.17
C ALA A 26 5.20 -4.54 -1.26
N PRO A 27 5.64 -4.99 -2.44
CA PRO A 27 5.89 -6.43 -2.69
C PRO A 27 7.11 -6.94 -1.93
N ILE A 28 8.15 -6.12 -1.86
CA ILE A 28 9.37 -6.49 -1.16
C ILE A 28 9.99 -5.28 -0.47
N CYS A 29 10.41 -5.47 0.78
CA CYS A 29 11.02 -4.40 1.55
C CYS A 29 12.46 -4.77 1.94
N LEU A 30 13.40 -3.91 1.59
CA LEU A 30 14.81 -4.14 1.91
C LEU A 30 15.20 -3.44 3.20
N TYR A 31 14.45 -2.38 3.55
CA TYR A 31 14.72 -1.63 4.76
C TYR A 31 14.55 -2.50 6.00
N GLU A 32 15.65 -2.76 6.69
CA GLU A 32 15.63 -3.58 7.90
C GLU A 32 14.38 -3.28 8.73
N GLN A 33 14.13 -1.99 8.97
CA GLN A 33 12.97 -1.58 9.76
C GLN A 33 11.67 -2.02 9.09
N GLY A 34 11.65 -1.97 7.77
CA GLY A 34 10.46 -2.36 7.03
C GLY A 34 9.19 -1.82 7.65
N ARG A 35 9.25 -0.59 8.14
CA ARG A 35 8.09 0.04 8.77
C ARG A 35 7.68 1.29 8.00
N ASP A 36 6.70 2.01 8.55
CA ASP A 36 6.21 3.24 7.92
C ASP A 36 7.16 4.39 8.17
N SER A 37 8.46 4.14 7.98
CA SER A 37 9.48 5.16 8.19
C SER A 37 10.12 5.57 6.87
N PHE A 38 10.07 6.86 6.56
CA PHE A 38 10.65 7.37 5.32
C PHE A 38 11.36 8.69 5.57
N GLU A 39 12.11 9.15 4.58
CA GLU A 39 12.85 10.40 4.68
C GLU A 39 12.30 11.45 3.73
N ASP A 40 12.66 12.70 3.94
CA ASP A 40 12.20 13.80 3.10
C ASP A 40 12.47 13.49 1.63
N GLU A 41 13.61 12.88 1.35
CA GLU A 41 13.99 12.54 -0.02
C GLU A 41 15.04 11.42 -0.03
N GLY A 42 14.82 10.43 -0.89
CA GLY A 42 15.75 9.32 -0.99
C GLY A 42 15.06 8.01 -1.28
N ARG A 43 15.84 6.96 -1.50
CA ARG A 43 15.29 5.65 -1.81
C ARG A 43 14.27 5.23 -0.75
N TRP A 44 14.41 5.79 0.45
CA TRP A 44 13.49 5.48 1.54
C TRP A 44 12.47 6.60 1.74
N ARG A 45 12.01 7.16 0.63
CA ARG A 45 11.03 8.25 0.68
C ARG A 45 9.61 7.70 0.54
N LEU A 46 8.71 8.20 1.37
CA LEU A 46 7.32 7.76 1.34
C LEU A 46 6.64 8.20 0.04
N ILE A 47 6.17 7.22 -0.73
CA ILE A 47 5.49 7.50 -1.99
C ILE A 47 4.04 7.05 -1.95
N LEU A 48 3.12 7.99 -2.20
CA LEU A 48 1.70 7.68 -2.20
C LEU A 48 1.20 7.40 -3.62
N CYS A 49 0.19 6.55 -3.73
CA CYS A 49 -0.39 6.20 -5.02
C CYS A 49 -0.82 7.46 -5.78
N ALA A 50 -0.94 7.34 -7.09
CA ALA A 50 -1.35 8.45 -7.93
C ALA A 50 -2.73 8.22 -8.52
N THR A 51 -2.99 6.99 -8.98
CA THR A 51 -4.27 6.64 -9.56
C THR A 51 -5.42 6.97 -8.61
N CYS A 52 -5.42 6.34 -7.44
CA CYS A 52 -6.45 6.56 -6.44
C CYS A 52 -5.90 7.34 -5.25
N GLY A 53 -4.65 7.05 -4.90
CA GLY A 53 -4.03 7.73 -3.77
C GLY A 53 -4.51 7.21 -2.45
N SER A 54 -4.52 5.88 -2.29
CA SER A 54 -4.97 5.26 -1.06
C SER A 54 -3.93 4.27 -0.54
N HIS A 55 -2.70 4.42 -1.00
CA HIS A 55 -1.61 3.54 -0.58
C HIS A 55 -0.31 4.32 -0.43
N GLY A 56 0.53 3.88 0.50
CA GLY A 56 1.80 4.56 0.73
C GLY A 56 2.93 3.58 1.03
N THR A 57 3.99 3.66 0.24
CA THR A 57 5.14 2.78 0.42
C THR A 57 6.42 3.45 -0.04
N HIS A 58 7.56 2.84 0.31
CA HIS A 58 8.86 3.39 -0.06
C HIS A 58 9.03 3.40 -1.58
N ARG A 59 10.22 3.79 -2.04
CA ARG A 59 10.51 3.85 -3.46
C ARG A 59 11.08 2.52 -3.95
N ASP A 60 12.28 2.19 -3.51
CA ASP A 60 12.94 0.96 -3.91
C ASP A 60 12.13 -0.26 -3.44
N CYS A 61 11.32 -0.05 -2.41
CA CYS A 61 10.50 -1.13 -1.87
C CYS A 61 9.42 -1.54 -2.86
N SER A 62 8.87 -0.56 -3.58
CA SER A 62 7.83 -0.83 -4.55
C SER A 62 8.43 -1.32 -5.87
N SER A 63 9.70 -1.72 -5.82
CA SER A 63 10.39 -2.21 -7.01
C SER A 63 10.24 -1.23 -8.16
N LEU A 64 10.44 0.05 -7.88
CA LEU A 64 10.33 1.09 -8.89
C LEU A 64 11.70 1.37 -9.53
N ARG A 65 11.72 2.31 -10.46
CA ARG A 65 12.96 2.67 -11.16
C ARG A 65 13.65 3.83 -10.46
N PRO A 66 14.95 4.01 -10.75
CA PRO A 66 15.75 5.09 -10.17
C PRO A 66 15.35 6.46 -10.69
N ASN A 67 14.42 6.48 -11.64
CA ASN A 67 13.95 7.73 -12.22
C ASN A 67 12.42 7.75 -12.30
N SER A 68 11.77 7.26 -11.26
CA SER A 68 10.31 7.22 -11.20
C SER A 68 9.76 8.53 -10.65
N LYS A 69 8.56 8.89 -11.10
CA LYS A 69 7.90 10.11 -10.65
C LYS A 69 6.66 9.80 -9.83
N LYS A 70 5.83 8.91 -10.35
CA LYS A 70 4.59 8.52 -9.67
C LYS A 70 4.47 7.00 -9.61
N TRP A 71 3.86 6.50 -8.54
CA TRP A 71 3.68 5.07 -8.36
C TRP A 71 2.21 4.74 -8.13
N GLU A 72 1.81 3.53 -8.53
CA GLU A 72 0.43 3.10 -8.37
C GLU A 72 0.35 1.87 -7.45
N CYS A 73 -0.72 1.80 -6.66
CA CYS A 73 -0.91 0.69 -5.74
C CYS A 73 -1.24 -0.59 -6.49
N ASN A 74 -1.22 -1.71 -5.78
CA ASN A 74 -1.52 -3.01 -6.37
C ASN A 74 -2.94 -3.04 -6.93
N GLU A 75 -3.90 -2.67 -6.09
CA GLU A 75 -5.30 -2.66 -6.49
C GLU A 75 -5.48 -1.91 -7.81
N CYS A 76 -4.72 -0.83 -7.97
CA CYS A 76 -4.80 -0.02 -9.19
C CYS A 76 -4.08 -0.71 -10.35
N LEU A 77 -2.89 -1.24 -10.07
CA LEU A 77 -2.11 -1.92 -11.09
C LEU A 77 -2.75 -3.25 -11.49
N PRO A 78 -2.49 -3.69 -12.72
CA PRO A 78 -3.04 -4.95 -13.24
C PRO A 78 -2.43 -6.18 -12.57
N ALA A 79 -2.99 -6.55 -11.42
CA ALA A 79 -2.50 -7.71 -10.67
C ALA A 79 -3.57 -8.79 -10.59
N SER A 80 -3.14 -10.01 -10.27
CA SER A 80 -4.06 -11.13 -10.16
C SER A 80 -4.94 -11.00 -8.92
N GLY A 81 -6.16 -11.54 -9.00
CA GLY A 81 -7.07 -11.47 -7.88
C GLY A 81 -7.73 -10.11 -7.75
N PRO A 82 -9.07 -10.08 -7.80
CA PRO A 82 -9.84 -8.84 -7.69
C PRO A 82 -9.79 -8.25 -6.29
N SER A 83 -9.19 -8.99 -5.36
CA SER A 83 -9.08 -8.54 -3.98
C SER A 83 -8.26 -7.26 -3.89
N SER A 84 -8.33 -6.59 -2.75
CA SER A 84 -7.60 -5.36 -2.54
C SER A 84 -6.74 -5.44 -1.28
N GLY A 85 -7.35 -5.87 -0.18
CA GLY A 85 -6.62 -6.00 1.08
C GLY A 85 -7.22 -5.15 2.18
N GLY A 1 -56.05 0.53 7.81
CA GLY A 1 -54.70 0.11 8.15
C GLY A 1 -53.64 0.98 7.50
N SER A 2 -52.38 0.80 7.92
CA SER A 2 -51.28 1.58 7.38
C SER A 2 -49.96 0.87 7.63
N SER A 3 -48.97 1.16 6.77
CA SER A 3 -47.66 0.55 6.89
C SER A 3 -46.56 1.61 6.86
N GLY A 4 -46.51 2.37 5.77
CA GLY A 4 -45.50 3.42 5.64
C GLY A 4 -44.70 3.28 4.36
N SER A 5 -44.43 4.41 3.73
CA SER A 5 -43.67 4.42 2.48
C SER A 5 -42.20 4.08 2.74
N SER A 6 -41.50 3.66 1.68
CA SER A 6 -40.09 3.31 1.80
C SER A 6 -39.24 4.17 0.88
N GLY A 7 -37.93 3.99 0.96
CA GLY A 7 -37.01 4.76 0.13
C GLY A 7 -35.98 3.89 -0.56
N GLU A 8 -35.37 4.43 -1.61
CA GLU A 8 -34.36 3.70 -2.36
C GLU A 8 -32.99 3.82 -1.70
N LEU A 9 -32.02 3.07 -2.20
CA LEU A 9 -30.67 3.09 -1.65
C LEU A 9 -30.09 4.50 -1.70
N GLU A 10 -29.15 4.78 -0.81
CA GLU A 10 -28.52 6.09 -0.75
C GLU A 10 -26.99 5.95 -0.69
N PRO A 11 -26.30 6.83 -1.44
CA PRO A 11 -24.83 6.83 -1.49
C PRO A 11 -24.20 7.29 -0.18
N GLY A 12 -24.72 8.39 0.36
CA GLY A 12 -24.19 8.92 1.61
C GLY A 12 -23.88 7.83 2.61
N ALA A 13 -24.79 6.87 2.73
CA ALA A 13 -24.60 5.76 3.67
C ALA A 13 -23.15 5.35 3.76
N PHE A 14 -22.54 5.08 2.60
CA PHE A 14 -21.14 4.67 2.55
C PHE A 14 -20.22 5.82 2.99
N SER A 15 -19.25 5.50 3.82
CA SER A 15 -18.31 6.50 4.33
C SER A 15 -16.92 6.28 3.75
N GLU A 16 -16.05 7.28 3.89
CA GLU A 16 -14.69 7.19 3.38
C GLU A 16 -13.68 7.42 4.49
N LEU A 17 -12.42 7.12 4.21
CA LEU A 17 -11.35 7.28 5.19
C LEU A 17 -10.86 8.73 5.21
N TYR A 18 -10.59 9.24 6.42
CA TYR A 18 -10.12 10.61 6.58
C TYR A 18 -8.61 10.64 6.81
N GLN A 19 -8.14 9.78 7.70
CA GLN A 19 -6.71 9.71 8.01
C GLN A 19 -5.90 9.40 6.76
N ARG A 20 -4.61 9.72 6.80
CA ARG A 20 -3.73 9.49 5.67
C ARG A 20 -3.20 8.05 5.68
N TYR A 21 -3.15 7.43 4.52
CA TYR A 21 -2.68 6.06 4.39
C TYR A 21 -1.15 6.01 4.33
N ARG A 22 -0.54 5.52 5.38
CA ARG A 22 0.92 5.42 5.45
C ARG A 22 1.35 4.06 5.99
N HIS A 23 1.41 3.07 5.09
CA HIS A 23 1.82 1.73 5.48
C HIS A 23 2.48 1.00 4.31
N CYS A 24 3.72 0.57 4.51
CA CYS A 24 4.45 -0.14 3.47
C CYS A 24 3.68 -1.36 2.99
N ASP A 25 3.15 -1.27 1.77
CA ASP A 25 2.38 -2.37 1.19
C ASP A 25 3.05 -2.88 -0.09
N ALA A 26 4.35 -2.60 -0.22
CA ALA A 26 5.11 -3.03 -1.39
C ALA A 26 5.34 -4.53 -1.36
N PRO A 27 5.80 -5.08 -2.50
CA PRO A 27 6.08 -6.52 -2.62
C PRO A 27 7.29 -6.95 -1.80
N ILE A 28 8.39 -6.24 -1.96
CA ILE A 28 9.62 -6.55 -1.24
C ILE A 28 10.21 -5.30 -0.59
N CYS A 29 10.68 -5.45 0.64
CA CYS A 29 11.28 -4.33 1.36
C CYS A 29 12.78 -4.54 1.56
N LEU A 30 13.53 -3.45 1.52
CA LEU A 30 14.98 -3.52 1.69
C LEU A 30 15.42 -2.80 2.97
N TYR A 31 14.72 -1.73 3.31
CA TYR A 31 15.02 -0.95 4.51
C TYR A 31 14.98 -1.84 5.74
N GLU A 32 16.10 -1.88 6.46
CA GLU A 32 16.21 -2.69 7.66
C GLU A 32 14.99 -2.47 8.56
N GLN A 33 14.78 -1.22 8.97
CA GLN A 33 13.65 -0.89 9.83
C GLN A 33 12.44 -1.75 9.49
N GLY A 34 12.06 -1.76 8.22
CA GLY A 34 10.90 -2.53 7.79
C GLY A 34 9.61 -2.05 8.41
N ARG A 35 9.32 -0.76 8.25
CA ARG A 35 8.11 -0.18 8.80
C ARG A 35 7.70 1.07 8.02
N ASP A 36 6.67 1.75 8.49
CA ASP A 36 6.18 2.97 7.83
C ASP A 36 7.08 4.15 8.18
N SER A 37 8.38 3.95 8.09
CA SER A 37 9.35 5.01 8.39
C SER A 37 10.06 5.46 7.12
N PHE A 38 9.94 6.76 6.81
CA PHE A 38 10.56 7.32 5.64
C PHE A 38 11.19 8.68 5.94
N GLU A 39 11.98 9.19 5.00
CA GLU A 39 12.65 10.48 5.19
C GLU A 39 12.05 11.53 4.26
N ASP A 40 12.13 12.79 4.68
CA ASP A 40 11.60 13.89 3.90
C ASP A 40 11.83 13.66 2.41
N GLU A 41 13.03 13.19 2.06
CA GLU A 41 13.37 12.93 0.67
C GLU A 41 14.34 11.76 0.56
N GLY A 42 14.43 11.17 -0.63
CA GLY A 42 15.32 10.05 -0.84
C GLY A 42 14.58 8.78 -1.21
N ARG A 43 15.30 7.81 -1.76
CA ARG A 43 14.70 6.54 -2.15
C ARG A 43 13.76 6.02 -1.06
N TRP A 44 14.15 6.20 0.19
CA TRP A 44 13.35 5.76 1.32
C TRP A 44 12.28 6.79 1.68
N ARG A 45 11.61 7.31 0.65
CA ARG A 45 10.57 8.31 0.86
C ARG A 45 9.18 7.69 0.72
N LEU A 46 8.24 8.17 1.52
CA LEU A 46 6.87 7.67 1.49
C LEU A 46 6.17 8.06 0.19
N ILE A 47 6.11 7.12 -0.75
CA ILE A 47 5.47 7.37 -2.03
C ILE A 47 4.01 6.94 -2.01
N LEU A 48 3.11 7.90 -2.23
CA LEU A 48 1.67 7.63 -2.22
C LEU A 48 1.16 7.48 -3.65
N CYS A 49 0.34 6.45 -3.87
CA CYS A 49 -0.24 6.20 -5.19
C CYS A 49 -0.77 7.48 -5.81
N ALA A 50 -0.83 7.51 -7.14
CA ALA A 50 -1.32 8.68 -7.86
C ALA A 50 -2.76 8.47 -8.34
N THR A 51 -3.01 7.30 -8.91
CA THR A 51 -4.35 6.98 -9.42
C THR A 51 -5.40 7.19 -8.35
N CYS A 52 -5.37 6.36 -7.31
CA CYS A 52 -6.32 6.46 -6.22
C CYS A 52 -5.71 7.16 -5.01
N GLY A 53 -4.43 6.88 -4.75
CA GLY A 53 -3.74 7.49 -3.63
C GLY A 53 -4.23 6.95 -2.30
N SER A 54 -4.42 5.64 -2.23
CA SER A 54 -4.88 4.99 -1.00
C SER A 54 -3.82 4.05 -0.45
N HIS A 55 -2.58 4.22 -0.91
CA HIS A 55 -1.48 3.38 -0.46
C HIS A 55 -0.20 4.19 -0.34
N GLY A 56 0.70 3.74 0.55
CA GLY A 56 1.95 4.44 0.75
C GLY A 56 3.09 3.51 1.08
N THR A 57 4.14 3.54 0.26
CA THR A 57 5.30 2.67 0.47
C THR A 57 6.58 3.35 -0.01
N HIS A 58 7.72 2.75 0.32
CA HIS A 58 9.01 3.29 -0.09
C HIS A 58 9.16 3.25 -1.60
N ARG A 59 10.26 3.80 -2.10
CA ARG A 59 10.52 3.84 -3.53
C ARG A 59 11.11 2.51 -4.01
N ASP A 60 12.34 2.23 -3.61
CA ASP A 60 13.01 1.00 -3.99
C ASP A 60 12.20 -0.22 -3.54
N CYS A 61 11.46 -0.07 -2.46
CA CYS A 61 10.64 -1.15 -1.93
C CYS A 61 9.59 -1.59 -2.95
N SER A 62 9.04 -0.63 -3.68
CA SER A 62 8.02 -0.90 -4.68
C SER A 62 8.67 -1.32 -6.01
N SER A 63 9.89 -1.83 -5.92
CA SER A 63 10.62 -2.26 -7.11
C SER A 63 10.42 -1.28 -8.25
N LEU A 64 10.49 0.01 -7.94
CA LEU A 64 10.31 1.05 -8.96
C LEU A 64 11.66 1.43 -9.57
N ARG A 65 11.63 2.42 -10.46
CA ARG A 65 12.84 2.88 -11.13
C ARG A 65 13.38 4.14 -10.45
N PRO A 66 14.66 4.45 -10.72
CA PRO A 66 15.33 5.62 -10.15
C PRO A 66 14.79 6.93 -10.72
N ASN A 67 14.22 7.76 -9.86
CA ASN A 67 13.67 9.04 -10.28
C ASN A 67 12.36 8.85 -11.03
N SER A 68 11.59 7.83 -10.63
CA SER A 68 10.32 7.54 -11.27
C SER A 68 9.34 8.70 -11.11
N LYS A 69 8.53 8.93 -12.13
CA LYS A 69 7.55 10.00 -12.10
C LYS A 69 6.49 9.75 -11.03
N LYS A 70 5.62 8.78 -11.28
CA LYS A 70 4.57 8.43 -10.34
C LYS A 70 4.49 6.92 -10.14
N TRP A 71 3.87 6.50 -9.03
CA TRP A 71 3.73 5.09 -8.72
C TRP A 71 2.27 4.73 -8.50
N GLU A 72 1.91 3.48 -8.82
CA GLU A 72 0.54 3.01 -8.65
C GLU A 72 0.48 1.85 -7.67
N CYS A 73 -0.56 1.83 -6.84
CA CYS A 73 -0.74 0.78 -5.85
C CYS A 73 -1.25 -0.50 -6.50
N ASN A 74 -1.17 -1.61 -5.77
CA ASN A 74 -1.63 -2.90 -6.27
C ASN A 74 -3.06 -2.80 -6.79
N GLU A 75 -3.97 -2.38 -5.91
CA GLU A 75 -5.38 -2.24 -6.29
C GLU A 75 -5.52 -1.69 -7.70
N CYS A 76 -4.72 -0.67 -8.01
CA CYS A 76 -4.76 -0.05 -9.33
C CYS A 76 -4.05 -0.92 -10.37
N LEU A 77 -2.82 -1.34 -10.05
CA LEU A 77 -2.04 -2.17 -10.94
C LEU A 77 -2.88 -3.33 -11.47
N PRO A 78 -2.55 -3.80 -12.69
CA PRO A 78 -3.25 -4.90 -13.34
C PRO A 78 -3.00 -6.24 -12.64
N ALA A 79 -3.89 -6.61 -11.73
CA ALA A 79 -3.77 -7.86 -11.00
C ALA A 79 -4.50 -8.99 -11.71
N SER A 80 -4.02 -10.21 -11.52
CA SER A 80 -4.64 -11.38 -12.14
C SER A 80 -5.43 -12.19 -11.13
N GLY A 81 -4.81 -12.45 -9.98
CA GLY A 81 -5.46 -13.23 -8.94
C GLY A 81 -4.53 -13.59 -7.80
N PRO A 82 -4.92 -13.22 -6.58
CA PRO A 82 -4.12 -13.50 -5.38
C PRO A 82 -4.09 -14.98 -5.03
N SER A 83 -2.89 -15.51 -4.83
CA SER A 83 -2.73 -16.92 -4.50
C SER A 83 -2.66 -17.12 -2.98
N SER A 84 -2.31 -16.06 -2.27
CA SER A 84 -2.20 -16.12 -0.82
C SER A 84 -3.35 -15.35 -0.16
N GLY A 85 -4.41 -16.07 0.21
CA GLY A 85 -5.55 -15.44 0.85
C GLY A 85 -5.24 -14.97 2.26
N GLY A 1 -48.77 -17.48 -0.41
CA GLY A 1 -47.88 -16.34 -0.55
C GLY A 1 -46.80 -16.31 0.52
N SER A 2 -45.97 -15.27 0.49
CA SER A 2 -44.90 -15.13 1.47
C SER A 2 -44.54 -13.66 1.69
N SER A 3 -43.62 -13.41 2.61
CA SER A 3 -43.20 -12.05 2.91
C SER A 3 -41.76 -11.81 2.45
N GLY A 4 -41.33 -10.56 2.51
CA GLY A 4 -39.97 -10.22 2.10
C GLY A 4 -38.99 -10.24 3.26
N SER A 5 -37.95 -9.43 3.15
CA SER A 5 -36.92 -9.36 4.19
C SER A 5 -36.42 -7.93 4.35
N SER A 6 -35.80 -7.66 5.49
CA SER A 6 -35.27 -6.33 5.78
C SER A 6 -33.77 -6.28 5.52
N GLY A 7 -33.20 -5.07 5.57
CA GLY A 7 -31.78 -4.91 5.34
C GLY A 7 -30.96 -5.19 6.58
N GLU A 8 -29.65 -4.93 6.49
CA GLU A 8 -28.76 -5.16 7.62
C GLU A 8 -27.63 -4.13 7.64
N LEU A 9 -26.82 -4.17 8.68
CA LEU A 9 -25.70 -3.24 8.83
C LEU A 9 -24.81 -3.27 7.60
N GLU A 10 -23.85 -2.35 7.54
CA GLU A 10 -22.93 -2.28 6.41
C GLU A 10 -21.90 -3.41 6.47
N PRO A 11 -21.74 -4.12 5.34
CA PRO A 11 -20.79 -5.23 5.24
C PRO A 11 -19.34 -4.77 5.27
N GLY A 12 -19.04 -3.72 4.50
CA GLY A 12 -17.69 -3.20 4.45
C GLY A 12 -17.36 -2.35 5.66
N ALA A 13 -17.58 -2.89 6.86
CA ALA A 13 -17.31 -2.18 8.09
C ALA A 13 -15.90 -2.48 8.60
N PHE A 14 -14.95 -2.54 7.67
CA PHE A 14 -13.55 -2.82 8.03
C PHE A 14 -12.82 -1.53 8.39
N SER A 15 -11.60 -1.68 8.88
CA SER A 15 -10.78 -0.54 9.27
C SER A 15 -10.61 0.43 8.10
N GLU A 16 -10.34 1.69 8.42
CA GLU A 16 -10.16 2.72 7.39
C GLU A 16 -9.15 3.76 7.84
N LEU A 17 -8.65 4.55 6.89
CA LEU A 17 -7.67 5.58 7.20
C LEU A 17 -8.33 6.78 7.86
N TYR A 18 -7.58 7.46 8.72
CA TYR A 18 -8.09 8.63 9.42
C TYR A 18 -7.79 9.91 8.65
N GLN A 19 -6.51 10.23 8.53
CA GLN A 19 -6.09 11.44 7.81
C GLN A 19 -4.96 11.12 6.83
N ARG A 20 -3.88 10.56 7.35
CA ARG A 20 -2.73 10.22 6.53
C ARG A 20 -2.54 8.70 6.47
N TYR A 21 -2.19 8.20 5.29
CA TYR A 21 -1.98 6.77 5.11
C TYR A 21 -0.53 6.47 4.73
N ARG A 22 0.22 5.92 5.68
CA ARG A 22 1.61 5.59 5.45
C ARG A 22 1.93 4.19 5.96
N HIS A 23 1.57 3.19 5.17
CA HIS A 23 1.82 1.79 5.54
C HIS A 23 2.50 1.04 4.40
N CYS A 24 3.77 0.72 4.58
CA CYS A 24 4.53 0.00 3.57
C CYS A 24 3.72 -1.16 3.01
N ASP A 25 3.27 -1.03 1.77
CA ASP A 25 2.48 -2.06 1.11
C ASP A 25 3.16 -2.54 -0.16
N ALA A 26 4.50 -2.61 -0.14
CA ALA A 26 5.27 -3.04 -1.30
C ALA A 26 5.48 -4.55 -1.28
N PRO A 27 5.95 -5.09 -2.41
CA PRO A 27 6.21 -6.53 -2.55
C PRO A 27 7.40 -6.99 -1.71
N ILE A 28 8.50 -6.25 -1.80
CA ILE A 28 9.70 -6.59 -1.05
C ILE A 28 10.28 -5.35 -0.37
N CYS A 29 10.62 -5.50 0.90
CA CYS A 29 11.19 -4.40 1.67
C CYS A 29 12.64 -4.71 2.09
N LEU A 30 13.54 -3.79 1.76
CA LEU A 30 14.95 -3.97 2.10
C LEU A 30 15.32 -3.13 3.32
N TYR A 31 14.67 -1.99 3.47
CA TYR A 31 14.93 -1.10 4.60
C TYR A 31 14.75 -1.83 5.93
N GLU A 32 15.86 -2.15 6.57
CA GLU A 32 15.83 -2.85 7.85
C GLU A 32 14.71 -2.31 8.73
N GLN A 33 14.53 -0.99 8.72
CA GLN A 33 13.49 -0.35 9.52
C GLN A 33 12.16 -1.08 9.38
N GLY A 34 11.75 -1.30 8.14
CA GLY A 34 10.49 -1.99 7.88
C GLY A 34 9.34 -1.42 8.69
N ARG A 35 8.96 -0.18 8.36
CA ARG A 35 7.86 0.48 9.06
C ARG A 35 7.45 1.75 8.34
N ASP A 36 6.53 2.50 8.94
CA ASP A 36 6.04 3.73 8.35
C ASP A 36 7.06 4.86 8.53
N SER A 37 8.32 4.56 8.24
CA SER A 37 9.39 5.54 8.37
C SER A 37 10.11 5.75 7.04
N PHE A 38 9.96 6.94 6.47
CA PHE A 38 10.58 7.26 5.19
C PHE A 38 11.36 8.58 5.29
N GLU A 39 12.08 8.90 4.22
CA GLU A 39 12.87 10.13 4.19
C GLU A 39 12.32 11.10 3.15
N ASP A 40 11.91 12.28 3.60
CA ASP A 40 11.36 13.29 2.70
C ASP A 40 12.15 13.36 1.40
N GLU A 41 13.46 13.11 1.50
CA GLU A 41 14.33 13.14 0.33
C GLU A 41 15.26 11.92 0.31
N GLY A 42 14.99 11.01 -0.62
CA GLY A 42 15.81 9.82 -0.74
C GLY A 42 15.03 8.63 -1.28
N ARG A 43 15.74 7.54 -1.57
CA ARG A 43 15.10 6.34 -2.10
C ARG A 43 14.07 5.80 -1.12
N TRP A 44 14.37 5.91 0.16
CA TRP A 44 13.46 5.43 1.21
C TRP A 44 12.41 6.48 1.55
N ARG A 45 11.92 7.18 0.54
CA ARG A 45 10.92 8.22 0.74
C ARG A 45 9.51 7.64 0.60
N LEU A 46 8.58 8.18 1.38
CA LEU A 46 7.20 7.71 1.34
C LEU A 46 6.51 8.16 0.06
N ILE A 47 6.09 7.18 -0.75
CA ILE A 47 5.42 7.46 -2.01
C ILE A 47 3.96 6.99 -1.98
N LEU A 48 3.05 7.92 -2.23
CA LEU A 48 1.62 7.60 -2.23
C LEU A 48 1.11 7.40 -3.66
N CYS A 49 0.27 6.40 -3.84
CA CYS A 49 -0.30 6.11 -5.16
C CYS A 49 -0.76 7.39 -5.84
N ALA A 50 -0.89 7.33 -7.17
CA ALA A 50 -1.32 8.50 -7.94
C ALA A 50 -2.76 8.33 -8.43
N THR A 51 -3.07 7.14 -8.94
CA THR A 51 -4.40 6.85 -9.44
C THR A 51 -5.46 7.07 -8.36
N CYS A 52 -5.23 6.49 -7.19
CA CYS A 52 -6.15 6.62 -6.07
C CYS A 52 -5.54 7.45 -4.95
N GLY A 53 -4.28 7.17 -4.63
CA GLY A 53 -3.60 7.91 -3.57
C GLY A 53 -4.02 7.46 -2.19
N SER A 54 -3.96 6.15 -1.95
CA SER A 54 -4.35 5.59 -0.67
C SER A 54 -3.20 4.79 -0.05
N HIS A 55 -2.57 3.95 -0.88
CA HIS A 55 -1.45 3.14 -0.42
C HIS A 55 -0.19 3.98 -0.26
N GLY A 56 0.71 3.51 0.60
CA GLY A 56 1.96 4.23 0.84
C GLY A 56 3.11 3.31 1.15
N THR A 57 4.17 3.41 0.36
CA THR A 57 5.35 2.57 0.55
C THR A 57 6.62 3.28 0.07
N HIS A 58 7.77 2.70 0.38
CA HIS A 58 9.05 3.28 -0.01
C HIS A 58 9.23 3.21 -1.53
N ARG A 59 10.23 3.93 -2.03
CA ARG A 59 10.51 3.95 -3.46
C ARG A 59 11.11 2.62 -3.92
N ASP A 60 12.33 2.35 -3.49
CA ASP A 60 13.02 1.11 -3.86
C ASP A 60 12.20 -0.11 -3.44
N CYS A 61 11.63 -0.04 -2.25
CA CYS A 61 10.82 -1.14 -1.72
C CYS A 61 9.80 -1.61 -2.76
N SER A 62 9.24 -0.66 -3.51
CA SER A 62 8.25 -0.98 -4.53
C SER A 62 8.93 -1.34 -5.84
N SER A 63 10.13 -1.92 -5.75
CA SER A 63 10.89 -2.31 -6.92
C SER A 63 10.67 -1.33 -8.06
N LEU A 64 10.60 -0.05 -7.72
CA LEU A 64 10.40 1.01 -8.72
C LEU A 64 11.71 1.31 -9.45
N ARG A 65 11.66 2.31 -10.34
CA ARG A 65 12.83 2.69 -11.10
C ARG A 65 13.66 3.74 -10.34
N PRO A 66 14.95 3.86 -10.70
CA PRO A 66 15.86 4.80 -10.07
C PRO A 66 15.53 6.25 -10.40
N ASN A 67 14.64 6.43 -11.38
CA ASN A 67 14.23 7.78 -11.80
C ASN A 67 12.72 7.86 -11.96
N SER A 68 11.99 7.24 -11.03
CA SER A 68 10.54 7.23 -11.08
C SER A 68 9.98 8.53 -10.49
N LYS A 69 8.72 8.80 -10.79
CA LYS A 69 8.06 10.01 -10.28
C LYS A 69 6.70 9.66 -9.68
N LYS A 70 5.90 8.91 -10.42
CA LYS A 70 4.57 8.51 -9.96
C LYS A 70 4.46 6.99 -9.89
N TRP A 71 3.90 6.48 -8.79
CA TRP A 71 3.72 5.05 -8.61
C TRP A 71 2.27 4.71 -8.33
N GLU A 72 1.85 3.51 -8.72
CA GLU A 72 0.48 3.06 -8.49
C GLU A 72 0.44 1.85 -7.57
N CYS A 73 -0.63 1.73 -6.81
CA CYS A 73 -0.79 0.61 -5.88
C CYS A 73 -1.30 -0.62 -6.61
N ASN A 74 -1.26 -1.76 -5.92
CA ASN A 74 -1.71 -3.03 -6.50
C ASN A 74 -3.16 -2.92 -6.95
N GLU A 75 -4.03 -2.49 -6.05
CA GLU A 75 -5.45 -2.35 -6.36
C GLU A 75 -5.64 -1.71 -7.73
N CYS A 76 -4.87 -0.67 -8.01
CA CYS A 76 -4.96 0.02 -9.29
C CYS A 76 -4.24 -0.76 -10.38
N LEU A 77 -3.04 -1.25 -10.07
CA LEU A 77 -2.25 -2.01 -11.04
C LEU A 77 -3.08 -3.16 -11.61
N PRO A 78 -2.70 -3.61 -12.83
CA PRO A 78 -3.38 -4.71 -13.51
C PRO A 78 -3.14 -6.05 -12.83
N ALA A 79 -2.49 -6.02 -11.66
CA ALA A 79 -2.21 -7.23 -10.92
C ALA A 79 -3.15 -7.37 -9.72
N SER A 80 -3.39 -8.61 -9.30
CA SER A 80 -4.27 -8.88 -8.18
C SER A 80 -3.86 -10.15 -7.45
N GLY A 81 -4.49 -10.42 -6.32
CA GLY A 81 -4.18 -11.60 -5.54
C GLY A 81 -5.25 -12.68 -5.66
N PRO A 82 -5.09 -13.76 -4.89
CA PRO A 82 -6.03 -14.88 -4.88
C PRO A 82 -7.37 -14.50 -4.26
N SER A 83 -7.32 -13.93 -3.06
CA SER A 83 -8.53 -13.53 -2.35
C SER A 83 -8.33 -12.16 -1.69
N SER A 84 -9.25 -11.24 -1.99
CA SER A 84 -9.18 -9.89 -1.43
C SER A 84 -9.18 -9.95 0.09
N GLY A 85 -8.02 -9.70 0.69
CA GLY A 85 -7.91 -9.71 2.13
C GLY A 85 -8.45 -8.45 2.77
N GLY A 1 -17.86 -39.65 9.05
CA GLY A 1 -18.17 -38.74 7.97
C GLY A 1 -18.24 -37.28 8.43
N SER A 2 -18.12 -36.36 7.49
CA SER A 2 -18.17 -34.94 7.80
C SER A 2 -18.14 -34.10 6.53
N SER A 3 -18.38 -32.80 6.67
CA SER A 3 -18.38 -31.89 5.54
C SER A 3 -18.54 -30.45 6.00
N GLY A 4 -18.42 -29.51 5.06
CA GLY A 4 -18.54 -28.11 5.39
C GLY A 4 -18.22 -27.20 4.22
N SER A 5 -18.54 -25.92 4.35
CA SER A 5 -18.28 -24.95 3.30
C SER A 5 -18.51 -23.53 3.79
N SER A 6 -17.82 -22.57 3.18
CA SER A 6 -17.96 -21.17 3.56
C SER A 6 -17.65 -20.25 2.38
N GLY A 7 -17.83 -18.96 2.58
CA GLY A 7 -17.57 -17.99 1.53
C GLY A 7 -18.59 -16.88 1.49
N GLU A 8 -18.12 -15.63 1.54
CA GLU A 8 -19.01 -14.48 1.51
C GLU A 8 -18.22 -13.19 1.32
N LEU A 9 -18.76 -12.30 0.49
CA LEU A 9 -18.10 -11.03 0.21
C LEU A 9 -19.11 -9.99 -0.27
N GLU A 10 -18.87 -8.73 0.07
CA GLU A 10 -19.75 -7.65 -0.33
C GLU A 10 -19.04 -6.67 -1.25
N PRO A 11 -19.53 -6.54 -2.50
CA PRO A 11 -18.94 -5.65 -3.50
C PRO A 11 -19.17 -4.18 -3.17
N GLY A 12 -18.35 -3.30 -3.74
CA GLY A 12 -18.49 -1.88 -3.49
C GLY A 12 -18.70 -1.57 -2.01
N ALA A 13 -17.74 -1.99 -1.19
CA ALA A 13 -17.83 -1.74 0.24
C ALA A 13 -16.58 -1.02 0.75
N PHE A 14 -16.04 -0.14 -0.08
CA PHE A 14 -14.84 0.61 0.28
C PHE A 14 -15.20 2.05 0.68
N SER A 15 -14.23 2.77 1.22
CA SER A 15 -14.45 4.14 1.65
C SER A 15 -13.20 4.99 1.42
N GLU A 16 -13.32 6.29 1.66
CA GLU A 16 -12.20 7.20 1.47
C GLU A 16 -11.35 7.30 2.74
N LEU A 17 -10.21 7.97 2.65
CA LEU A 17 -9.32 8.13 3.78
C LEU A 17 -9.05 9.60 4.06
N TYR A 18 -9.45 10.06 5.24
CA TYR A 18 -9.26 11.46 5.63
C TYR A 18 -7.83 11.68 6.12
N GLN A 19 -7.40 10.86 7.06
CA GLN A 19 -6.05 10.97 7.62
C GLN A 19 -5.01 10.52 6.61
N ARG A 20 -3.75 10.83 6.90
CA ARG A 20 -2.65 10.45 6.00
C ARG A 20 -2.36 8.96 6.09
N TYR A 21 -2.12 8.33 4.95
CA TYR A 21 -1.83 6.91 4.90
C TYR A 21 -0.34 6.65 4.91
N ARG A 22 0.13 5.98 5.95
CA ARG A 22 1.56 5.66 6.08
C ARG A 22 1.76 4.20 6.50
N HIS A 23 1.79 3.31 5.52
CA HIS A 23 1.98 1.89 5.78
C HIS A 23 2.61 1.19 4.58
N CYS A 24 3.84 0.72 4.77
CA CYS A 24 4.57 0.04 3.70
C CYS A 24 3.80 -1.20 3.23
N ASP A 25 3.21 -1.12 2.04
CA ASP A 25 2.46 -2.22 1.48
C ASP A 25 3.12 -2.75 0.20
N ALA A 26 4.42 -2.53 0.09
CA ALA A 26 5.17 -2.97 -1.07
C ALA A 26 5.37 -4.48 -1.05
N PRO A 27 5.82 -5.04 -2.18
CA PRO A 27 6.07 -6.48 -2.31
C PRO A 27 7.27 -6.94 -1.50
N ILE A 28 8.34 -6.15 -1.53
CA ILE A 28 9.55 -6.48 -0.80
C ILE A 28 10.18 -5.23 -0.19
N CYS A 29 10.66 -5.36 1.05
CA CYS A 29 11.29 -4.23 1.74
C CYS A 29 12.73 -4.56 2.11
N LEU A 30 13.66 -3.70 1.72
CA LEU A 30 15.07 -3.90 2.01
C LEU A 30 15.48 -3.09 3.24
N TYR A 31 14.85 -1.95 3.44
CA TYR A 31 15.15 -1.09 4.58
C TYR A 31 15.01 -1.86 5.89
N GLU A 32 16.14 -2.05 6.58
CA GLU A 32 16.14 -2.77 7.85
C GLU A 32 15.00 -2.30 8.75
N GLN A 33 14.72 -1.00 8.72
CA GLN A 33 13.66 -0.43 9.53
C GLN A 33 12.35 -1.17 9.32
N GLY A 34 11.95 -1.34 8.06
CA GLY A 34 10.73 -2.04 7.75
C GLY A 34 9.53 -1.49 8.51
N ARG A 35 9.31 -0.19 8.38
CA ARG A 35 8.19 0.46 9.06
C ARG A 35 7.79 1.75 8.34
N ASP A 36 6.85 2.48 8.93
CA ASP A 36 6.37 3.73 8.35
C ASP A 36 7.39 4.85 8.55
N SER A 37 8.65 4.55 8.29
CA SER A 37 9.72 5.53 8.44
C SER A 37 10.39 5.82 7.11
N PHE A 38 10.24 7.06 6.64
CA PHE A 38 10.84 7.47 5.37
C PHE A 38 11.56 8.80 5.52
N GLU A 39 12.49 9.08 4.60
CA GLU A 39 13.25 10.32 4.63
C GLU A 39 12.65 11.35 3.68
N ASP A 40 13.11 12.59 3.81
CA ASP A 40 12.61 13.67 2.96
C ASP A 40 12.91 13.40 1.49
N GLU A 41 14.08 12.82 1.23
CA GLU A 41 14.48 12.50 -0.13
C GLU A 41 15.31 11.22 -0.17
N GLY A 42 15.80 10.87 -1.36
CA GLY A 42 16.59 9.67 -1.51
C GLY A 42 15.84 8.56 -2.21
N ARG A 43 15.96 7.34 -1.69
CA ARG A 43 15.28 6.19 -2.27
C ARG A 43 14.44 5.47 -1.22
N TRP A 44 14.26 6.11 -0.08
CA TRP A 44 13.47 5.52 1.00
C TRP A 44 12.35 6.46 1.43
N ARG A 45 12.00 7.39 0.55
CA ARG A 45 10.94 8.34 0.84
C ARG A 45 9.56 7.70 0.71
N LEU A 46 8.59 8.22 1.45
CA LEU A 46 7.24 7.69 1.42
C LEU A 46 6.51 8.12 0.16
N ILE A 47 6.26 7.16 -0.73
CA ILE A 47 5.58 7.44 -1.99
C ILE A 47 4.14 6.93 -1.94
N LEU A 48 3.19 7.82 -2.25
CA LEU A 48 1.78 7.45 -2.24
C LEU A 48 1.27 7.25 -3.66
N CYS A 49 0.36 6.30 -3.83
CA CYS A 49 -0.21 6.00 -5.14
C CYS A 49 -0.61 7.28 -5.86
N ALA A 50 -0.72 7.20 -7.18
CA ALA A 50 -1.10 8.35 -7.99
C ALA A 50 -2.55 8.26 -8.45
N THR A 51 -2.92 7.10 -9.00
CA THR A 51 -4.29 6.88 -9.47
C THR A 51 -5.30 7.18 -8.38
N CYS A 52 -5.23 6.43 -7.29
CA CYS A 52 -6.14 6.62 -6.17
C CYS A 52 -5.47 7.38 -5.03
N GLY A 53 -4.20 7.04 -4.77
CA GLY A 53 -3.47 7.69 -3.71
C GLY A 53 -3.91 7.25 -2.33
N SER A 54 -3.93 5.93 -2.11
CA SER A 54 -4.34 5.38 -0.83
C SER A 54 -3.18 4.62 -0.17
N HIS A 55 -2.44 3.86 -0.97
CA HIS A 55 -1.32 3.09 -0.46
C HIS A 55 -0.10 3.97 -0.28
N GLY A 56 0.82 3.56 0.60
CA GLY A 56 2.02 4.32 0.84
C GLY A 56 3.21 3.45 1.19
N THR A 57 4.26 3.53 0.38
CA THR A 57 5.46 2.74 0.60
C THR A 57 6.69 3.45 0.07
N HIS A 58 7.87 2.93 0.42
CA HIS A 58 9.13 3.52 -0.02
C HIS A 58 9.22 3.53 -1.54
N ARG A 59 10.38 3.93 -2.06
CA ARG A 59 10.60 3.98 -3.50
C ARG A 59 11.18 2.67 -4.01
N ASP A 60 12.36 2.33 -3.54
CA ASP A 60 13.03 1.10 -3.95
C ASP A 60 12.30 -0.12 -3.40
N CYS A 61 11.40 0.12 -2.44
CA CYS A 61 10.64 -0.96 -1.82
C CYS A 61 9.54 -1.45 -2.76
N SER A 62 8.90 -0.52 -3.46
CA SER A 62 7.83 -0.86 -4.38
C SER A 62 8.39 -1.29 -5.73
N SER A 63 9.64 -1.74 -5.73
CA SER A 63 10.30 -2.17 -6.95
C SER A 63 10.11 -1.15 -8.07
N LEU A 64 10.49 0.09 -7.80
CA LEU A 64 10.36 1.16 -8.78
C LEU A 64 11.70 1.44 -9.46
N ARG A 65 11.67 2.26 -10.51
CA ARG A 65 12.88 2.61 -11.24
C ARG A 65 13.46 3.93 -10.72
N PRO A 66 14.77 4.14 -10.98
CA PRO A 66 15.47 5.35 -10.55
C PRO A 66 15.03 6.58 -11.33
N ASN A 67 14.11 6.38 -12.28
CA ASN A 67 13.60 7.47 -13.09
C ASN A 67 12.08 7.50 -13.09
N SER A 68 11.49 6.87 -12.08
CA SER A 68 10.03 6.81 -11.95
C SER A 68 9.50 8.10 -11.34
N LYS A 69 8.48 8.68 -11.99
CA LYS A 69 7.88 9.91 -11.52
C LYS A 69 6.75 9.63 -10.54
N LYS A 70 5.82 8.77 -10.95
CA LYS A 70 4.69 8.41 -10.10
C LYS A 70 4.56 6.90 -10.01
N TRP A 71 4.02 6.43 -8.89
CA TRP A 71 3.82 5.00 -8.66
C TRP A 71 2.36 4.67 -8.41
N GLU A 72 1.95 3.45 -8.76
CA GLU A 72 0.58 3.02 -8.57
C GLU A 72 0.51 1.84 -7.61
N CYS A 73 -0.58 1.76 -6.86
CA CYS A 73 -0.77 0.67 -5.90
C CYS A 73 -1.29 -0.58 -6.59
N ASN A 74 -1.19 -1.71 -5.89
CA ASN A 74 -1.64 -2.99 -6.44
C ASN A 74 -3.09 -2.89 -6.92
N GLU A 75 -3.99 -2.56 -6.01
CA GLU A 75 -5.40 -2.43 -6.33
C GLU A 75 -5.59 -1.81 -7.72
N CYS A 76 -4.81 -0.77 -8.00
CA CYS A 76 -4.90 -0.08 -9.28
C CYS A 76 -4.23 -0.91 -10.38
N LEU A 77 -2.95 -1.23 -10.18
CA LEU A 77 -2.20 -2.01 -11.16
C LEU A 77 -3.08 -3.08 -11.79
N PRO A 78 -2.75 -3.47 -13.02
CA PRO A 78 -3.50 -4.49 -13.76
C PRO A 78 -3.32 -5.89 -13.18
N ALA A 79 -2.63 -5.96 -12.04
CA ALA A 79 -2.39 -7.24 -11.37
C ALA A 79 -3.66 -8.07 -11.32
N SER A 80 -4.76 -7.44 -10.90
CA SER A 80 -6.03 -8.14 -10.79
C SER A 80 -7.17 -7.26 -11.31
N GLY A 81 -8.35 -7.86 -11.47
CA GLY A 81 -9.49 -7.12 -11.96
C GLY A 81 -9.99 -6.09 -10.96
N PRO A 82 -10.59 -5.00 -11.46
CA PRO A 82 -11.12 -3.93 -10.63
C PRO A 82 -12.36 -4.35 -9.86
N SER A 83 -12.79 -5.59 -10.07
CA SER A 83 -13.97 -6.12 -9.39
C SER A 83 -14.05 -5.60 -7.96
N SER A 84 -12.98 -5.83 -7.19
CA SER A 84 -12.94 -5.40 -5.80
C SER A 84 -12.50 -3.94 -5.70
N GLY A 85 -13.20 -3.07 -6.44
CA GLY A 85 -12.86 -1.66 -6.43
C GLY A 85 -12.96 -1.05 -5.03
N GLY A 1 -4.82 -30.73 4.01
CA GLY A 1 -5.06 -29.46 4.68
C GLY A 1 -6.32 -28.77 4.16
N SER A 2 -6.82 -27.81 4.93
CA SER A 2 -8.02 -27.08 4.55
C SER A 2 -8.20 -25.83 5.41
N SER A 3 -8.73 -24.77 4.81
CA SER A 3 -8.95 -23.52 5.52
C SER A 3 -10.12 -22.74 4.92
N GLY A 4 -10.91 -22.11 5.78
CA GLY A 4 -12.05 -21.36 5.31
C GLY A 4 -12.26 -20.07 6.10
N SER A 5 -13.28 -19.30 5.73
CA SER A 5 -13.58 -18.04 6.41
C SER A 5 -14.94 -17.50 5.97
N SER A 6 -15.35 -16.41 6.59
CA SER A 6 -16.63 -15.79 6.28
C SER A 6 -16.66 -14.34 6.74
N GLY A 7 -17.77 -13.65 6.45
CA GLY A 7 -17.90 -12.26 6.84
C GLY A 7 -19.31 -11.74 6.65
N GLU A 8 -19.55 -10.51 7.08
CA GLU A 8 -20.87 -9.89 6.96
C GLU A 8 -20.79 -8.56 6.23
N LEU A 9 -21.95 -8.00 5.90
CA LEU A 9 -22.01 -6.73 5.19
C LEU A 9 -22.50 -5.63 6.11
N GLU A 10 -21.84 -4.46 6.04
CA GLU A 10 -22.20 -3.33 6.87
C GLU A 10 -22.25 -2.04 6.05
N PRO A 11 -23.43 -1.42 5.98
CA PRO A 11 -23.64 -0.18 5.23
C PRO A 11 -22.93 1.01 5.88
N GLY A 12 -22.64 2.04 5.07
CA GLY A 12 -21.97 3.21 5.59
C GLY A 12 -20.62 2.90 6.19
N ALA A 13 -19.77 2.22 5.43
CA ALA A 13 -18.45 1.85 5.89
C ALA A 13 -17.37 2.67 5.18
N PHE A 14 -17.64 3.96 5.01
CA PHE A 14 -16.69 4.85 4.34
C PHE A 14 -16.22 5.94 5.30
N SER A 15 -14.93 5.90 5.63
CA SER A 15 -14.35 6.89 6.53
C SER A 15 -12.84 6.99 6.31
N GLU A 16 -12.27 8.13 6.70
CA GLU A 16 -10.84 8.36 6.54
C GLU A 16 -10.24 8.92 7.83
N LEU A 17 -8.92 9.09 7.83
CA LEU A 17 -8.22 9.61 9.00
C LEU A 17 -7.49 10.90 8.66
N TYR A 18 -7.81 11.98 9.39
CA TYR A 18 -7.20 13.27 9.17
C TYR A 18 -5.70 13.12 8.88
N GLN A 19 -5.00 12.42 9.76
CA GLN A 19 -3.57 12.20 9.61
C GLN A 19 -3.26 11.61 8.25
N ARG A 20 -1.98 11.64 7.86
CA ARG A 20 -1.56 11.10 6.58
C ARG A 20 -1.39 9.59 6.65
N TYR A 21 -1.86 8.89 5.62
CA TYR A 21 -1.77 7.44 5.56
C TYR A 21 -0.39 7.00 5.11
N ARG A 22 0.20 6.06 5.85
CA ARG A 22 1.53 5.56 5.51
C ARG A 22 1.71 4.14 6.03
N HIS A 23 1.79 3.18 5.11
CA HIS A 23 1.97 1.78 5.47
C HIS A 23 2.67 1.01 4.36
N CYS A 24 3.91 0.62 4.60
CA CYS A 24 4.69 -0.12 3.62
C CYS A 24 3.92 -1.34 3.11
N ASP A 25 3.50 -1.28 1.86
CA ASP A 25 2.75 -2.38 1.25
C ASP A 25 3.41 -2.85 -0.03
N ALA A 26 4.73 -2.71 -0.10
CA ALA A 26 5.49 -3.12 -1.28
C ALA A 26 5.79 -4.61 -1.24
N PRO A 27 6.26 -5.15 -2.38
CA PRO A 27 6.60 -6.57 -2.50
C PRO A 27 7.84 -6.94 -1.70
N ILE A 28 8.91 -6.16 -1.88
CA ILE A 28 10.16 -6.40 -1.17
C ILE A 28 10.65 -5.13 -0.47
N CYS A 29 11.11 -5.29 0.76
CA CYS A 29 11.61 -4.17 1.54
C CYS A 29 13.07 -4.38 1.93
N LEU A 30 13.87 -3.33 1.76
CA LEU A 30 15.29 -3.40 2.09
C LEU A 30 15.58 -2.69 3.40
N TYR A 31 14.80 -1.66 3.69
CA TYR A 31 14.98 -0.89 4.91
C TYR A 31 14.89 -1.79 6.14
N GLU A 32 16.00 -1.91 6.86
CA GLU A 32 16.05 -2.75 8.06
C GLU A 32 14.79 -2.56 8.90
N GLN A 33 14.43 -1.32 9.15
CA GLN A 33 13.24 -1.01 9.94
C GLN A 33 11.98 -1.55 9.27
N GLY A 34 11.92 -1.41 7.94
CA GLY A 34 10.77 -1.89 7.20
C GLY A 34 9.45 -1.44 7.81
N ARG A 35 9.47 -0.25 8.42
CA ARG A 35 8.27 0.29 9.06
C ARG A 35 7.74 1.49 8.28
N ASP A 36 6.73 2.16 8.83
CA ASP A 36 6.14 3.32 8.19
C ASP A 36 7.02 4.54 8.37
N SER A 37 8.32 4.37 8.12
CA SER A 37 9.27 5.46 8.26
C SER A 37 9.90 5.81 6.90
N PHE A 38 9.83 7.08 6.55
CA PHE A 38 10.39 7.55 5.28
C PHE A 38 10.95 8.96 5.42
N GLU A 39 11.59 9.45 4.36
CA GLU A 39 12.16 10.78 4.36
C GLU A 39 11.54 11.65 3.27
N ASP A 40 11.69 12.97 3.41
CA ASP A 40 11.14 13.91 2.44
C ASP A 40 11.35 13.42 1.02
N GLU A 41 12.54 12.90 0.75
CA GLU A 41 12.88 12.38 -0.58
C GLU A 41 14.06 11.42 -0.51
N GLY A 42 14.28 10.70 -1.61
CA GLY A 42 15.38 9.76 -1.65
C GLY A 42 14.92 8.33 -1.90
N ARG A 43 15.69 7.36 -1.44
CA ARG A 43 15.36 5.96 -1.63
C ARG A 43 14.27 5.52 -0.65
N TRP A 44 14.30 6.09 0.55
CA TRP A 44 13.33 5.76 1.58
C TRP A 44 12.29 6.88 1.72
N ARG A 45 11.80 7.37 0.60
CA ARG A 45 10.80 8.43 0.59
C ARG A 45 9.40 7.86 0.47
N LEU A 46 8.49 8.34 1.33
CA LEU A 46 7.11 7.88 1.33
C LEU A 46 6.44 8.21 0.00
N ILE A 47 6.18 7.19 -0.80
CA ILE A 47 5.53 7.37 -2.10
C ILE A 47 4.08 6.91 -2.05
N LEU A 48 3.16 7.82 -2.37
CA LEU A 48 1.73 7.50 -2.38
C LEU A 48 1.25 7.18 -3.79
N CYS A 49 0.36 6.20 -3.90
CA CYS A 49 -0.18 5.81 -5.19
C CYS A 49 -0.59 7.03 -6.01
N ALA A 50 -0.62 6.87 -7.33
CA ALA A 50 -1.00 7.95 -8.22
C ALA A 50 -2.47 7.85 -8.63
N THR A 51 -2.86 6.67 -9.08
CA THR A 51 -4.24 6.45 -9.50
C THR A 51 -5.23 6.86 -8.42
N CYS A 52 -5.28 6.08 -7.34
CA CYS A 52 -6.18 6.36 -6.23
C CYS A 52 -5.49 7.23 -5.19
N GLY A 53 -4.22 6.93 -4.91
CA GLY A 53 -3.47 7.68 -3.93
C GLY A 53 -3.87 7.36 -2.50
N SER A 54 -3.88 6.07 -2.18
CA SER A 54 -4.25 5.62 -0.85
C SER A 54 -3.10 4.86 -0.18
N HIS A 55 -2.48 3.96 -0.95
CA HIS A 55 -1.37 3.16 -0.44
C HIS A 55 -0.14 4.03 -0.20
N GLY A 56 0.83 3.50 0.54
CA GLY A 56 2.04 4.24 0.83
C GLY A 56 3.20 3.34 1.16
N THR A 57 4.25 3.39 0.34
CA THR A 57 5.43 2.57 0.54
C THR A 57 6.70 3.30 0.09
N HIS A 58 7.86 2.76 0.44
CA HIS A 58 9.13 3.35 0.07
C HIS A 58 9.32 3.32 -1.45
N ARG A 59 10.43 3.88 -1.91
CA ARG A 59 10.73 3.92 -3.33
C ARG A 59 11.35 2.60 -3.80
N ASP A 60 12.57 2.33 -3.35
CA ASP A 60 13.27 1.09 -3.70
C ASP A 60 12.47 -0.12 -3.26
N CYS A 61 11.73 0.02 -2.17
CA CYS A 61 10.92 -1.07 -1.65
C CYS A 61 9.89 -1.54 -2.67
N SER A 62 9.36 -0.58 -3.44
CA SER A 62 8.36 -0.90 -4.45
C SER A 62 9.03 -1.36 -5.74
N SER A 63 10.24 -1.89 -5.62
CA SER A 63 10.98 -2.36 -6.78
C SER A 63 10.82 -1.41 -7.96
N LEU A 64 10.95 -0.12 -7.68
CA LEU A 64 10.82 0.91 -8.71
C LEU A 64 12.17 1.20 -9.36
N ARG A 65 12.19 2.17 -10.26
CA ARG A 65 13.42 2.56 -10.95
C ARG A 65 13.89 3.94 -10.51
N PRO A 66 15.16 4.24 -10.75
CA PRO A 66 15.76 5.53 -10.39
C PRO A 66 15.23 6.67 -11.24
N ASN A 67 14.54 6.33 -12.32
CA ASN A 67 13.97 7.33 -13.22
C ASN A 67 12.46 7.24 -13.25
N SER A 68 11.86 6.92 -12.11
CA SER A 68 10.41 6.80 -12.00
C SER A 68 9.79 8.11 -11.54
N LYS A 69 8.65 8.44 -12.12
CA LYS A 69 7.94 9.67 -11.78
C LYS A 69 6.96 9.43 -10.64
N LYS A 70 6.04 8.49 -10.84
CA LYS A 70 5.04 8.17 -9.84
C LYS A 70 4.81 6.66 -9.76
N TRP A 71 4.27 6.20 -8.64
CA TRP A 71 4.00 4.78 -8.45
C TRP A 71 2.54 4.55 -8.08
N GLU A 72 2.03 3.38 -8.45
CA GLU A 72 0.63 3.03 -8.16
C GLU A 72 0.55 1.77 -7.31
N CYS A 73 -0.58 1.58 -6.65
CA CYS A 73 -0.79 0.42 -5.80
C CYS A 73 -1.31 -0.76 -6.62
N ASN A 74 -1.40 -1.92 -5.97
CA ASN A 74 -1.89 -3.13 -6.64
C ASN A 74 -3.33 -2.96 -7.09
N GLU A 75 -4.23 -2.76 -6.12
CA GLU A 75 -5.64 -2.57 -6.41
C GLU A 75 -5.83 -1.83 -7.72
N CYS A 76 -5.04 -0.77 -7.92
CA CYS A 76 -5.12 0.04 -9.13
C CYS A 76 -4.41 -0.65 -10.29
N LEU A 77 -3.13 -0.94 -10.11
CA LEU A 77 -2.33 -1.59 -11.13
C LEU A 77 -3.16 -2.64 -11.87
N PRO A 78 -2.74 -2.96 -13.10
CA PRO A 78 -3.42 -3.96 -13.94
C PRO A 78 -3.26 -5.37 -13.41
N ALA A 79 -2.66 -5.49 -12.23
CA ALA A 79 -2.45 -6.79 -11.62
C ALA A 79 -3.67 -7.22 -10.81
N SER A 80 -3.99 -8.52 -10.88
CA SER A 80 -5.14 -9.06 -10.16
C SER A 80 -5.14 -8.60 -8.71
N GLY A 81 -6.20 -7.89 -8.31
CA GLY A 81 -6.30 -7.40 -6.95
C GLY A 81 -7.07 -8.34 -6.04
N PRO A 82 -6.42 -8.84 -5.00
CA PRO A 82 -7.03 -9.77 -4.04
C PRO A 82 -8.08 -9.09 -3.17
N SER A 83 -9.34 -9.50 -3.34
CA SER A 83 -10.44 -8.92 -2.58
C SER A 83 -10.86 -9.87 -1.45
N SER A 84 -11.69 -9.35 -0.55
CA SER A 84 -12.17 -10.14 0.58
C SER A 84 -13.70 -10.21 0.58
N GLY A 85 -14.25 -11.14 -0.20
CA GLY A 85 -15.68 -11.29 -0.28
C GLY A 85 -16.38 -10.04 -0.78
N GLY A 1 -8.18 -40.30 14.08
CA GLY A 1 -8.22 -39.39 12.95
C GLY A 1 -7.73 -38.00 13.31
N SER A 2 -8.11 -37.02 12.49
CA SER A 2 -7.71 -35.63 12.73
C SER A 2 -8.86 -34.68 12.40
N SER A 3 -8.64 -33.39 12.68
CA SER A 3 -9.66 -32.38 12.42
C SER A 3 -9.14 -31.32 11.46
N GLY A 4 -10.00 -30.36 11.11
CA GLY A 4 -9.61 -29.31 10.19
C GLY A 4 -9.65 -27.94 10.85
N SER A 5 -9.92 -26.91 10.06
CA SER A 5 -9.98 -25.54 10.56
C SER A 5 -10.96 -24.71 9.74
N SER A 6 -11.41 -23.60 10.31
CA SER A 6 -12.35 -22.71 9.64
C SER A 6 -11.81 -21.29 9.60
N GLY A 7 -12.01 -20.62 8.47
CA GLY A 7 -11.52 -19.25 8.32
C GLY A 7 -12.06 -18.33 9.40
N GLU A 8 -11.40 -17.21 9.60
CA GLU A 8 -11.81 -16.24 10.61
C GLU A 8 -11.15 -14.89 10.37
N LEU A 9 -11.91 -13.81 10.59
CA LEU A 9 -11.40 -12.46 10.40
C LEU A 9 -10.25 -12.17 11.36
N GLU A 10 -9.38 -11.25 10.97
CA GLU A 10 -8.24 -10.88 11.79
C GLU A 10 -8.69 -10.22 13.09
N PRO A 11 -8.10 -10.65 14.21
CA PRO A 11 -8.44 -10.11 15.54
C PRO A 11 -7.96 -8.67 15.72
N GLY A 12 -8.41 -8.04 16.79
CA GLY A 12 -8.03 -6.66 17.05
C GLY A 12 -8.00 -5.81 15.80
N ALA A 13 -9.11 -5.83 15.06
CA ALA A 13 -9.22 -5.05 13.84
C ALA A 13 -10.27 -3.95 13.97
N PHE A 14 -9.81 -2.73 14.28
CA PHE A 14 -10.72 -1.61 14.44
C PHE A 14 -10.78 -0.77 13.16
N SER A 15 -11.83 0.03 13.03
CA SER A 15 -12.01 0.88 11.86
C SER A 15 -11.11 2.10 11.92
N GLU A 16 -10.91 2.74 10.78
CA GLU A 16 -10.06 3.92 10.71
C GLU A 16 -10.74 5.04 9.91
N LEU A 17 -10.07 6.17 9.79
CA LEU A 17 -10.61 7.31 9.06
C LEU A 17 -10.18 7.28 7.59
N TYR A 18 -9.59 6.16 7.18
CA TYR A 18 -9.13 6.00 5.82
C TYR A 18 -8.74 7.34 5.20
N GLN A 19 -7.94 8.10 5.93
CA GLN A 19 -7.50 9.42 5.47
C GLN A 19 -5.99 9.45 5.28
N ARG A 20 -5.26 9.09 6.33
CA ARG A 20 -3.80 9.08 6.30
C ARG A 20 -3.27 7.64 6.28
N TYR A 21 -2.73 7.23 5.14
CA TYR A 21 -2.19 5.88 5.00
C TYR A 21 -0.66 5.91 4.90
N ARG A 22 -0.01 5.51 5.98
CA ARG A 22 1.45 5.50 6.03
C ARG A 22 1.97 4.15 6.53
N HIS A 23 1.99 3.17 5.65
CA HIS A 23 2.46 1.83 6.00
C HIS A 23 3.05 1.12 4.80
N CYS A 24 4.31 0.70 4.91
CA CYS A 24 5.00 0.01 3.83
C CYS A 24 4.26 -1.28 3.47
N ASP A 25 3.85 -1.37 2.21
CA ASP A 25 3.13 -2.55 1.72
C ASP A 25 3.88 -3.19 0.56
N ALA A 26 4.95 -2.54 0.13
CA ALA A 26 5.76 -3.05 -0.99
C ALA A 26 6.07 -4.54 -0.80
N PRO A 27 6.59 -5.17 -1.86
CA PRO A 27 6.94 -6.59 -1.85
C PRO A 27 8.13 -6.88 -0.95
N ILE A 28 9.17 -6.05 -1.05
CA ILE A 28 10.37 -6.22 -0.25
C ILE A 28 10.91 -4.88 0.22
N CYS A 29 11.43 -4.85 1.45
CA CYS A 29 11.97 -3.63 2.02
C CYS A 29 13.50 -3.72 2.14
N LEU A 30 14.16 -2.57 2.06
CA LEU A 30 15.61 -2.51 2.16
C LEU A 30 16.05 -1.67 3.35
N TYR A 31 15.29 -0.61 3.62
CA TYR A 31 15.60 0.29 4.73
C TYR A 31 15.72 -0.47 6.04
N GLU A 32 16.94 -0.59 6.54
CA GLU A 32 17.19 -1.29 7.79
C GLU A 32 16.05 -1.08 8.78
N GLN A 33 15.56 0.15 8.86
CA GLN A 33 14.47 0.50 9.76
C GLN A 33 13.35 -0.53 9.67
N GLY A 34 12.91 -0.81 8.44
CA GLY A 34 11.84 -1.77 8.24
C GLY A 34 10.52 -1.32 8.84
N ARG A 35 10.10 -0.11 8.48
CA ARG A 35 8.85 0.45 8.98
C ARG A 35 8.39 1.63 8.13
N ASP A 36 7.32 2.28 8.55
CA ASP A 36 6.78 3.44 7.83
C ASP A 36 7.60 4.69 8.11
N SER A 37 8.92 4.55 8.08
CA SER A 37 9.82 5.66 8.34
C SER A 37 10.48 6.14 7.05
N PHE A 38 10.15 7.36 6.64
CA PHE A 38 10.71 7.94 5.43
C PHE A 38 11.22 9.36 5.67
N GLU A 39 11.93 9.90 4.70
CA GLU A 39 12.47 11.26 4.81
C GLU A 39 11.76 12.21 3.85
N ASP A 40 11.85 13.50 4.13
CA ASP A 40 11.22 14.51 3.31
C ASP A 40 11.28 14.11 1.83
N GLU A 41 12.42 13.59 1.41
CA GLU A 41 12.61 13.17 0.03
C GLU A 41 13.77 12.18 -0.10
N GLY A 42 13.92 11.61 -1.28
CA GLY A 42 15.00 10.66 -1.51
C GLY A 42 14.49 9.25 -1.71
N ARG A 43 15.40 8.34 -2.04
CA ARG A 43 15.04 6.93 -2.27
C ARG A 43 14.12 6.44 -1.16
N TRP A 44 14.39 6.84 0.06
CA TRP A 44 13.58 6.43 1.21
C TRP A 44 12.45 7.43 1.46
N ARG A 45 11.77 7.81 0.40
CA ARG A 45 10.67 8.77 0.51
C ARG A 45 9.32 8.05 0.43
N LEU A 46 8.42 8.39 1.34
CA LEU A 46 7.10 7.78 1.38
C LEU A 46 6.31 8.12 0.12
N ILE A 47 6.30 7.20 -0.84
CA ILE A 47 5.58 7.41 -2.09
C ILE A 47 4.16 6.86 -2.00
N LEU A 48 3.18 7.72 -2.25
CA LEU A 48 1.78 7.32 -2.20
C LEU A 48 1.20 7.17 -3.61
N CYS A 49 0.31 6.21 -3.78
CA CYS A 49 -0.31 5.97 -5.08
C CYS A 49 -0.82 7.27 -5.68
N ALA A 50 -0.89 7.32 -7.01
CA ALA A 50 -1.35 8.50 -7.72
C ALA A 50 -2.76 8.30 -8.26
N THR A 51 -3.00 7.13 -8.85
CA THR A 51 -4.31 6.81 -9.41
C THR A 51 -5.41 6.95 -8.35
N CYS A 52 -5.16 6.42 -7.17
CA CYS A 52 -6.12 6.49 -6.07
C CYS A 52 -5.53 7.23 -4.88
N GLY A 53 -4.29 6.88 -4.52
CA GLY A 53 -3.65 7.52 -3.40
C GLY A 53 -4.06 6.93 -2.07
N SER A 54 -3.88 5.62 -1.93
CA SER A 54 -4.25 4.92 -0.70
C SER A 54 -3.04 4.21 -0.10
N HIS A 55 -2.31 3.50 -0.94
CA HIS A 55 -1.12 2.77 -0.49
C HIS A 55 0.08 3.70 -0.37
N GLY A 56 1.00 3.35 0.53
CA GLY A 56 2.19 4.17 0.72
C GLY A 56 3.40 3.35 1.08
N THR A 57 4.46 3.48 0.29
CA THR A 57 5.70 2.73 0.52
C THR A 57 6.90 3.50 0.00
N HIS A 58 8.09 3.02 0.35
CA HIS A 58 9.33 3.66 -0.08
C HIS A 58 9.47 3.60 -1.60
N ARG A 59 10.59 4.12 -2.10
CA ARG A 59 10.85 4.13 -3.54
C ARG A 59 11.38 2.78 -4.00
N ASP A 60 12.61 2.47 -3.60
CA ASP A 60 13.25 1.21 -3.97
C ASP A 60 12.46 0.02 -3.41
N CYS A 61 11.92 0.18 -2.20
CA CYS A 61 11.15 -0.86 -1.56
C CYS A 61 10.12 -1.44 -2.52
N SER A 62 9.45 -0.57 -3.27
CA SER A 62 8.44 -1.00 -4.23
C SER A 62 9.07 -1.38 -5.56
N SER A 63 10.30 -1.91 -5.50
CA SER A 63 11.02 -2.32 -6.69
C SER A 63 10.69 -1.40 -7.86
N LEU A 64 10.74 -0.09 -7.62
CA LEU A 64 10.45 0.88 -8.65
C LEU A 64 11.68 1.16 -9.51
N ARG A 65 11.55 2.09 -10.45
CA ARG A 65 12.65 2.44 -11.33
C ARG A 65 13.38 3.68 -10.82
N PRO A 66 14.62 3.89 -11.29
CA PRO A 66 15.44 5.03 -10.90
C PRO A 66 14.91 6.34 -11.45
N ASN A 67 14.59 7.28 -10.55
CA ASN A 67 14.08 8.58 -10.96
C ASN A 67 12.66 8.46 -11.50
N SER A 68 11.82 7.68 -10.81
CA SER A 68 10.45 7.48 -11.24
C SER A 68 9.60 8.73 -10.98
N LYS A 69 8.48 8.83 -11.67
CA LYS A 69 7.59 9.97 -11.53
C LYS A 69 6.48 9.67 -10.51
N LYS A 70 5.60 8.75 -10.86
CA LYS A 70 4.51 8.37 -9.99
C LYS A 70 4.37 6.85 -9.91
N TRP A 71 3.84 6.36 -8.79
CA TRP A 71 3.65 4.93 -8.59
C TRP A 71 2.20 4.61 -8.26
N GLU A 72 1.75 3.42 -8.65
CA GLU A 72 0.38 2.99 -8.39
C GLU A 72 0.36 1.77 -7.48
N CYS A 73 -0.76 1.57 -6.80
CA CYS A 73 -0.92 0.44 -5.89
C CYS A 73 -1.46 -0.77 -6.63
N ASN A 74 -1.55 -1.90 -5.93
CA ASN A 74 -2.06 -3.14 -6.52
C ASN A 74 -3.50 -2.97 -7.00
N GLU A 75 -4.36 -2.50 -6.11
CA GLU A 75 -5.77 -2.28 -6.44
C GLU A 75 -5.91 -1.62 -7.81
N CYS A 76 -5.04 -0.67 -8.10
CA CYS A 76 -5.06 0.04 -9.36
C CYS A 76 -4.37 -0.78 -10.45
N LEU A 77 -3.10 -1.11 -10.22
CA LEU A 77 -2.33 -1.89 -11.17
C LEU A 77 -3.10 -3.12 -11.63
N PRO A 78 -2.86 -3.55 -12.88
CA PRO A 78 -3.52 -4.71 -13.46
C PRO A 78 -3.06 -6.02 -12.82
N ALA A 79 -3.70 -6.39 -11.71
CA ALA A 79 -3.34 -7.61 -11.00
C ALA A 79 -4.37 -7.93 -9.92
N SER A 80 -4.61 -9.22 -9.70
CA SER A 80 -5.57 -9.65 -8.69
C SER A 80 -4.90 -9.80 -7.33
N GLY A 81 -5.68 -9.59 -6.26
CA GLY A 81 -5.15 -9.70 -4.93
C GLY A 81 -6.08 -9.14 -3.88
N PRO A 82 -5.87 -9.54 -2.62
CA PRO A 82 -6.71 -9.08 -1.49
C PRO A 82 -6.48 -7.61 -1.16
N SER A 83 -7.55 -6.83 -1.19
CA SER A 83 -7.47 -5.40 -0.90
C SER A 83 -7.12 -5.16 0.56
N SER A 84 -5.83 -5.26 0.87
CA SER A 84 -5.36 -5.06 2.24
C SER A 84 -4.76 -3.67 2.41
N GLY A 85 -5.60 -2.71 2.78
CA GLY A 85 -5.14 -1.34 2.96
C GLY A 85 -5.70 -0.71 4.22
N GLY A 1 -8.95 -19.57 38.36
CA GLY A 1 -9.69 -20.48 37.51
C GLY A 1 -8.96 -20.79 36.21
N SER A 2 -9.71 -20.87 35.12
CA SER A 2 -9.13 -21.18 33.82
C SER A 2 -9.85 -20.42 32.71
N SER A 3 -9.34 -20.54 31.49
CA SER A 3 -9.93 -19.87 30.34
C SER A 3 -9.82 -20.72 29.09
N GLY A 4 -10.39 -20.23 27.99
CA GLY A 4 -10.34 -20.97 26.74
C GLY A 4 -9.87 -20.12 25.57
N SER A 5 -10.20 -20.54 24.36
CA SER A 5 -9.79 -19.81 23.17
C SER A 5 -10.59 -20.27 21.95
N SER A 6 -11.24 -19.32 21.29
CA SER A 6 -12.05 -19.62 20.11
C SER A 6 -11.90 -18.54 19.05
N GLY A 7 -12.28 -18.86 17.82
CA GLY A 7 -12.18 -17.90 16.74
C GLY A 7 -12.68 -16.53 17.13
N GLU A 8 -12.36 -15.52 16.31
CA GLU A 8 -12.77 -14.15 16.59
C GLU A 8 -12.89 -13.36 15.30
N LEU A 9 -13.59 -12.23 15.36
CA LEU A 9 -13.77 -11.37 14.19
C LEU A 9 -12.85 -10.16 14.26
N GLU A 10 -12.66 -9.50 13.11
CA GLU A 10 -11.80 -8.33 13.03
C GLU A 10 -12.63 -7.06 12.99
N PRO A 11 -12.80 -6.42 14.17
CA PRO A 11 -13.57 -5.18 14.29
C PRO A 11 -12.87 -3.99 13.64
N GLY A 12 -11.55 -4.13 13.43
CA GLY A 12 -10.80 -3.06 12.82
C GLY A 12 -10.73 -3.18 11.31
N ALA A 13 -11.88 -3.44 10.69
CA ALA A 13 -11.94 -3.58 9.24
C ALA A 13 -12.63 -2.38 8.59
N PHE A 14 -12.29 -1.18 9.07
CA PHE A 14 -12.87 0.05 8.54
C PHE A 14 -11.79 0.98 8.02
N SER A 15 -12.22 2.08 7.41
CA SER A 15 -11.28 3.07 6.86
C SER A 15 -11.58 4.46 7.41
N GLU A 16 -10.60 5.34 7.30
CA GLU A 16 -10.75 6.71 7.79
C GLU A 16 -9.80 7.66 7.06
N LEU A 17 -10.02 8.96 7.22
CA LEU A 17 -9.20 9.96 6.58
C LEU A 17 -8.61 10.93 7.60
N TYR A 18 -9.23 11.00 8.78
CA TYR A 18 -8.77 11.87 9.84
C TYR A 18 -7.24 11.98 9.83
N GLN A 19 -6.58 10.85 9.64
CA GLN A 19 -5.12 10.81 9.62
C GLN A 19 -4.61 10.38 8.24
N ARG A 20 -3.37 10.76 7.93
CA ARG A 20 -2.77 10.42 6.66
C ARG A 20 -2.65 8.90 6.50
N TYR A 21 -2.79 8.43 5.27
CA TYR A 21 -2.70 7.00 4.99
C TYR A 21 -1.29 6.63 4.53
N ARG A 22 -0.72 5.61 5.17
CA ARG A 22 0.63 5.16 4.83
C ARG A 22 0.87 3.75 5.34
N HIS A 23 0.90 2.79 4.43
CA HIS A 23 1.13 1.39 4.80
C HIS A 23 1.87 0.65 3.68
N CYS A 24 3.14 0.36 3.93
CA CYS A 24 3.97 -0.35 2.95
C CYS A 24 3.18 -1.47 2.29
N ASP A 25 2.65 -1.20 1.11
CA ASP A 25 1.88 -2.19 0.37
C ASP A 25 2.56 -2.55 -0.95
N ALA A 26 3.89 -2.63 -0.90
CA ALA A 26 4.68 -2.97 -2.09
C ALA A 26 4.84 -4.48 -2.22
N PRO A 27 5.31 -4.92 -3.39
CA PRO A 27 5.53 -6.35 -3.68
C PRO A 27 6.69 -6.93 -2.88
N ILE A 28 7.82 -6.25 -2.91
CA ILE A 28 9.00 -6.70 -2.19
C ILE A 28 9.62 -5.56 -1.38
N CYS A 29 10.01 -5.86 -0.15
CA CYS A 29 10.62 -4.86 0.72
C CYS A 29 12.05 -5.26 1.09
N LEU A 30 12.95 -4.29 1.06
CA LEU A 30 14.35 -4.53 1.39
C LEU A 30 14.73 -3.84 2.70
N TYR A 31 14.03 -2.77 3.03
CA TYR A 31 14.28 -2.02 4.25
C TYR A 31 14.12 -2.92 5.48
N GLU A 32 15.03 -2.78 6.43
CA GLU A 32 14.98 -3.57 7.66
C GLU A 32 13.67 -3.35 8.40
N GLN A 33 13.39 -2.08 8.71
CA GLN A 33 12.16 -1.74 9.43
C GLN A 33 10.95 -2.46 8.83
N GLY A 34 10.67 -2.16 7.56
CA GLY A 34 9.54 -2.79 6.89
C GLY A 34 8.25 -2.00 7.06
N ARG A 35 7.97 -1.59 8.29
CA ARG A 35 6.76 -0.82 8.58
C ARG A 35 6.66 0.38 7.65
N ASP A 36 5.66 1.23 7.90
CA ASP A 36 5.45 2.42 7.09
C ASP A 36 6.44 3.52 7.45
N SER A 37 7.71 3.12 7.57
CA SER A 37 8.77 4.07 7.92
C SER A 37 9.47 4.57 6.66
N PHE A 38 9.62 5.89 6.55
CA PHE A 38 10.28 6.50 5.41
C PHE A 38 11.00 7.77 5.81
N GLU A 39 11.94 8.20 4.97
CA GLU A 39 12.71 9.42 5.24
C GLU A 39 12.18 10.59 4.43
N ASP A 40 12.47 11.81 4.90
CA ASP A 40 12.03 13.02 4.21
C ASP A 40 11.98 12.81 2.70
N GLU A 41 13.04 12.19 2.17
CA GLU A 41 13.12 11.93 0.73
C GLU A 41 14.22 10.91 0.42
N GLY A 42 14.22 10.40 -0.80
CA GLY A 42 15.22 9.42 -1.20
C GLY A 42 14.59 8.09 -1.58
N ARG A 43 15.42 7.05 -1.61
CA ARG A 43 14.95 5.71 -1.98
C ARG A 43 13.84 5.26 -1.03
N TRP A 44 14.07 5.43 0.26
CA TRP A 44 13.08 5.02 1.26
C TRP A 44 12.13 6.17 1.57
N ARG A 45 11.65 6.84 0.52
CA ARG A 45 10.73 7.96 0.70
C ARG A 45 9.28 7.50 0.55
N LEU A 46 8.43 7.95 1.47
CA LEU A 46 7.02 7.59 1.45
C LEU A 46 6.34 8.09 0.18
N ILE A 47 6.03 7.17 -0.73
CA ILE A 47 5.37 7.52 -1.98
C ILE A 47 3.90 7.13 -1.96
N LEU A 48 3.03 8.11 -2.20
CA LEU A 48 1.60 7.87 -2.22
C LEU A 48 1.09 7.63 -3.63
N CYS A 49 0.31 6.57 -3.81
CA CYS A 49 -0.23 6.23 -5.12
C CYS A 49 -0.64 7.48 -5.88
N ALA A 50 -0.64 7.39 -7.21
CA ALA A 50 -1.02 8.52 -8.05
C ALA A 50 -2.41 8.33 -8.63
N THR A 51 -2.65 7.17 -9.24
CA THR A 51 -3.94 6.86 -9.83
C THR A 51 -5.08 7.18 -8.87
N CYS A 52 -5.05 6.55 -7.70
CA CYS A 52 -6.08 6.76 -6.69
C CYS A 52 -5.53 7.58 -5.52
N GLY A 53 -4.35 7.21 -5.05
CA GLY A 53 -3.74 7.93 -3.94
C GLY A 53 -4.25 7.45 -2.60
N SER A 54 -4.39 6.14 -2.45
CA SER A 54 -4.88 5.56 -1.20
C SER A 54 -3.92 4.48 -0.70
N HIS A 55 -2.63 4.66 -0.99
CA HIS A 55 -1.61 3.71 -0.57
C HIS A 55 -0.30 4.41 -0.27
N GLY A 56 0.58 3.73 0.47
CA GLY A 56 1.86 4.31 0.81
C GLY A 56 2.94 3.26 1.01
N THR A 57 4.01 3.36 0.23
CA THR A 57 5.11 2.42 0.31
C THR A 57 6.44 3.06 -0.08
N HIS A 58 7.54 2.36 0.16
CA HIS A 58 8.87 2.87 -0.17
C HIS A 58 9.12 2.79 -1.67
N ARG A 59 9.93 3.71 -2.17
CA ARG A 59 10.25 3.75 -3.60
C ARG A 59 10.87 2.43 -4.05
N ASP A 60 12.09 2.15 -3.59
CA ASP A 60 12.78 0.93 -3.95
C ASP A 60 11.91 -0.29 -3.65
N CYS A 61 11.20 -0.25 -2.53
CA CYS A 61 10.34 -1.35 -2.12
C CYS A 61 9.30 -1.65 -3.20
N SER A 62 8.84 -0.60 -3.88
CA SER A 62 7.83 -0.74 -4.93
C SER A 62 8.49 -1.10 -6.26
N SER A 63 9.72 -1.62 -6.18
CA SER A 63 10.46 -1.99 -7.38
C SER A 63 10.36 -0.92 -8.45
N LEU A 64 10.61 0.32 -8.06
CA LEU A 64 10.54 1.45 -8.98
C LEU A 64 11.91 1.74 -9.59
N ARG A 65 11.99 2.80 -10.38
CA ARG A 65 13.23 3.18 -11.03
C ARG A 65 13.66 4.58 -10.61
N PRO A 66 14.95 4.90 -10.82
CA PRO A 66 15.50 6.21 -10.47
C PRO A 66 14.98 7.32 -11.37
N ASN A 67 14.22 6.94 -12.39
CA ASN A 67 13.65 7.91 -13.32
C ASN A 67 12.18 8.16 -13.03
N SER A 68 11.44 7.07 -12.81
CA SER A 68 10.02 7.16 -12.52
C SER A 68 9.72 8.34 -11.61
N LYS A 69 8.47 8.80 -11.61
CA LYS A 69 8.06 9.92 -10.78
C LYS A 69 6.79 9.58 -9.99
N LYS A 70 5.95 8.74 -10.57
CA LYS A 70 4.71 8.33 -9.91
C LYS A 70 4.62 6.80 -9.83
N TRP A 71 4.02 6.32 -8.75
CA TRP A 71 3.87 4.88 -8.56
C TRP A 71 2.40 4.51 -8.32
N GLU A 72 2.02 3.31 -8.75
CA GLU A 72 0.65 2.85 -8.59
C GLU A 72 0.58 1.70 -7.59
N CYS A 73 -0.45 1.72 -6.75
CA CYS A 73 -0.63 0.68 -5.73
C CYS A 73 -1.10 -0.62 -6.38
N ASN A 74 -1.16 -1.68 -5.57
CA ASN A 74 -1.58 -2.99 -6.07
C ASN A 74 -2.99 -2.92 -6.64
N GLU A 75 -3.92 -2.39 -5.87
CA GLU A 75 -5.32 -2.28 -6.30
C GLU A 75 -5.38 -1.72 -7.72
N CYS A 76 -4.57 -0.71 -8.00
CA CYS A 76 -4.55 -0.10 -9.33
C CYS A 76 -3.81 -0.99 -10.32
N LEU A 77 -2.54 -1.28 -10.03
CA LEU A 77 -1.72 -2.12 -10.89
C LEU A 77 -2.55 -3.26 -11.49
N PRO A 78 -2.13 -3.73 -12.67
CA PRO A 78 -2.80 -4.82 -13.37
C PRO A 78 -2.65 -6.16 -12.66
N ALA A 79 -3.75 -6.70 -12.14
CA ALA A 79 -3.73 -7.97 -11.45
C ALA A 79 -4.94 -8.82 -11.81
N SER A 80 -4.91 -10.09 -11.41
CA SER A 80 -6.00 -11.00 -11.70
C SER A 80 -7.19 -10.76 -10.77
N GLY A 81 -6.92 -10.78 -9.47
CA GLY A 81 -7.97 -10.56 -8.49
C GLY A 81 -7.47 -9.82 -7.26
N PRO A 82 -8.23 -8.80 -6.84
CA PRO A 82 -7.88 -7.98 -5.67
C PRO A 82 -8.02 -8.76 -4.36
N SER A 83 -7.66 -8.11 -3.25
CA SER A 83 -7.75 -8.74 -1.94
C SER A 83 -9.19 -8.79 -1.45
N SER A 84 -9.40 -9.44 -0.31
CA SER A 84 -10.74 -9.58 0.26
C SER A 84 -10.90 -8.66 1.47
N GLY A 85 -12.14 -8.40 1.84
CA GLY A 85 -12.41 -7.54 2.98
C GLY A 85 -13.87 -7.57 3.40
N GLY A 1 -8.01 -42.54 4.03
CA GLY A 1 -7.87 -41.57 5.09
C GLY A 1 -9.08 -40.67 5.23
N SER A 2 -8.90 -39.55 5.92
CA SER A 2 -10.00 -38.60 6.12
C SER A 2 -9.46 -37.21 6.44
N SER A 3 -10.32 -36.21 6.33
CA SER A 3 -9.93 -34.82 6.60
C SER A 3 -11.16 -33.97 6.92
N GLY A 4 -10.91 -32.75 7.39
CA GLY A 4 -12.00 -31.86 7.73
C GLY A 4 -12.03 -30.63 6.83
N SER A 5 -12.39 -29.48 7.41
CA SER A 5 -12.45 -28.24 6.66
C SER A 5 -12.66 -27.05 7.60
N SER A 6 -12.45 -25.85 7.08
CA SER A 6 -12.62 -24.63 7.86
C SER A 6 -12.74 -23.41 6.96
N GLY A 7 -13.32 -22.34 7.49
CA GLY A 7 -13.50 -21.12 6.72
C GLY A 7 -12.23 -20.28 6.69
N GLU A 8 -12.18 -19.34 5.75
CA GLU A 8 -11.03 -18.46 5.62
C GLU A 8 -11.39 -17.02 5.96
N LEU A 9 -10.46 -16.32 6.60
CA LEU A 9 -10.68 -14.93 6.99
C LEU A 9 -11.19 -14.11 5.81
N GLU A 10 -11.89 -13.02 6.12
CA GLU A 10 -12.43 -12.15 5.08
C GLU A 10 -11.34 -11.26 4.49
N PRO A 11 -11.07 -11.44 3.18
CA PRO A 11 -10.06 -10.67 2.46
C PRO A 11 -10.46 -9.21 2.28
N GLY A 12 -11.73 -8.99 1.97
CA GLY A 12 -12.22 -7.64 1.77
C GLY A 12 -12.48 -6.92 3.08
N ALA A 13 -11.51 -6.97 3.99
CA ALA A 13 -11.63 -6.32 5.28
C ALA A 13 -10.60 -5.21 5.44
N PHE A 14 -10.31 -4.51 4.35
CA PHE A 14 -9.34 -3.43 4.37
C PHE A 14 -9.90 -2.17 3.71
N SER A 15 -9.82 -1.05 4.41
CA SER A 15 -10.33 0.21 3.89
C SER A 15 -9.42 1.36 4.29
N GLU A 16 -9.45 2.43 3.50
CA GLU A 16 -8.64 3.61 3.78
C GLU A 16 -9.17 4.39 4.98
N LEU A 17 -8.40 5.37 5.43
CA LEU A 17 -8.80 6.19 6.57
C LEU A 17 -8.76 7.67 6.21
N TYR A 18 -9.50 8.48 6.97
CA TYR A 18 -9.55 9.92 6.73
C TYR A 18 -8.14 10.52 6.77
N GLN A 19 -7.48 10.38 7.91
CA GLN A 19 -6.13 10.92 8.09
C GLN A 19 -5.16 10.27 7.11
N ARG A 20 -3.95 10.81 7.02
CA ARG A 20 -2.93 10.28 6.13
C ARG A 20 -2.72 8.79 6.37
N TYR A 21 -2.37 8.06 5.31
CA TYR A 21 -2.14 6.63 5.40
C TYR A 21 -0.69 6.29 5.07
N ARG A 22 0.10 6.04 6.10
CA ARG A 22 1.52 5.70 5.92
C ARG A 22 1.79 4.27 6.37
N HIS A 23 1.69 3.33 5.44
CA HIS A 23 1.93 1.93 5.73
C HIS A 23 2.53 1.21 4.52
N CYS A 24 3.78 0.78 4.67
CA CYS A 24 4.47 0.08 3.58
C CYS A 24 3.62 -1.06 3.04
N ASP A 25 3.16 -0.92 1.81
CA ASP A 25 2.34 -1.95 1.18
C ASP A 25 2.96 -2.43 -0.13
N ALA A 26 4.29 -2.48 -0.15
CA ALA A 26 5.01 -2.93 -1.34
C ALA A 26 5.17 -4.44 -1.36
N PRO A 27 5.62 -4.97 -2.51
CA PRO A 27 5.82 -6.41 -2.69
C PRO A 27 7.00 -6.94 -1.88
N ILE A 28 8.09 -6.18 -1.87
CA ILE A 28 9.29 -6.56 -1.14
C ILE A 28 9.96 -5.34 -0.51
N CYS A 29 10.40 -5.50 0.74
CA CYS A 29 11.06 -4.42 1.45
C CYS A 29 12.54 -4.75 1.70
N LEU A 30 13.37 -3.71 1.76
CA LEU A 30 14.79 -3.89 1.99
C LEU A 30 15.23 -3.16 3.25
N TYR A 31 14.53 -2.09 3.60
CA TYR A 31 14.85 -1.30 4.78
C TYR A 31 14.79 -2.16 6.03
N GLU A 32 15.96 -2.44 6.61
CA GLU A 32 16.03 -3.25 7.83
C GLU A 32 14.91 -2.88 8.80
N GLN A 33 14.54 -1.60 8.80
CA GLN A 33 13.48 -1.12 9.69
C GLN A 33 12.23 -1.98 9.57
N GLY A 34 11.68 -2.06 8.36
CA GLY A 34 10.49 -2.86 8.14
C GLY A 34 9.24 -2.20 8.68
N ARG A 35 9.11 -0.90 8.45
CA ARG A 35 7.95 -0.15 8.94
C ARG A 35 7.72 1.10 8.09
N ASP A 36 6.75 1.91 8.49
CA ASP A 36 6.44 3.14 7.76
C ASP A 36 7.49 4.22 8.03
N SER A 37 8.76 3.84 7.94
CA SER A 37 9.85 4.78 8.18
C SER A 37 10.41 5.30 6.87
N PHE A 38 10.21 6.60 6.62
CA PHE A 38 10.70 7.22 5.40
C PHE A 38 11.44 8.52 5.70
N GLU A 39 12.31 8.94 4.80
CA GLU A 39 13.08 10.16 4.97
C GLU A 39 12.52 11.28 4.10
N ASP A 40 12.84 12.52 4.47
CA ASP A 40 12.36 13.68 3.72
C ASP A 40 12.35 13.39 2.23
N GLU A 41 13.40 12.73 1.74
CA GLU A 41 13.50 12.40 0.33
C GLU A 41 14.58 11.34 0.09
N GLY A 42 14.53 10.71 -1.08
CA GLY A 42 15.51 9.69 -1.40
C GLY A 42 14.87 8.35 -1.73
N ARG A 43 15.64 7.28 -1.61
CA ARG A 43 15.15 5.94 -1.91
C ARG A 43 14.14 5.50 -0.85
N TRP A 44 14.33 5.96 0.38
CA TRP A 44 13.44 5.61 1.48
C TRP A 44 12.38 6.68 1.68
N ARG A 45 11.96 7.30 0.59
CA ARG A 45 10.95 8.34 0.65
C ARG A 45 9.55 7.75 0.58
N LEU A 46 8.61 8.35 1.33
CA LEU A 46 7.24 7.88 1.35
C LEU A 46 6.51 8.24 0.07
N ILE A 47 6.19 7.24 -0.74
CA ILE A 47 5.49 7.46 -1.99
C ILE A 47 4.03 7.01 -1.90
N LEU A 48 3.11 7.92 -2.19
CA LEU A 48 1.68 7.62 -2.14
C LEU A 48 1.12 7.45 -3.54
N CYS A 49 0.24 6.47 -3.70
CA CYS A 49 -0.39 6.20 -4.99
C CYS A 49 -0.91 7.49 -5.62
N ALA A 50 -1.14 7.45 -6.93
CA ALA A 50 -1.64 8.62 -7.65
C ALA A 50 -3.09 8.40 -8.10
N THR A 51 -3.33 7.28 -8.78
CA THR A 51 -4.67 6.97 -9.27
C THR A 51 -5.71 7.18 -8.17
N CYS A 52 -5.62 6.40 -7.10
CA CYS A 52 -6.55 6.51 -5.99
C CYS A 52 -5.93 7.24 -4.82
N GLY A 53 -4.68 6.91 -4.51
CA GLY A 53 -3.99 7.56 -3.41
C GLY A 53 -4.38 6.98 -2.06
N SER A 54 -4.46 5.66 -1.99
CA SER A 54 -4.84 4.99 -0.75
C SER A 54 -3.78 3.97 -0.34
N HIS A 55 -2.52 4.27 -0.67
CA HIS A 55 -1.42 3.39 -0.33
C HIS A 55 -0.11 4.17 -0.19
N GLY A 56 0.73 3.75 0.75
CA GLY A 56 1.99 4.43 0.96
C GLY A 56 3.13 3.47 1.24
N THR A 57 4.18 3.54 0.43
CA THR A 57 5.33 2.66 0.57
C THR A 57 6.61 3.34 0.09
N HIS A 58 7.75 2.74 0.41
CA HIS A 58 9.04 3.28 0.00
C HIS A 58 9.18 3.27 -1.52
N ARG A 59 10.28 3.81 -2.02
CA ARG A 59 10.54 3.86 -3.45
C ARG A 59 11.08 2.52 -3.95
N ASP A 60 12.30 2.20 -3.57
CA ASP A 60 12.93 0.95 -3.98
C ASP A 60 12.09 -0.25 -3.53
N CYS A 61 11.41 -0.10 -2.41
CA CYS A 61 10.57 -1.17 -1.87
C CYS A 61 9.50 -1.57 -2.88
N SER A 62 8.97 -0.59 -3.60
CA SER A 62 7.93 -0.84 -4.59
C SER A 62 8.54 -1.28 -5.91
N SER A 63 9.81 -1.69 -5.87
CA SER A 63 10.51 -2.13 -7.07
C SER A 63 10.39 -1.11 -8.19
N LEU A 64 10.66 0.15 -7.86
CA LEU A 64 10.58 1.24 -8.83
C LEU A 64 11.96 1.57 -9.38
N ARG A 65 12.02 2.60 -10.23
CA ARG A 65 13.28 3.02 -10.83
C ARG A 65 13.83 4.25 -10.11
N PRO A 66 15.14 4.52 -10.30
CA PRO A 66 15.81 5.65 -9.68
C PRO A 66 15.36 6.99 -10.26
N ASN A 67 14.60 6.92 -11.35
CA ASN A 67 14.10 8.13 -12.01
C ASN A 67 12.63 7.97 -12.38
N SER A 68 11.85 7.42 -11.45
CA SER A 68 10.42 7.21 -11.68
C SER A 68 9.66 8.53 -11.53
N LYS A 69 8.40 8.52 -11.98
CA LYS A 69 7.56 9.71 -11.91
C LYS A 69 6.43 9.51 -10.90
N LYS A 70 5.63 8.47 -11.12
CA LYS A 70 4.51 8.16 -10.23
C LYS A 70 4.39 6.66 -10.00
N TRP A 71 3.77 6.29 -8.89
CA TRP A 71 3.59 4.88 -8.55
C TRP A 71 2.11 4.56 -8.32
N GLU A 72 1.72 3.34 -8.69
CA GLU A 72 0.33 2.91 -8.52
C GLU A 72 0.25 1.71 -7.59
N CYS A 73 -0.72 1.74 -6.68
CA CYS A 73 -0.91 0.65 -5.73
C CYS A 73 -1.38 -0.62 -6.43
N ASN A 74 -1.25 -1.75 -5.75
CA ASN A 74 -1.65 -3.03 -6.32
C ASN A 74 -3.06 -2.96 -6.88
N GLU A 75 -4.02 -2.61 -6.03
CA GLU A 75 -5.41 -2.51 -6.43
C GLU A 75 -5.53 -1.85 -7.81
N CYS A 76 -4.75 -0.80 -8.03
CA CYS A 76 -4.77 -0.08 -9.28
C CYS A 76 -4.03 -0.86 -10.37
N LEU A 77 -2.75 -1.16 -10.12
CA LEU A 77 -1.94 -1.90 -11.07
C LEU A 77 -2.76 -2.98 -11.77
N PRO A 78 -2.33 -3.35 -12.98
CA PRO A 78 -3.02 -4.37 -13.78
C PRO A 78 -2.89 -5.77 -13.19
N ALA A 79 -2.30 -5.85 -12.00
CA ALA A 79 -2.11 -7.12 -11.32
C ALA A 79 -3.33 -8.02 -11.49
N SER A 80 -3.09 -9.32 -11.57
CA SER A 80 -4.17 -10.29 -11.75
C SER A 80 -5.09 -10.29 -10.53
N GLY A 81 -6.40 -10.38 -10.78
CA GLY A 81 -7.36 -10.39 -9.70
C GLY A 81 -8.72 -9.88 -10.14
N PRO A 82 -9.73 -10.76 -10.07
CA PRO A 82 -11.11 -10.42 -10.46
C PRO A 82 -11.76 -9.44 -9.48
N SER A 83 -11.19 -9.35 -8.27
CA SER A 83 -11.72 -8.46 -7.25
C SER A 83 -12.30 -7.19 -7.88
N SER A 84 -11.47 -6.49 -8.65
CA SER A 84 -11.88 -5.26 -9.31
C SER A 84 -10.87 -4.83 -10.35
N GLY A 85 -11.22 -3.79 -11.12
CA GLY A 85 -10.32 -3.30 -12.15
C GLY A 85 -10.12 -4.29 -13.27
N GLY A 1 -23.58 -35.62 1.83
CA GLY A 1 -24.28 -34.36 1.72
C GLY A 1 -23.73 -33.48 0.60
N SER A 2 -24.00 -32.19 0.69
CA SER A 2 -23.54 -31.25 -0.34
C SER A 2 -23.01 -29.97 0.31
N SER A 3 -22.22 -29.22 -0.46
CA SER A 3 -21.64 -27.97 0.04
C SER A 3 -22.19 -26.77 -0.74
N GLY A 4 -22.67 -25.77 -0.01
CA GLY A 4 -23.21 -24.59 -0.65
C GLY A 4 -22.22 -23.44 -0.68
N SER A 5 -22.74 -22.21 -0.67
CA SER A 5 -21.89 -21.03 -0.71
C SER A 5 -22.47 -19.91 0.17
N SER A 6 -21.80 -19.62 1.27
CA SER A 6 -22.26 -18.58 2.19
C SER A 6 -21.86 -17.20 1.69
N GLY A 7 -22.44 -16.17 2.29
CA GLY A 7 -22.13 -14.81 1.90
C GLY A 7 -20.64 -14.50 1.98
N GLU A 8 -20.28 -13.26 1.67
CA GLU A 8 -18.89 -12.84 1.72
C GLU A 8 -18.77 -11.38 2.13
N LEU A 9 -17.54 -10.93 2.34
CA LEU A 9 -17.28 -9.55 2.75
C LEU A 9 -16.96 -8.68 1.53
N GLU A 10 -17.28 -7.39 1.63
CA GLU A 10 -17.00 -6.45 0.55
C GLU A 10 -15.86 -5.51 0.91
N PRO A 11 -14.98 -5.27 -0.06
CA PRO A 11 -13.81 -4.39 0.13
C PRO A 11 -14.22 -2.92 0.26
N GLY A 12 -13.24 -2.07 0.56
CA GLY A 12 -13.52 -0.65 0.72
C GLY A 12 -14.88 -0.39 1.34
N ALA A 13 -15.19 -1.12 2.40
CA ALA A 13 -16.47 -0.96 3.10
C ALA A 13 -16.27 -0.38 4.49
N PHE A 14 -15.35 0.57 4.61
CA PHE A 14 -15.06 1.21 5.89
C PHE A 14 -14.88 2.72 5.72
N SER A 15 -15.29 3.47 6.73
CA SER A 15 -15.17 4.92 6.70
C SER A 15 -13.79 5.35 6.23
N GLU A 16 -13.63 6.63 5.92
CA GLU A 16 -12.36 7.17 5.46
C GLU A 16 -11.35 7.25 6.61
N LEU A 17 -10.11 7.53 6.28
CA LEU A 17 -9.05 7.64 7.28
C LEU A 17 -8.91 9.08 7.77
N TYR A 18 -9.23 10.03 6.90
CA TYR A 18 -9.14 11.44 7.25
C TYR A 18 -7.73 11.80 7.70
N GLN A 19 -6.75 11.03 7.24
CA GLN A 19 -5.36 11.27 7.60
C GLN A 19 -4.42 10.68 6.55
N ARG A 20 -3.16 11.10 6.59
CA ARG A 20 -2.17 10.63 5.63
C ARG A 20 -1.91 9.14 5.82
N TYR A 21 -2.06 8.37 4.75
CA TYR A 21 -1.85 6.93 4.80
C TYR A 21 -0.37 6.60 4.66
N ARG A 22 0.19 5.98 5.70
CA ARG A 22 1.60 5.60 5.70
C ARG A 22 1.78 4.16 6.18
N HIS A 23 1.81 3.23 5.23
CA HIS A 23 1.98 1.82 5.56
C HIS A 23 2.63 1.07 4.41
N CYS A 24 3.89 0.70 4.59
CA CYS A 24 4.64 -0.01 3.55
C CYS A 24 3.81 -1.18 3.01
N ASP A 25 3.34 -1.03 1.77
CA ASP A 25 2.54 -2.07 1.13
C ASP A 25 3.21 -2.55 -0.15
N ALA A 26 4.54 -2.63 -0.13
CA ALA A 26 5.29 -3.07 -1.31
C ALA A 26 5.56 -4.58 -1.24
N PRO A 27 6.03 -5.13 -2.37
CA PRO A 27 6.33 -6.57 -2.47
C PRO A 27 7.55 -6.96 -1.63
N ILE A 28 8.64 -6.23 -1.79
CA ILE A 28 9.87 -6.51 -1.06
C ILE A 28 10.43 -5.24 -0.43
N CYS A 29 10.89 -5.35 0.81
CA CYS A 29 11.46 -4.21 1.52
C CYS A 29 12.95 -4.39 1.74
N LEU A 30 13.68 -3.28 1.76
CA LEU A 30 15.13 -3.33 1.96
C LEU A 30 15.52 -2.54 3.21
N TYR A 31 14.85 -1.41 3.43
CA TYR A 31 15.14 -0.56 4.59
C TYR A 31 15.08 -1.38 5.88
N GLU A 32 16.24 -1.57 6.51
CA GLU A 32 16.31 -2.32 7.76
C GLU A 32 15.06 -2.13 8.59
N GLN A 33 14.63 -0.88 8.73
CA GLN A 33 13.44 -0.55 9.51
C GLN A 33 12.25 -1.37 9.04
N GLY A 34 11.86 -1.17 7.77
CA GLY A 34 10.73 -1.90 7.23
C GLY A 34 9.41 -1.20 7.47
N ARG A 35 9.21 -0.75 8.71
CA ARG A 35 7.97 -0.06 9.07
C ARG A 35 7.70 1.10 8.12
N ASP A 36 6.67 1.89 8.44
CA ASP A 36 6.31 3.04 7.61
C ASP A 36 7.21 4.22 7.92
N SER A 37 8.50 3.95 8.08
CA SER A 37 9.47 5.00 8.38
C SER A 37 10.17 5.47 7.11
N PHE A 38 9.94 6.73 6.74
CA PHE A 38 10.54 7.30 5.54
C PHE A 38 11.17 8.66 5.85
N GLU A 39 11.94 9.17 4.89
CA GLU A 39 12.61 10.45 5.06
C GLU A 39 11.97 11.52 4.17
N ASP A 40 12.35 12.77 4.39
CA ASP A 40 11.81 13.88 3.62
C ASP A 40 12.06 13.68 2.13
N GLU A 41 13.27 13.22 1.80
CA GLU A 41 13.62 12.98 0.41
C GLU A 41 14.65 11.85 0.30
N GLY A 42 14.54 11.07 -0.78
CA GLY A 42 15.46 9.96 -0.99
C GLY A 42 14.74 8.66 -1.27
N ARG A 43 15.49 7.65 -1.68
CA ARG A 43 14.92 6.35 -1.98
C ARG A 43 13.93 5.92 -0.90
N TRP A 44 14.26 6.23 0.35
CA TRP A 44 13.39 5.88 1.47
C TRP A 44 12.33 6.95 1.69
N ARG A 45 11.71 7.39 0.61
CA ARG A 45 10.66 8.41 0.68
C ARG A 45 9.28 7.79 0.50
N LEU A 46 8.38 8.10 1.43
CA LEU A 46 7.02 7.57 1.37
C LEU A 46 6.30 8.04 0.12
N ILE A 47 6.10 7.14 -0.83
CA ILE A 47 5.43 7.46 -2.08
C ILE A 47 3.95 7.04 -2.04
N LEU A 48 3.06 7.99 -2.26
CA LEU A 48 1.63 7.73 -2.25
C LEU A 48 1.11 7.54 -3.67
N CYS A 49 0.32 6.48 -3.87
CA CYS A 49 -0.26 6.20 -5.18
C CYS A 49 -0.76 7.47 -5.85
N ALA A 50 -0.91 7.42 -7.17
CA ALA A 50 -1.38 8.57 -7.93
C ALA A 50 -2.83 8.37 -8.38
N THR A 51 -3.09 7.26 -9.05
CA THR A 51 -4.43 6.95 -9.54
C THR A 51 -5.47 7.14 -8.44
N CYS A 52 -5.19 6.58 -7.27
CA CYS A 52 -6.11 6.70 -6.13
C CYS A 52 -5.46 7.47 -4.99
N GLY A 53 -4.22 7.13 -4.68
CA GLY A 53 -3.51 7.81 -3.61
C GLY A 53 -3.96 7.36 -2.24
N SER A 54 -4.06 6.04 -2.05
CA SER A 54 -4.49 5.48 -0.77
C SER A 54 -3.36 4.69 -0.12
N HIS A 55 -2.61 3.97 -0.94
CA HIS A 55 -1.49 3.15 -0.45
C HIS A 55 -0.26 4.03 -0.21
N GLY A 56 0.73 3.46 0.48
CA GLY A 56 1.95 4.20 0.76
C GLY A 56 3.12 3.28 1.08
N THR A 57 4.18 3.40 0.29
CA THR A 57 5.37 2.57 0.50
C THR A 57 6.63 3.29 0.04
N HIS A 58 7.79 2.73 0.36
CA HIS A 58 9.07 3.32 -0.03
C HIS A 58 9.24 3.26 -1.55
N ARG A 59 10.29 3.92 -2.03
CA ARG A 59 10.58 3.97 -3.45
C ARG A 59 11.16 2.63 -3.93
N ASP A 60 12.37 2.34 -3.50
CA ASP A 60 13.04 1.10 -3.87
C ASP A 60 12.22 -0.12 -3.45
N CYS A 61 11.63 -0.03 -2.26
CA CYS A 61 10.82 -1.11 -1.72
C CYS A 61 9.80 -1.59 -2.76
N SER A 62 9.21 -0.65 -3.48
CA SER A 62 8.22 -0.97 -4.50
C SER A 62 8.90 -1.32 -5.83
N SER A 63 10.09 -1.88 -5.73
CA SER A 63 10.85 -2.26 -6.93
C SER A 63 10.61 -1.27 -8.06
N LEU A 64 10.72 0.02 -7.74
CA LEU A 64 10.52 1.07 -8.73
C LEU A 64 11.85 1.47 -9.39
N ARG A 65 11.78 2.39 -10.34
CA ARG A 65 12.97 2.86 -11.04
C ARG A 65 13.39 4.24 -10.53
N PRO A 66 14.67 4.58 -10.74
CA PRO A 66 15.23 5.88 -10.32
C PRO A 66 14.68 7.03 -11.15
N ASN A 67 13.88 6.71 -12.15
CA ASN A 67 13.29 7.73 -13.02
C ASN A 67 11.79 7.88 -12.74
N SER A 68 11.13 6.75 -12.46
CA SER A 68 9.70 6.76 -12.19
C SER A 68 9.34 7.85 -11.19
N LYS A 69 8.43 8.74 -11.59
CA LYS A 69 8.00 9.83 -10.72
C LYS A 69 6.75 9.46 -9.95
N LYS A 70 5.80 8.81 -10.64
CA LYS A 70 4.55 8.39 -10.01
C LYS A 70 4.47 6.87 -9.95
N TRP A 71 3.94 6.36 -8.85
CA TRP A 71 3.80 4.91 -8.66
C TRP A 71 2.35 4.54 -8.35
N GLU A 72 1.91 3.41 -8.86
CA GLU A 72 0.54 2.95 -8.63
C GLU A 72 0.53 1.74 -7.70
N CYS A 73 -0.52 1.65 -6.88
CA CYS A 73 -0.65 0.55 -5.94
C CYS A 73 -1.20 -0.70 -6.62
N ASN A 74 -1.20 -1.81 -5.90
CA ASN A 74 -1.70 -3.08 -6.44
C ASN A 74 -3.15 -2.94 -6.88
N GLU A 75 -4.00 -2.48 -5.98
CA GLU A 75 -5.41 -2.31 -6.27
C GLU A 75 -5.62 -1.67 -7.64
N CYS A 76 -4.82 -0.65 -7.93
CA CYS A 76 -4.90 0.06 -9.20
C CYS A 76 -4.29 -0.78 -10.33
N LEU A 77 -3.03 -1.16 -10.15
CA LEU A 77 -2.33 -1.96 -11.15
C LEU A 77 -3.27 -2.97 -11.80
N PRO A 78 -2.93 -3.40 -13.02
CA PRO A 78 -3.74 -4.37 -13.77
C PRO A 78 -3.69 -5.76 -13.17
N ALA A 79 -3.04 -5.87 -12.02
CA ALA A 79 -2.91 -7.16 -11.33
C ALA A 79 -4.03 -7.34 -10.31
N SER A 80 -5.20 -7.74 -10.78
CA SER A 80 -6.36 -7.95 -9.90
C SER A 80 -7.41 -8.82 -10.60
N GLY A 81 -8.28 -9.43 -9.80
CA GLY A 81 -9.32 -10.27 -10.34
C GLY A 81 -10.44 -10.53 -9.35
N PRO A 82 -11.57 -11.05 -9.84
CA PRO A 82 -12.73 -11.36 -9.01
C PRO A 82 -12.49 -12.54 -8.09
N SER A 83 -11.85 -13.58 -8.62
CA SER A 83 -11.55 -14.78 -7.84
C SER A 83 -10.20 -14.65 -7.15
N SER A 84 -9.94 -13.49 -6.57
CA SER A 84 -8.69 -13.23 -5.87
C SER A 84 -8.25 -14.45 -5.06
N GLY A 85 -9.20 -15.04 -4.34
CA GLY A 85 -8.90 -16.21 -3.55
C GLY A 85 -8.15 -17.27 -4.32
N GLY A 1 -23.67 -28.94 23.80
CA GLY A 1 -24.23 -28.23 22.66
C GLY A 1 -23.29 -27.17 22.12
N SER A 2 -23.33 -25.98 22.72
CA SER A 2 -22.48 -24.88 22.29
C SER A 2 -22.67 -24.59 20.81
N SER A 3 -23.91 -24.62 20.35
CA SER A 3 -24.22 -24.36 18.95
C SER A 3 -23.94 -22.92 18.59
N GLY A 4 -23.94 -22.62 17.29
CA GLY A 4 -23.69 -21.27 16.84
C GLY A 4 -23.82 -21.13 15.33
N SER A 5 -23.60 -19.92 14.82
CA SER A 5 -23.70 -19.66 13.39
C SER A 5 -23.00 -18.35 13.03
N SER A 6 -22.61 -18.23 11.77
CA SER A 6 -21.94 -17.03 11.29
C SER A 6 -22.67 -16.43 10.09
N GLY A 7 -22.26 -15.22 9.69
CA GLY A 7 -22.88 -14.57 8.56
C GLY A 7 -22.04 -14.66 7.30
N GLU A 8 -22.07 -13.61 6.48
CA GLU A 8 -21.31 -13.59 5.25
C GLU A 8 -20.66 -12.22 5.03
N LEU A 9 -19.80 -12.13 4.02
CA LEU A 9 -19.12 -10.88 3.71
C LEU A 9 -20.00 -9.99 2.83
N GLU A 10 -19.77 -8.68 2.91
CA GLU A 10 -20.54 -7.72 2.13
C GLU A 10 -19.65 -7.03 1.09
N PRO A 11 -19.91 -7.32 -0.20
CA PRO A 11 -19.16 -6.73 -1.30
C PRO A 11 -19.42 -5.25 -1.48
N GLY A 12 -18.72 -4.62 -2.41
CA GLY A 12 -18.89 -3.21 -2.66
C GLY A 12 -18.86 -2.39 -1.38
N ALA A 13 -17.90 -2.68 -0.51
CA ALA A 13 -17.75 -1.96 0.74
C ALA A 13 -16.50 -1.10 0.76
N PHE A 14 -16.67 0.20 0.55
CA PHE A 14 -15.54 1.12 0.53
C PHE A 14 -15.49 1.94 1.82
N SER A 15 -14.28 2.17 2.31
CA SER A 15 -14.08 2.93 3.54
C SER A 15 -12.93 3.92 3.40
N GLU A 16 -13.24 5.20 3.55
CA GLU A 16 -12.24 6.25 3.44
C GLU A 16 -11.70 6.65 4.81
N LEU A 17 -10.63 7.43 4.83
CA LEU A 17 -10.03 7.88 6.07
C LEU A 17 -9.74 9.37 6.03
N TYR A 18 -9.69 10.00 7.20
CA TYR A 18 -9.43 11.43 7.29
C TYR A 18 -7.93 11.72 7.12
N GLN A 19 -7.11 10.94 7.80
CA GLN A 19 -5.66 11.11 7.72
C GLN A 19 -5.07 10.32 6.56
N ARG A 20 -3.92 10.76 6.07
CA ARG A 20 -3.27 10.10 4.95
C ARG A 20 -2.93 8.65 5.29
N TYR A 21 -2.71 7.85 4.26
CA TYR A 21 -2.38 6.44 4.46
C TYR A 21 -0.90 6.18 4.23
N ARG A 22 -0.17 5.93 5.31
CA ARG A 22 1.26 5.67 5.24
C ARG A 22 1.59 4.28 5.79
N HIS A 23 1.64 3.29 4.90
CA HIS A 23 1.95 1.92 5.30
C HIS A 23 2.56 1.15 4.14
N CYS A 24 3.85 0.82 4.27
CA CYS A 24 4.56 0.08 3.23
C CYS A 24 3.67 -1.00 2.63
N ASP A 25 3.21 -0.78 1.41
CA ASP A 25 2.35 -1.74 0.72
C ASP A 25 3.02 -2.27 -0.54
N ALA A 26 4.33 -2.45 -0.48
CA ALA A 26 5.09 -2.96 -1.61
C ALA A 26 5.25 -4.48 -1.54
N PRO A 27 5.70 -5.07 -2.66
CA PRO A 27 5.91 -6.52 -2.74
C PRO A 27 7.08 -6.99 -1.90
N ILE A 28 8.21 -6.32 -2.04
CA ILE A 28 9.41 -6.67 -1.29
C ILE A 28 10.04 -5.44 -0.65
N CYS A 29 10.51 -5.60 0.58
CA CYS A 29 11.14 -4.50 1.31
C CYS A 29 12.61 -4.79 1.59
N LEU A 30 13.42 -3.75 1.68
CA LEU A 30 14.84 -3.91 1.95
C LEU A 30 15.23 -3.21 3.26
N TYR A 31 14.60 -2.08 3.53
CA TYR A 31 14.88 -1.31 4.74
C TYR A 31 14.74 -2.20 5.97
N GLU A 32 15.87 -2.51 6.60
CA GLU A 32 15.87 -3.35 7.80
C GLU A 32 14.71 -2.98 8.72
N GLN A 33 14.51 -1.69 8.92
CA GLN A 33 13.44 -1.20 9.78
C GLN A 33 12.13 -1.93 9.48
N GLY A 34 11.82 -2.06 8.18
CA GLY A 34 10.59 -2.73 7.78
C GLY A 34 9.36 -2.12 8.41
N ARG A 35 9.15 -0.82 8.18
CA ARG A 35 7.99 -0.12 8.73
C ARG A 35 7.68 1.13 7.91
N ASP A 36 6.71 1.91 8.38
CA ASP A 36 6.31 3.13 7.70
C ASP A 36 7.32 4.25 7.97
N SER A 37 8.60 3.92 7.88
CA SER A 37 9.65 4.90 8.12
C SER A 37 10.25 5.41 6.80
N PHE A 38 10.26 6.72 6.62
CA PHE A 38 10.79 7.32 5.40
C PHE A 38 11.47 8.65 5.71
N GLU A 39 12.31 9.12 4.79
CA GLU A 39 13.02 10.37 4.96
C GLU A 39 12.45 11.45 4.05
N ASP A 40 12.72 12.71 4.37
CA ASP A 40 12.24 13.83 3.58
C ASP A 40 12.17 13.46 2.10
N GLU A 41 13.22 12.82 1.61
CA GLU A 41 13.27 12.42 0.20
C GLU A 41 14.36 11.36 -0.01
N GLY A 42 14.39 10.81 -1.22
CA GLY A 42 15.38 9.79 -1.54
C GLY A 42 14.75 8.45 -1.88
N ARG A 43 15.52 7.38 -1.72
CA ARG A 43 15.04 6.04 -2.02
C ARG A 43 14.01 5.59 -0.97
N TRP A 44 14.33 5.84 0.30
CA TRP A 44 13.44 5.47 1.39
C TRP A 44 12.41 6.55 1.65
N ARG A 45 11.83 7.09 0.58
CA ARG A 45 10.83 8.14 0.69
C ARG A 45 9.42 7.56 0.60
N LEU A 46 8.51 8.10 1.39
CA LEU A 46 7.13 7.64 1.40
C LEU A 46 6.37 8.14 0.17
N ILE A 47 6.18 7.24 -0.80
CA ILE A 47 5.47 7.59 -2.03
C ILE A 47 4.02 7.14 -1.97
N LEU A 48 3.10 8.07 -2.22
CA LEU A 48 1.68 7.76 -2.19
C LEU A 48 1.15 7.53 -3.60
N CYS A 49 0.26 6.56 -3.75
CA CYS A 49 -0.33 6.24 -5.05
C CYS A 49 -0.79 7.51 -5.76
N ALA A 50 -0.94 7.42 -7.07
CA ALA A 50 -1.38 8.56 -7.87
C ALA A 50 -2.80 8.35 -8.41
N THR A 51 -3.03 7.16 -8.97
CA THR A 51 -4.34 6.83 -9.52
C THR A 51 -5.45 7.15 -8.52
N CYS A 52 -5.43 6.48 -7.39
CA CYS A 52 -6.44 6.69 -6.35
C CYS A 52 -5.85 7.49 -5.19
N GLY A 53 -4.66 7.13 -4.76
CA GLY A 53 -4.01 7.83 -3.66
C GLY A 53 -4.39 7.26 -2.31
N SER A 54 -4.51 5.94 -2.24
CA SER A 54 -4.87 5.27 -0.99
C SER A 54 -3.84 4.20 -0.62
N HIS A 55 -2.58 4.50 -0.89
CA HIS A 55 -1.50 3.57 -0.60
C HIS A 55 -0.17 4.31 -0.46
N GLY A 56 0.62 3.91 0.53
CA GLY A 56 1.91 4.55 0.75
C GLY A 56 3.02 3.54 1.01
N THR A 57 4.09 3.63 0.24
CA THR A 57 5.22 2.72 0.39
C THR A 57 6.53 3.38 -0.06
N HIS A 58 7.64 2.73 0.23
CA HIS A 58 8.95 3.25 -0.14
C HIS A 58 9.14 3.22 -1.66
N ARG A 59 10.18 3.89 -2.13
CA ARG A 59 10.47 3.93 -3.56
C ARG A 59 11.01 2.60 -4.05
N ASP A 60 12.19 2.22 -3.57
CA ASP A 60 12.81 0.96 -3.96
C ASP A 60 11.94 -0.22 -3.57
N CYS A 61 11.42 -0.18 -2.35
CA CYS A 61 10.56 -1.25 -1.84
C CYS A 61 9.52 -1.66 -2.88
N SER A 62 8.98 -0.67 -3.58
CA SER A 62 7.97 -0.91 -4.60
C SER A 62 8.62 -1.27 -5.93
N SER A 63 9.79 -1.89 -5.86
CA SER A 63 10.52 -2.29 -7.06
C SER A 63 10.32 -1.26 -8.18
N LEU A 64 10.46 0.01 -7.84
CA LEU A 64 10.29 1.09 -8.81
C LEU A 64 11.60 1.35 -9.55
N ARG A 65 11.59 2.34 -10.43
CA ARG A 65 12.76 2.70 -11.21
C ARG A 65 13.31 4.06 -10.78
N PRO A 66 14.57 4.34 -11.12
CA PRO A 66 15.24 5.60 -10.79
C PRO A 66 14.67 6.77 -11.58
N ASN A 67 14.08 6.48 -12.73
CA ASN A 67 13.50 7.50 -13.57
C ASN A 67 11.97 7.43 -13.56
N SER A 68 11.41 7.27 -12.36
CA SER A 68 9.97 7.18 -12.21
C SER A 68 9.39 8.50 -11.69
N LYS A 69 8.21 8.86 -12.19
CA LYS A 69 7.56 10.10 -11.77
C LYS A 69 6.46 9.81 -10.75
N LYS A 70 5.59 8.86 -11.07
CA LYS A 70 4.50 8.50 -10.18
C LYS A 70 4.41 6.98 -10.04
N TRP A 71 3.85 6.53 -8.91
CA TRP A 71 3.70 5.11 -8.65
C TRP A 71 2.25 4.76 -8.35
N GLU A 72 1.82 3.58 -8.81
CA GLU A 72 0.45 3.13 -8.58
C GLU A 72 0.41 1.97 -7.60
N CYS A 73 -0.68 1.88 -6.85
CA CYS A 73 -0.84 0.81 -5.87
C CYS A 73 -1.25 -0.50 -6.54
N ASN A 74 -1.10 -1.60 -5.83
CA ASN A 74 -1.46 -2.92 -6.35
C ASN A 74 -2.89 -2.91 -6.88
N GLU A 75 -3.85 -2.61 -6.00
CA GLU A 75 -5.25 -2.58 -6.38
C GLU A 75 -5.43 -1.90 -7.73
N CYS A 76 -4.70 -0.80 -7.93
CA CYS A 76 -4.79 -0.05 -9.18
C CYS A 76 -4.10 -0.81 -10.32
N LEU A 77 -2.89 -1.29 -10.06
CA LEU A 77 -2.13 -2.03 -11.05
C LEU A 77 -2.90 -3.26 -11.52
N PRO A 78 -2.61 -3.71 -12.75
CA PRO A 78 -3.25 -4.89 -13.33
C PRO A 78 -2.83 -6.18 -12.66
N ALA A 79 -3.52 -6.54 -11.59
CA ALA A 79 -3.21 -7.76 -10.86
C ALA A 79 -3.73 -9.00 -11.59
N SER A 80 -2.82 -9.90 -11.93
CA SER A 80 -3.19 -11.12 -12.64
C SER A 80 -4.35 -11.85 -11.93
N GLY A 81 -5.49 -11.90 -12.59
CA GLY A 81 -6.65 -12.57 -12.02
C GLY A 81 -7.78 -11.60 -11.74
N PRO A 82 -9.01 -12.13 -11.65
CA PRO A 82 -10.21 -11.33 -11.38
C PRO A 82 -10.23 -10.77 -9.96
N SER A 83 -10.92 -9.65 -9.78
CA SER A 83 -11.03 -9.02 -8.47
C SER A 83 -12.43 -9.19 -7.90
N SER A 84 -12.55 -10.06 -6.89
CA SER A 84 -13.84 -10.31 -6.26
C SER A 84 -14.31 -9.09 -5.48
N GLY A 85 -13.43 -8.55 -4.63
CA GLY A 85 -13.78 -7.39 -3.85
C GLY A 85 -13.30 -6.09 -4.49
N GLY A 1 -20.97 -42.18 -2.55
CA GLY A 1 -21.72 -40.93 -2.53
C GLY A 1 -20.90 -39.76 -3.03
N SER A 2 -21.25 -38.56 -2.57
CA SER A 2 -20.55 -37.35 -2.97
C SER A 2 -20.04 -36.60 -1.75
N SER A 3 -19.17 -35.61 -1.99
CA SER A 3 -18.61 -34.81 -0.92
C SER A 3 -19.28 -33.44 -0.84
N GLY A 4 -19.06 -32.74 0.27
CA GLY A 4 -19.65 -31.42 0.44
C GLY A 4 -19.03 -30.38 -0.47
N SER A 5 -19.33 -29.11 -0.20
CA SER A 5 -18.80 -28.02 -1.01
C SER A 5 -18.76 -26.72 -0.21
N SER A 6 -17.86 -25.82 -0.60
CA SER A 6 -17.72 -24.54 0.08
C SER A 6 -18.53 -23.46 -0.62
N GLY A 7 -18.67 -22.31 0.05
CA GLY A 7 -19.43 -21.21 -0.53
C GLY A 7 -18.53 -20.09 -1.01
N GLU A 8 -19.15 -19.03 -1.55
CA GLU A 8 -18.40 -17.88 -2.05
C GLU A 8 -18.57 -16.68 -1.12
N LEU A 9 -17.49 -15.91 -0.97
CA LEU A 9 -17.52 -14.73 -0.12
C LEU A 9 -17.58 -13.45 -0.95
N GLU A 10 -17.78 -12.32 -0.28
CA GLU A 10 -17.87 -11.03 -0.97
C GLU A 10 -16.49 -10.56 -1.40
N PRO A 11 -16.42 -9.96 -2.61
CA PRO A 11 -15.16 -9.45 -3.16
C PRO A 11 -14.65 -8.22 -2.41
N GLY A 12 -13.35 -7.98 -2.50
CA GLY A 12 -12.75 -6.83 -1.83
C GLY A 12 -12.70 -7.01 -0.33
N ALA A 13 -13.87 -7.04 0.31
CA ALA A 13 -13.96 -7.20 1.75
C ALA A 13 -12.78 -6.53 2.46
N PHE A 14 -12.39 -5.36 1.95
CA PHE A 14 -11.27 -4.62 2.53
C PHE A 14 -11.47 -3.11 2.35
N SER A 15 -11.54 -2.39 3.46
CA SER A 15 -11.73 -0.95 3.42
C SER A 15 -10.60 -0.23 4.16
N GLU A 16 -10.68 1.10 4.20
CA GLU A 16 -9.66 1.90 4.89
C GLU A 16 -10.32 2.99 5.72
N LEU A 17 -9.50 3.70 6.50
CA LEU A 17 -10.00 4.79 7.34
C LEU A 17 -9.93 6.13 6.62
N TYR A 18 -10.41 7.17 7.27
CA TYR A 18 -10.41 8.51 6.69
C TYR A 18 -9.01 9.13 6.76
N GLN A 19 -8.38 9.00 7.92
CA GLN A 19 -7.04 9.55 8.12
C GLN A 19 -6.11 9.14 6.98
N ARG A 20 -4.92 9.74 6.94
CA ARG A 20 -3.95 9.43 5.90
C ARG A 20 -3.56 7.96 5.94
N TYR A 21 -3.13 7.43 4.80
CA TYR A 21 -2.73 6.04 4.70
C TYR A 21 -1.24 5.93 4.34
N ARG A 22 -0.45 5.54 5.33
CA ARG A 22 1.00 5.40 5.14
C ARG A 22 1.49 4.10 5.77
N HIS A 23 1.56 3.04 4.96
CA HIS A 23 2.03 1.75 5.43
C HIS A 23 2.73 0.98 4.32
N CYS A 24 4.00 0.66 4.53
CA CYS A 24 4.79 -0.07 3.54
C CYS A 24 4.02 -1.29 3.04
N ASP A 25 3.54 -1.21 1.80
CA ASP A 25 2.80 -2.31 1.20
C ASP A 25 3.48 -2.80 -0.07
N ALA A 26 4.81 -2.74 -0.08
CA ALA A 26 5.58 -3.17 -1.24
C ALA A 26 5.90 -4.66 -1.16
N PRO A 27 6.39 -5.22 -2.28
CA PRO A 27 6.74 -6.64 -2.35
C PRO A 27 7.98 -6.98 -1.52
N ILE A 28 9.04 -6.22 -1.72
CA ILE A 28 10.28 -6.43 -0.99
C ILE A 28 10.81 -5.13 -0.38
N CYS A 29 11.24 -5.19 0.87
CA CYS A 29 11.76 -4.02 1.56
C CYS A 29 13.28 -4.15 1.77
N LEU A 30 13.95 -3.01 1.82
CA LEU A 30 15.39 -2.99 2.02
C LEU A 30 15.76 -2.23 3.30
N TYR A 31 14.96 -1.22 3.62
CA TYR A 31 15.20 -0.41 4.81
C TYR A 31 15.23 -1.29 6.07
N GLU A 32 16.38 -1.32 6.73
CA GLU A 32 16.55 -2.11 7.94
C GLU A 32 15.25 -2.16 8.74
N GLN A 33 14.81 -1.00 9.22
CA GLN A 33 13.58 -0.92 10.00
C GLN A 33 12.45 -1.68 9.32
N GLY A 34 12.13 -1.28 8.09
CA GLY A 34 11.06 -1.93 7.35
C GLY A 34 9.73 -1.24 7.53
N ARG A 35 9.50 -0.69 8.70
CA ARG A 35 8.24 0.00 8.99
C ARG A 35 7.99 1.11 7.97
N ASP A 36 6.93 1.89 8.21
CA ASP A 36 6.58 2.98 7.31
C ASP A 36 7.50 4.18 7.52
N SER A 37 8.80 3.92 7.61
CA SER A 37 9.78 4.97 7.81
C SER A 37 10.25 5.55 6.48
N PHE A 38 10.23 6.87 6.36
CA PHE A 38 10.65 7.55 5.14
C PHE A 38 11.25 8.91 5.46
N GLU A 39 11.99 9.46 4.51
CA GLU A 39 12.61 10.77 4.68
C GLU A 39 11.94 11.82 3.81
N ASP A 40 12.21 13.09 4.11
CA ASP A 40 11.63 14.19 3.35
C ASP A 40 11.72 13.93 1.85
N GLU A 41 12.86 13.40 1.43
CA GLU A 41 13.09 13.10 0.01
C GLU A 41 14.25 12.14 -0.17
N GLY A 42 14.11 11.22 -1.11
CA GLY A 42 15.16 10.24 -1.36
C GLY A 42 14.61 8.86 -1.61
N ARG A 43 15.51 7.91 -1.88
CA ARG A 43 15.11 6.53 -2.14
C ARG A 43 14.12 6.04 -1.08
N TRP A 44 14.33 6.48 0.16
CA TRP A 44 13.47 6.09 1.27
C TRP A 44 12.39 7.13 1.51
N ARG A 45 11.78 7.60 0.43
CA ARG A 45 10.72 8.60 0.52
C ARG A 45 9.34 7.95 0.43
N LEU A 46 8.43 8.36 1.31
CA LEU A 46 7.08 7.82 1.33
C LEU A 46 6.34 8.16 0.05
N ILE A 47 6.11 7.15 -0.79
CA ILE A 47 5.40 7.34 -2.04
C ILE A 47 3.98 6.81 -1.96
N LEU A 48 3.00 7.68 -2.21
CA LEU A 48 1.60 7.29 -2.17
C LEU A 48 1.01 7.22 -3.58
N CYS A 49 0.24 6.16 -3.84
CA CYS A 49 -0.38 5.98 -5.13
C CYS A 49 -0.81 7.31 -5.74
N ALA A 50 -0.87 7.35 -7.06
CA ALA A 50 -1.26 8.58 -7.76
C ALA A 50 -2.71 8.48 -8.25
N THR A 51 -3.05 7.35 -8.85
CA THR A 51 -4.40 7.14 -9.36
C THR A 51 -5.45 7.36 -8.27
N CYS A 52 -5.32 6.62 -7.18
CA CYS A 52 -6.25 6.73 -6.05
C CYS A 52 -5.59 7.43 -4.87
N GLY A 53 -4.35 7.05 -4.58
CA GLY A 53 -3.63 7.64 -3.46
C GLY A 53 -4.05 7.06 -2.13
N SER A 54 -3.96 5.74 -2.00
CA SER A 54 -4.34 5.07 -0.77
C SER A 54 -3.16 4.29 -0.19
N HIS A 55 -2.48 3.54 -1.05
CA HIS A 55 -1.32 2.76 -0.62
C HIS A 55 -0.08 3.62 -0.51
N GLY A 56 0.76 3.33 0.47
CA GLY A 56 1.98 4.09 0.67
C GLY A 56 3.18 3.22 1.01
N THR A 57 4.25 3.34 0.23
CA THR A 57 5.44 2.56 0.45
C THR A 57 6.69 3.30 -0.03
N HIS A 58 7.86 2.77 0.30
CA HIS A 58 9.12 3.38 -0.09
C HIS A 58 9.28 3.36 -1.60
N ARG A 59 10.38 3.92 -2.09
CA ARG A 59 10.64 3.98 -3.53
C ARG A 59 11.22 2.65 -4.02
N ASP A 60 12.43 2.34 -3.59
CA ASP A 60 13.10 1.10 -3.98
C ASP A 60 12.30 -0.11 -3.50
N CYS A 61 11.70 0.00 -2.33
CA CYS A 61 10.91 -1.08 -1.77
C CYS A 61 9.87 -1.58 -2.77
N SER A 62 9.28 -0.64 -3.52
CA SER A 62 8.27 -0.99 -4.51
C SER A 62 8.92 -1.36 -5.85
N SER A 63 10.12 -1.91 -5.77
CA SER A 63 10.85 -2.31 -6.97
C SER A 63 10.62 -1.31 -8.10
N LEU A 64 10.63 -0.03 -7.76
CA LEU A 64 10.42 1.02 -8.75
C LEU A 64 11.72 1.33 -9.49
N ARG A 65 11.67 2.34 -10.36
CA ARG A 65 12.84 2.74 -11.12
C ARG A 65 13.38 4.10 -10.65
N PRO A 66 14.62 4.40 -11.02
CA PRO A 66 15.27 5.66 -10.65
C PRO A 66 14.66 6.87 -11.35
N ASN A 67 13.77 6.60 -12.30
CA ASN A 67 13.12 7.66 -13.05
C ASN A 67 11.64 7.77 -12.66
N SER A 68 10.97 6.63 -12.62
CA SER A 68 9.55 6.60 -12.26
C SER A 68 9.26 7.52 -11.09
N LYS A 69 8.51 8.59 -11.35
CA LYS A 69 8.15 9.55 -10.30
C LYS A 69 6.86 9.15 -9.61
N LYS A 70 5.86 8.78 -10.40
CA LYS A 70 4.57 8.38 -9.87
C LYS A 70 4.45 6.86 -9.82
N TRP A 71 3.87 6.35 -8.74
CA TRP A 71 3.70 4.91 -8.58
C TRP A 71 2.23 4.56 -8.34
N GLU A 72 1.82 3.38 -8.80
CA GLU A 72 0.43 2.94 -8.62
C GLU A 72 0.37 1.77 -7.64
N CYS A 73 -0.69 1.75 -6.83
CA CYS A 73 -0.88 0.70 -5.84
C CYS A 73 -1.35 -0.59 -6.52
N ASN A 74 -1.42 -1.67 -5.74
CA ASN A 74 -1.84 -2.96 -6.25
C ASN A 74 -3.26 -2.90 -6.79
N GLU A 75 -4.16 -2.31 -6.00
CA GLU A 75 -5.56 -2.19 -6.39
C GLU A 75 -5.67 -1.63 -7.81
N CYS A 76 -4.86 -0.63 -8.11
CA CYS A 76 -4.87 0.01 -9.43
C CYS A 76 -4.12 -0.86 -10.44
N LEU A 77 -2.87 -1.20 -10.12
CA LEU A 77 -2.05 -2.02 -11.00
C LEU A 77 -2.76 -3.33 -11.35
N PRO A 78 -2.41 -3.91 -12.50
CA PRO A 78 -3.00 -5.16 -12.98
C PRO A 78 -2.55 -6.36 -12.13
N ALA A 79 -3.12 -7.52 -12.42
CA ALA A 79 -2.78 -8.74 -11.69
C ALA A 79 -3.13 -9.98 -12.50
N SER A 80 -2.80 -11.15 -11.97
CA SER A 80 -3.07 -12.41 -12.63
C SER A 80 -4.48 -12.90 -12.32
N GLY A 81 -5.34 -12.95 -13.34
CA GLY A 81 -6.70 -13.40 -13.14
C GLY A 81 -7.71 -12.27 -13.28
N PRO A 82 -9.00 -12.59 -13.13
CA PRO A 82 -10.08 -11.62 -13.23
C PRO A 82 -10.09 -10.63 -12.06
N SER A 83 -10.04 -9.35 -12.38
CA SER A 83 -10.04 -8.31 -11.35
C SER A 83 -11.46 -7.79 -11.10
N SER A 84 -12.17 -7.50 -12.19
CA SER A 84 -13.53 -7.00 -12.09
C SER A 84 -14.43 -7.99 -11.34
N GLY A 85 -15.06 -7.51 -10.27
CA GLY A 85 -15.93 -8.36 -9.49
C GLY A 85 -15.79 -8.12 -8.00
N GLY A 1 -52.13 3.47 7.68
CA GLY A 1 -50.71 3.38 7.42
C GLY A 1 -50.35 2.24 6.49
N SER A 2 -49.10 2.19 6.07
CA SER A 2 -48.64 1.14 5.17
C SER A 2 -47.17 0.80 5.44
N SER A 3 -46.68 -0.24 4.76
CA SER A 3 -45.30 -0.68 4.93
C SER A 3 -44.67 -1.02 3.58
N GLY A 4 -43.38 -1.36 3.61
CA GLY A 4 -42.70 -1.71 2.37
C GLY A 4 -41.44 -2.52 2.63
N SER A 5 -40.55 -2.57 1.64
CA SER A 5 -39.31 -3.32 1.77
C SER A 5 -38.10 -2.43 1.49
N SER A 6 -36.91 -2.96 1.75
CA SER A 6 -35.67 -2.22 1.53
C SER A 6 -34.83 -2.88 0.45
N GLY A 7 -33.72 -2.23 0.10
CA GLY A 7 -32.84 -2.77 -0.92
C GLY A 7 -31.50 -3.21 -0.36
N GLU A 8 -30.52 -3.40 -1.24
CA GLU A 8 -29.20 -3.82 -0.83
C GLU A 8 -28.26 -2.63 -0.67
N LEU A 9 -27.04 -2.90 -0.24
CA LEU A 9 -26.05 -1.84 -0.05
C LEU A 9 -25.10 -1.77 -1.25
N GLU A 10 -24.68 -0.55 -1.59
CA GLU A 10 -23.78 -0.34 -2.72
C GLU A 10 -22.46 -1.07 -2.49
N PRO A 11 -22.02 -1.83 -3.50
CA PRO A 11 -20.78 -2.60 -3.44
C PRO A 11 -19.54 -1.69 -3.47
N GLY A 12 -19.51 -0.77 -4.42
CA GLY A 12 -18.39 0.14 -4.52
C GLY A 12 -18.48 1.30 -3.56
N ALA A 13 -18.49 0.99 -2.26
CA ALA A 13 -18.58 2.01 -1.23
C ALA A 13 -17.23 2.25 -0.57
N PHE A 14 -16.45 3.17 -1.13
CA PHE A 14 -15.13 3.50 -0.60
C PHE A 14 -15.23 4.52 0.53
N SER A 15 -14.14 4.68 1.26
CA SER A 15 -14.11 5.62 2.37
C SER A 15 -12.74 6.31 2.45
N GLU A 16 -12.61 7.22 3.42
CA GLU A 16 -11.35 7.95 3.61
C GLU A 16 -11.09 8.21 5.09
N LEU A 17 -9.88 8.66 5.40
CA LEU A 17 -9.51 8.95 6.78
C LEU A 17 -9.00 10.38 6.92
N TYR A 18 -8.90 10.84 8.16
CA TYR A 18 -8.43 12.20 8.42
C TYR A 18 -6.90 12.24 8.48
N GLN A 19 -6.31 11.31 9.23
CA GLN A 19 -4.86 11.23 9.36
C GLN A 19 -4.22 10.68 8.09
N ARG A 20 -3.07 11.25 7.72
CA ARG A 20 -2.36 10.82 6.52
C ARG A 20 -2.06 9.32 6.58
N TYR A 21 -2.46 8.60 5.53
CA TYR A 21 -2.23 7.17 5.46
C TYR A 21 -0.80 6.86 5.02
N ARG A 22 -0.14 5.99 5.78
CA ARG A 22 1.23 5.61 5.47
C ARG A 22 1.57 4.25 6.06
N HIS A 23 1.62 3.23 5.19
CA HIS A 23 1.93 1.87 5.64
C HIS A 23 2.56 1.07 4.50
N CYS A 24 3.82 0.69 4.69
CA CYS A 24 4.54 -0.08 3.68
C CYS A 24 3.72 -1.29 3.24
N ASP A 25 3.33 -1.29 1.98
CA ASP A 25 2.54 -2.40 1.43
C ASP A 25 3.15 -2.90 0.12
N ALA A 26 4.46 -2.69 -0.03
CA ALA A 26 5.16 -3.13 -1.24
C ALA A 26 5.42 -4.64 -1.22
N PRO A 27 5.85 -5.18 -2.36
CA PRO A 27 6.14 -6.60 -2.50
C PRO A 27 7.39 -7.01 -1.72
N ILE A 28 8.46 -6.26 -1.90
CA ILE A 28 9.72 -6.54 -1.21
C ILE A 28 10.25 -5.31 -0.51
N CYS A 29 10.71 -5.49 0.73
CA CYS A 29 11.25 -4.38 1.52
C CYS A 29 12.70 -4.66 1.92
N LEU A 30 13.60 -3.78 1.49
CA LEU A 30 15.01 -3.93 1.81
C LEU A 30 15.36 -3.25 3.13
N TYR A 31 14.65 -2.15 3.42
CA TYR A 31 14.89 -1.40 4.66
C TYR A 31 14.68 -2.30 5.87
N GLU A 32 15.78 -2.57 6.59
CA GLU A 32 15.72 -3.41 7.77
C GLU A 32 14.46 -3.14 8.57
N GLN A 33 14.34 -1.93 9.10
CA GLN A 33 13.17 -1.55 9.89
C GLN A 33 11.89 -2.05 9.25
N GLY A 34 11.85 -2.03 7.91
CA GLY A 34 10.67 -2.49 7.20
C GLY A 34 9.39 -1.90 7.76
N ARG A 35 9.50 -0.75 8.39
CA ARG A 35 8.34 -0.09 8.98
C ARG A 35 7.94 1.14 8.16
N ASP A 36 6.98 1.90 8.68
CA ASP A 36 6.52 3.10 8.00
C ASP A 36 7.53 4.24 8.13
N SER A 37 8.79 3.93 7.88
CA SER A 37 9.86 4.91 7.98
C SER A 37 10.17 5.51 6.61
N PHE A 38 10.36 6.83 6.57
CA PHE A 38 10.66 7.53 5.33
C PHE A 38 11.32 8.87 5.60
N GLU A 39 12.23 9.27 4.73
CA GLU A 39 12.94 10.54 4.87
C GLU A 39 12.40 11.59 3.90
N ASP A 40 12.63 12.86 4.20
CA ASP A 40 12.18 13.95 3.36
C ASP A 40 12.23 13.55 1.88
N GLU A 41 13.31 12.89 1.49
CA GLU A 41 13.48 12.45 0.11
C GLU A 41 14.48 11.30 0.02
N GLY A 42 14.68 10.79 -1.19
CA GLY A 42 15.60 9.69 -1.39
C GLY A 42 14.89 8.40 -1.74
N ARG A 43 15.63 7.29 -1.71
CA ARG A 43 15.07 5.99 -2.04
C ARG A 43 14.03 5.57 -0.99
N TRP A 44 14.33 5.88 0.27
CA TRP A 44 13.43 5.53 1.36
C TRP A 44 12.41 6.64 1.61
N ARG A 45 11.76 7.08 0.54
CA ARG A 45 10.76 8.15 0.64
C ARG A 45 9.35 7.58 0.50
N LEU A 46 8.44 8.07 1.33
CA LEU A 46 7.06 7.61 1.32
C LEU A 46 6.36 8.06 0.03
N ILE A 47 6.10 7.09 -0.86
CA ILE A 47 5.45 7.38 -2.12
C ILE A 47 3.98 6.98 -2.07
N LEU A 48 3.10 7.96 -2.24
CA LEU A 48 1.66 7.71 -2.23
C LEU A 48 1.12 7.51 -3.64
N CYS A 49 0.24 6.54 -3.80
CA CYS A 49 -0.36 6.24 -5.10
C CYS A 49 -0.87 7.52 -5.76
N ALA A 50 -1.02 7.49 -7.08
CA ALA A 50 -1.50 8.63 -7.83
C ALA A 50 -2.94 8.41 -8.32
N THR A 51 -3.20 7.21 -8.82
CA THR A 51 -4.53 6.87 -9.33
C THR A 51 -5.59 7.15 -8.28
N CYS A 52 -5.37 6.65 -7.07
CA CYS A 52 -6.32 6.85 -5.98
C CYS A 52 -5.68 7.60 -4.82
N GLY A 53 -4.46 7.21 -4.46
CA GLY A 53 -3.74 7.85 -3.38
C GLY A 53 -4.17 7.35 -2.02
N SER A 54 -4.12 6.03 -1.83
CA SER A 54 -4.52 5.42 -0.57
C SER A 54 -3.35 4.66 0.05
N HIS A 55 -2.68 3.86 -0.77
CA HIS A 55 -1.53 3.08 -0.29
C HIS A 55 -0.31 3.96 -0.11
N GLY A 56 0.70 3.43 0.59
CA GLY A 56 1.92 4.18 0.82
C GLY A 56 3.09 3.29 1.17
N THR A 57 4.15 3.37 0.38
CA THR A 57 5.34 2.56 0.60
C THR A 57 6.59 3.27 0.08
N HIS A 58 7.76 2.74 0.42
CA HIS A 58 9.03 3.31 -0.01
C HIS A 58 9.13 3.31 -1.53
N ARG A 59 10.25 3.81 -2.04
CA ARG A 59 10.47 3.86 -3.49
C ARG A 59 11.04 2.54 -3.99
N ASP A 60 12.27 2.25 -3.60
CA ASP A 60 12.93 1.01 -4.02
C ASP A 60 12.16 -0.22 -3.54
N CYS A 61 11.43 -0.05 -2.44
CA CYS A 61 10.64 -1.13 -1.87
C CYS A 61 9.58 -1.61 -2.86
N SER A 62 8.95 -0.67 -3.55
CA SER A 62 7.91 -0.99 -4.52
C SER A 62 8.53 -1.35 -5.87
N SER A 63 9.76 -1.84 -5.85
CA SER A 63 10.46 -2.22 -7.07
C SER A 63 10.25 -1.18 -8.16
N LEU A 64 10.56 0.07 -7.85
CA LEU A 64 10.41 1.16 -8.80
C LEU A 64 11.75 1.51 -9.45
N ARG A 65 11.72 2.49 -10.36
CA ARG A 65 12.92 2.92 -11.05
C ARG A 65 13.45 4.22 -10.46
N PRO A 66 14.72 4.55 -10.78
CA PRO A 66 15.36 5.77 -10.29
C PRO A 66 14.78 7.03 -10.91
N ASN A 67 14.69 8.09 -10.12
CA ASN A 67 14.15 9.36 -10.60
C ASN A 67 12.83 9.14 -11.34
N SER A 68 11.99 8.26 -10.80
CA SER A 68 10.71 7.96 -11.41
C SER A 68 9.78 9.17 -11.35
N LYS A 69 8.54 8.98 -11.78
CA LYS A 69 7.56 10.05 -11.77
C LYS A 69 6.46 9.79 -10.75
N LYS A 70 5.63 8.78 -11.01
CA LYS A 70 4.55 8.42 -10.12
C LYS A 70 4.41 6.90 -10.01
N TRP A 71 3.85 6.44 -8.90
CA TRP A 71 3.66 5.01 -8.68
C TRP A 71 2.21 4.69 -8.36
N GLU A 72 1.75 3.52 -8.77
CA GLU A 72 0.38 3.10 -8.53
C GLU A 72 0.33 1.91 -7.57
N CYS A 73 -0.69 1.88 -6.73
CA CYS A 73 -0.86 0.81 -5.75
C CYS A 73 -1.19 -0.51 -6.46
N ASN A 74 -1.31 -1.57 -5.67
CA ASN A 74 -1.63 -2.89 -6.21
C ASN A 74 -3.02 -2.90 -6.84
N GLU A 75 -4.04 -2.68 -6.01
CA GLU A 75 -5.42 -2.65 -6.49
C GLU A 75 -5.53 -1.89 -7.81
N CYS A 76 -4.70 -0.86 -7.96
CA CYS A 76 -4.71 -0.04 -9.16
C CYS A 76 -3.94 -0.73 -10.28
N LEU A 77 -2.71 -1.13 -10.00
CA LEU A 77 -1.88 -1.81 -11.00
C LEU A 77 -2.68 -2.87 -11.74
N PRO A 78 -2.21 -3.22 -12.94
CA PRO A 78 -2.86 -4.23 -13.79
C PRO A 78 -2.72 -5.64 -13.21
N ALA A 79 -2.16 -5.74 -12.01
CA ALA A 79 -1.96 -7.02 -11.35
C ALA A 79 -3.26 -7.50 -10.72
N SER A 80 -3.50 -8.81 -10.78
CA SER A 80 -4.71 -9.41 -10.21
C SER A 80 -4.82 -9.10 -8.73
N GLY A 81 -3.80 -9.49 -7.97
CA GLY A 81 -3.80 -9.25 -6.54
C GLY A 81 -3.59 -10.52 -5.73
N PRO A 82 -2.35 -10.72 -5.27
CA PRO A 82 -1.98 -11.91 -4.48
C PRO A 82 -2.60 -11.89 -3.09
N SER A 83 -2.73 -13.06 -2.49
CA SER A 83 -3.31 -13.17 -1.16
C SER A 83 -2.26 -13.58 -0.13
N SER A 84 -1.65 -12.59 0.51
CA SER A 84 -0.61 -12.85 1.50
C SER A 84 -0.39 -11.62 2.37
N GLY A 85 -0.04 -11.84 3.63
CA GLY A 85 0.20 -10.74 4.55
C GLY A 85 1.03 -11.15 5.75
#